data_8X5F
#
_entry.id   8X5F
#
_cell.length_a   1.00
_cell.length_b   1.00
_cell.length_c   1.00
_cell.angle_alpha   90.00
_cell.angle_beta   90.00
_cell.angle_gamma   90.00
#
_symmetry.space_group_name_H-M   'P 1'
#
loop_
_entity.id
_entity.type
_entity.pdbx_description
1 polymer 'Solute carrier family 53 member 1'
2 non-polymer 'PHOSPHATE ION'
3 non-polymer 'INOSITOL HEXAKISPHOSPHATE'
4 non-polymer '(2S)-3-(hexadecanoyloxy)-2-[(9Z)-octadec-9-enoyloxy]propyl 2-(trimethylammonio)ethyl phosphate'
5 non-polymer CHOLESTEROL
6 water water
#
_entity_poly.entity_id   1
_entity_poly.type   'polypeptide(L)'
_entity_poly.pdbx_seq_one_letter_code
;MKFAEHLSAHITPEWRKQYIQYEAFKDMLYSAQDQAPSVEVTDEDTVKRYFAKFEEKFFQTCEKELAKINTFYSEKLAEA
QRRFATLQNELQSSLDAQKESTGVTTLRQRRKPVFHLSHEERVQHRNIKDLKLAFSEFYLSLILLQNYQNLNFTGFRKIL
KKHDKILETSRGADWRVAHVEVAPFYTCKKINQLISETEAVVTNELEDGDRQKAMKRLRVPPLGAAQPAPAWTTFRVGLF
CGIFIVLNITLVLAAVFKLETDRSIWPLIRIYRGGFLLIEFLFLLGINTYGWRQAGVNHVLIFELNPRSNLSHQHLFEIA
GFLGILWCLSLLACFFAPISVIPTYVYPLALYGFMVFFLINPTKTFYYKSRFWLLKLLFRVFTAPFHKVGFADFWLADQL
NSLSVILMDLEYMICFYSLELKWDESKGLLPNNSEESGICHKYTYGVRAIVQCIPAWLRFIQCLRRYRDTKRAFPHLVNA
GKYSTTFFMVTFAALYSTHKERGHSDTMVFFYLWIVFYIISSCYTLIWDLKMDWGLFDKNAGENTFLREEIVYPQKAYYY
CAIIEDVILRFAWTIQISITSTTLLPHSGDIIATVFAPLEVFRRFVWNFFRLENEHLNNCGEFRAVRDISVAPLNADDQT
LLEQMMDQDDGVRNRQKNRSWKYNQSISLRRPRLASQSKARDTKVLIEDTDDEANT
;
_entity_poly.pdbx_strand_id   A,B
#
loop_
_chem_comp.id
_chem_comp.type
_chem_comp.name
_chem_comp.formula
CLR non-polymer CHOLESTEROL 'C27 H46 O'
IHP non-polymer 'INOSITOL HEXAKISPHOSPHATE' 'C6 H18 O24 P6'
PO4 non-polymer 'PHOSPHATE ION' 'O4 P -3'
POV non-polymer '(2S)-3-(hexadecanoyloxy)-2-[(9Z)-octadec-9-enoyloxy]propyl 2-(trimethylammonio)ethyl phosphate' 'C42 H82 N O8 P'
#
# COMPACT_ATOMS: atom_id res chain seq x y z
N MET A 1 3.96 -14.13 -16.80
CA MET A 1 4.70 -13.91 -15.55
C MET A 1 4.02 -14.61 -14.39
N LYS A 2 3.91 -15.95 -14.45
CA LYS A 2 3.23 -16.71 -13.43
C LYS A 2 4.24 -17.34 -12.50
N PHE A 3 5.14 -18.21 -13.00
CA PHE A 3 5.85 -19.10 -12.07
C PHE A 3 7.31 -18.71 -11.91
N ALA A 4 7.90 -18.06 -12.89
CA ALA A 4 9.29 -17.64 -12.73
C ALA A 4 9.43 -16.67 -11.56
N GLU A 5 8.56 -15.66 -11.51
CA GLU A 5 8.59 -14.70 -10.40
C GLU A 5 8.23 -15.39 -9.09
N HIS A 6 7.23 -16.28 -9.11
CA HIS A 6 6.83 -16.98 -7.90
C HIS A 6 7.97 -17.80 -7.32
N LEU A 7 8.65 -18.57 -8.17
CA LEU A 7 9.78 -19.37 -7.72
C LEU A 7 10.92 -18.49 -7.23
N SER A 8 11.20 -17.39 -7.92
CA SER A 8 12.26 -16.49 -7.48
C SER A 8 11.94 -15.88 -6.12
N ALA A 9 10.67 -15.57 -5.86
CA ALA A 9 10.30 -14.90 -4.62
C ALA A 9 10.17 -15.86 -3.44
N HIS A 10 9.82 -17.12 -3.68
CA HIS A 10 9.53 -18.04 -2.59
C HIS A 10 10.68 -18.98 -2.24
N ILE A 11 11.87 -18.76 -2.79
CA ILE A 11 13.01 -19.63 -2.48
C ILE A 11 13.66 -19.20 -1.18
N THR A 12 14.03 -20.17 -0.36
CA THR A 12 14.89 -19.92 0.79
C THR A 12 16.31 -19.61 0.30
N PRO A 13 16.85 -18.44 0.58
CA PRO A 13 18.10 -18.02 -0.08
C PRO A 13 19.28 -18.96 0.15
N GLU A 14 19.42 -19.48 1.38
CA GLU A 14 20.60 -20.30 1.69
C GLU A 14 20.68 -21.55 0.84
N TRP A 15 19.55 -22.00 0.29
CA TRP A 15 19.51 -23.17 -0.57
C TRP A 15 19.24 -22.82 -2.04
N ARG A 16 19.60 -21.60 -2.46
CA ARG A 16 19.19 -21.12 -3.77
C ARG A 16 19.72 -22.01 -4.90
N LYS A 17 20.87 -22.64 -4.70
CA LYS A 17 21.45 -23.45 -5.77
C LYS A 17 20.85 -24.85 -5.82
N GLN A 18 20.13 -25.26 -4.77
CA GLN A 18 19.59 -26.62 -4.74
C GLN A 18 18.21 -26.72 -5.36
N TYR A 19 17.60 -25.61 -5.75
CA TYR A 19 16.29 -25.66 -6.38
C TYR A 19 16.42 -26.00 -7.86
N ILE A 20 15.27 -26.24 -8.49
CA ILE A 20 15.26 -26.51 -9.93
C ILE A 20 15.58 -25.24 -10.69
N GLN A 21 16.29 -25.39 -11.81
CA GLN A 21 16.68 -24.25 -12.65
C GLN A 21 15.64 -24.05 -13.73
N TYR A 22 14.57 -23.32 -13.37
CA TYR A 22 13.47 -23.07 -14.28
C TYR A 22 13.92 -22.21 -15.46
N GLU A 23 14.69 -21.16 -15.18
CA GLU A 23 15.10 -20.23 -16.23
C GLU A 23 15.98 -20.90 -17.28
N ALA A 24 16.86 -21.81 -16.88
CA ALA A 24 17.69 -22.52 -17.85
C ALA A 24 16.88 -23.33 -18.85
N PHE A 25 15.94 -24.13 -18.36
CA PHE A 25 15.16 -24.99 -19.23
C PHE A 25 14.37 -24.16 -20.21
N LYS A 26 13.78 -23.07 -19.72
CA LYS A 26 12.96 -22.24 -20.58
C LYS A 26 13.80 -21.71 -21.69
N ASP A 27 14.99 -21.22 -21.36
CA ASP A 27 15.85 -20.63 -22.37
C ASP A 27 16.25 -21.67 -23.40
N MET A 28 16.58 -22.87 -22.94
CA MET A 28 17.00 -23.91 -23.87
C MET A 28 15.86 -24.21 -24.85
N LEU A 29 14.66 -24.35 -24.31
CA LEU A 29 13.52 -24.68 -25.17
C LEU A 29 13.31 -23.58 -26.18
N TYR A 30 13.37 -22.34 -25.72
CA TYR A 30 13.08 -21.23 -26.61
C TYR A 30 14.11 -21.18 -27.72
N SER A 31 15.37 -21.38 -27.39
CA SER A 31 16.41 -21.28 -28.38
C SER A 31 16.18 -22.33 -29.43
N ALA A 32 15.88 -23.55 -28.97
CA ALA A 32 15.70 -24.62 -29.94
C ALA A 32 14.53 -24.29 -30.85
N GLN A 33 13.41 -23.86 -30.29
CA GLN A 33 12.23 -23.61 -31.12
C GLN A 33 12.55 -22.54 -32.14
N ASP A 34 13.25 -21.51 -31.69
CA ASP A 34 13.60 -20.41 -32.56
C ASP A 34 14.48 -20.79 -33.73
N GLN A 35 15.50 -21.57 -33.46
CA GLN A 35 16.41 -21.96 -34.50
C GLN A 35 15.96 -23.31 -35.06
N ALA A 36 14.82 -23.37 -35.73
CA ALA A 36 14.40 -24.64 -36.32
C ALA A 36 15.31 -24.99 -37.49
N PRO A 37 16.18 -26.02 -37.34
CA PRO A 37 17.08 -26.35 -38.45
C PRO A 37 16.36 -27.09 -39.57
N SER A 38 15.38 -26.40 -40.17
CA SER A 38 14.66 -26.97 -41.29
C SER A 38 15.57 -27.02 -42.52
N VAL A 39 15.12 -27.77 -43.53
CA VAL A 39 15.89 -27.92 -44.76
C VAL A 39 15.09 -27.58 -46.00
N GLU A 40 15.74 -27.62 -47.16
CA GLU A 40 15.08 -27.31 -48.42
C GLU A 40 13.99 -28.34 -48.67
N VAL A 41 12.83 -27.88 -49.13
CA VAL A 41 11.68 -28.74 -49.39
C VAL A 41 11.38 -29.54 -48.14
N THR A 42 11.22 -30.85 -48.27
CA THR A 42 10.95 -31.69 -47.11
C THR A 42 12.06 -32.71 -46.90
N ASP A 43 12.68 -32.67 -45.72
CA ASP A 43 13.73 -33.62 -45.37
C ASP A 43 13.38 -34.30 -44.06
N GLU A 44 13.30 -35.63 -44.08
CA GLU A 44 12.97 -36.37 -42.87
C GLU A 44 14.04 -36.21 -41.78
N ASP A 45 15.29 -36.27 -42.19
CA ASP A 45 16.40 -36.13 -41.25
C ASP A 45 16.47 -34.76 -40.60
N THR A 46 16.21 -33.72 -41.39
CA THR A 46 16.27 -32.34 -40.90
C THR A 46 15.25 -32.01 -39.81
N VAL A 47 14.03 -32.52 -39.95
CA VAL A 47 12.97 -32.23 -38.99
C VAL A 47 12.75 -33.31 -37.93
N LYS A 48 13.32 -34.50 -38.11
CA LYS A 48 13.10 -35.55 -37.12
C LYS A 48 14.39 -36.01 -36.47
N ARG A 49 15.55 -35.79 -37.12
CA ARG A 49 16.84 -36.04 -36.50
C ARG A 49 17.24 -34.95 -35.52
N TYR A 50 16.82 -33.70 -35.74
CA TYR A 50 16.97 -32.69 -34.72
C TYR A 50 16.06 -32.94 -33.53
N PHE A 51 14.83 -33.37 -33.78
CA PHE A 51 13.93 -33.76 -32.70
C PHE A 51 14.12 -35.24 -32.36
N ALA A 52 15.38 -35.65 -32.28
CA ALA A 52 15.74 -36.92 -31.64
C ALA A 52 17.04 -36.79 -30.86
N LYS A 53 17.59 -35.58 -30.79
CA LYS A 53 18.83 -35.29 -30.05
C LYS A 53 18.65 -34.22 -29.00
N PHE A 54 17.75 -33.25 -29.19
CA PHE A 54 17.47 -32.26 -28.16
C PHE A 54 16.75 -32.88 -26.96
N GLU A 55 15.79 -33.77 -27.22
CA GLU A 55 15.01 -34.35 -26.13
C GLU A 55 15.87 -35.19 -25.22
N GLU A 56 16.84 -35.92 -25.78
CA GLU A 56 17.71 -36.75 -24.96
C GLU A 56 18.55 -35.90 -24.01
N LYS A 57 19.08 -34.78 -24.50
CA LYS A 57 19.82 -33.86 -23.64
C LYS A 57 18.90 -33.25 -22.58
N PHE A 58 17.68 -32.89 -22.97
CA PHE A 58 16.70 -32.36 -22.02
C PHE A 58 16.45 -33.34 -20.89
N PHE A 59 16.23 -34.61 -21.23
CA PHE A 59 15.89 -35.60 -20.20
C PHE A 59 17.11 -35.97 -19.37
N GLN A 60 18.31 -35.91 -19.96
CA GLN A 60 19.52 -36.10 -19.17
C GLN A 60 19.65 -35.00 -18.10
N THR A 61 19.40 -33.74 -18.50
CA THR A 61 19.43 -32.65 -17.53
C THR A 61 18.37 -32.84 -16.46
N CYS A 62 17.17 -33.29 -16.86
CA CYS A 62 16.11 -33.54 -15.89
C CYS A 62 16.52 -34.60 -14.87
N GLU A 63 17.14 -35.69 -15.34
CA GLU A 63 17.59 -36.73 -14.43
C GLU A 63 18.64 -36.20 -13.46
N LYS A 64 19.57 -35.40 -13.96
CA LYS A 64 20.60 -34.82 -13.09
C LYS A 64 19.97 -33.96 -12.00
N GLU A 65 19.01 -33.10 -12.37
CA GLU A 65 18.35 -32.25 -11.40
C GLU A 65 17.59 -33.08 -10.36
N LEU A 66 16.89 -34.13 -10.81
CA LEU A 66 16.15 -34.96 -9.88
C LEU A 66 17.07 -35.65 -8.89
N ALA A 67 18.23 -36.14 -9.35
CA ALA A 67 19.18 -36.76 -8.43
C ALA A 67 19.69 -35.76 -7.40
N LYS A 68 20.00 -34.54 -7.84
CA LYS A 68 20.48 -33.53 -6.89
C LYS A 68 19.43 -33.24 -5.83
N ILE A 69 18.17 -33.08 -6.24
CA ILE A 69 17.09 -32.79 -5.29
C ILE A 69 16.95 -33.94 -4.29
N ASN A 70 17.01 -35.18 -4.78
CA ASN A 70 16.86 -36.33 -3.89
C ASN A 70 17.95 -36.36 -2.84
N THR A 71 19.21 -36.16 -3.27
CA THR A 71 20.31 -36.19 -2.30
C THR A 71 20.16 -35.10 -1.24
N PHE A 72 19.84 -33.87 -1.67
CA PHE A 72 19.71 -32.78 -0.70
C PHE A 72 18.59 -33.06 0.30
N TYR A 73 17.45 -33.55 -0.19
CA TYR A 73 16.33 -33.82 0.71
C TYR A 73 16.71 -34.90 1.72
N SER A 74 17.39 -35.95 1.27
CA SER A 74 17.77 -37.02 2.20
C SER A 74 18.70 -36.52 3.27
N GLU A 75 19.68 -35.69 2.89
CA GLU A 75 20.62 -35.16 3.89
C GLU A 75 19.91 -34.31 4.93
N LYS A 76 19.02 -33.41 4.48
CA LYS A 76 18.32 -32.55 5.43
C LYS A 76 17.38 -33.37 6.33
N LEU A 77 16.76 -34.41 5.78
CA LEU A 77 15.90 -35.26 6.60
C LEU A 77 16.70 -35.96 7.69
N ALA A 78 17.89 -36.47 7.35
CA ALA A 78 18.73 -37.11 8.37
C ALA A 78 19.13 -36.12 9.45
N GLU A 79 19.49 -34.90 9.06
CA GLU A 79 19.85 -33.89 10.06
C GLU A 79 18.69 -33.60 11.00
N ALA A 80 17.46 -33.48 10.46
CA ALA A 80 16.30 -33.25 11.30
C ALA A 80 16.05 -34.43 12.24
N GLN A 81 16.23 -35.65 11.74
CA GLN A 81 16.10 -36.84 12.59
C GLN A 81 17.02 -36.75 13.79
N ARG A 82 18.29 -36.40 13.57
CA ARG A 82 19.23 -36.32 14.68
C ARG A 82 18.87 -35.18 15.64
N ARG A 83 18.47 -34.03 15.10
CA ARG A 83 18.17 -32.88 15.96
C ARG A 83 16.98 -33.17 16.86
N PHE A 84 15.96 -33.87 16.35
CA PHE A 84 14.81 -34.20 17.18
C PHE A 84 15.21 -35.07 18.36
N ALA A 85 16.07 -36.07 18.13
CA ALA A 85 16.53 -36.92 19.22
C ALA A 85 17.33 -36.12 20.24
N THR A 86 18.18 -35.20 19.78
CA THR A 86 18.93 -34.37 20.72
C THR A 86 17.99 -33.54 21.59
N LEU A 87 16.99 -32.89 20.98
CA LEU A 87 16.06 -32.08 21.76
C LEU A 87 15.24 -32.93 22.71
N GLN A 88 14.85 -34.13 22.28
CA GLN A 88 14.08 -35.01 23.17
C GLN A 88 14.91 -35.43 24.37
N ASN A 89 16.18 -35.76 24.16
CA ASN A 89 17.05 -36.12 25.27
C ASN A 89 17.23 -34.95 26.23
N GLU A 90 17.42 -33.73 25.69
CA GLU A 90 17.56 -32.56 26.55
C GLU A 90 16.29 -32.30 27.35
N LEU A 91 15.12 -32.46 26.73
CA LEU A 91 13.86 -32.26 27.43
C LEU A 91 13.67 -33.30 28.53
N GLN A 92 14.07 -34.54 28.38
CA GLN A 92 13.86 -35.47 29.52
C GLN A 92 14.55 -35.02 30.82
N SER A 93 15.79 -34.57 30.69
CA SER A 93 16.57 -34.22 31.88
C SER A 93 16.03 -33.12 32.81
N SER A 94 15.48 -32.04 32.27
CA SER A 94 14.93 -31.01 33.14
C SER A 94 13.79 -31.55 33.99
N LEU A 95 12.92 -32.33 33.37
CA LEU A 95 11.80 -32.88 34.10
C LEU A 95 12.35 -33.79 35.17
N ASP A 96 13.35 -34.60 34.78
CA ASP A 96 13.87 -35.55 35.74
C ASP A 96 14.43 -34.83 36.94
N ALA A 97 15.14 -33.73 36.71
CA ALA A 97 15.70 -32.94 37.80
C ALA A 97 14.66 -32.28 38.71
N GLN A 98 13.60 -31.70 38.15
CA GLN A 98 12.66 -30.96 39.02
C GLN A 98 11.84 -31.86 39.93
N LYS A 99 11.00 -32.72 39.39
CA LYS A 99 10.13 -33.65 40.09
C LYS A 99 10.85 -34.28 41.28
N GLU A 100 12.10 -34.73 41.09
CA GLU A 100 12.86 -35.27 42.20
C GLU A 100 13.14 -34.22 43.26
N SER A 101 13.49 -32.99 42.83
CA SER A 101 13.76 -31.93 43.79
C SER A 101 12.53 -31.57 44.60
N THR A 102 11.37 -31.44 43.94
CA THR A 102 10.14 -31.14 44.64
C THR A 102 9.66 -32.34 45.45
N GLY A 103 9.76 -33.53 44.87
CA GLY A 103 9.35 -34.75 45.54
C GLY A 103 9.96 -36.00 44.94
N SER A 118 13.71 -17.57 43.68
CA SER A 118 15.03 -17.85 44.26
C SER A 118 16.09 -17.97 43.17
N HIS A 119 17.05 -18.86 43.39
CA HIS A 119 18.14 -19.08 42.43
C HIS A 119 17.76 -20.16 41.42
N GLU A 120 17.72 -21.41 41.88
CA GLU A 120 17.36 -22.55 41.04
C GLU A 120 16.05 -22.29 40.30
N GLU A 121 15.15 -21.52 40.89
CA GLU A 121 13.88 -21.24 40.21
C GLU A 121 14.10 -20.39 38.96
N ARG A 122 14.95 -19.36 39.05
CA ARG A 122 15.17 -18.50 37.89
C ARG A 122 15.89 -19.25 36.77
N VAL A 123 16.85 -20.11 37.11
CA VAL A 123 17.53 -20.87 36.07
C VAL A 123 16.58 -21.92 35.48
N GLN A 124 15.66 -22.45 36.29
CA GLN A 124 14.67 -23.38 35.76
C GLN A 124 13.73 -22.67 34.79
N HIS A 125 13.32 -21.45 35.13
CA HIS A 125 12.51 -20.65 34.22
C HIS A 125 13.25 -20.35 32.93
N ARG A 126 14.54 -20.02 33.04
CA ARG A 126 15.36 -19.78 31.85
C ARG A 126 15.44 -21.03 30.98
N ASN A 127 15.60 -22.21 31.61
CA ASN A 127 15.62 -23.45 30.84
C ASN A 127 14.30 -23.70 30.13
N ILE A 128 13.19 -23.41 30.79
CA ILE A 128 11.88 -23.56 30.13
C ILE A 128 11.80 -22.66 28.91
N LYS A 129 12.23 -21.40 29.06
CA LYS A 129 12.20 -20.47 27.92
C LYS A 129 13.09 -20.94 26.78
N ASP A 130 14.30 -21.43 27.12
CA ASP A 130 15.22 -21.89 26.09
C ASP A 130 14.67 -23.09 25.34
N LEU A 131 14.05 -24.04 26.06
CA LEU A 131 13.43 -25.17 25.39
C LEU A 131 12.30 -24.72 24.48
N LYS A 132 11.47 -23.79 24.94
CA LYS A 132 10.38 -23.31 24.10
C LYS A 132 10.87 -22.59 22.85
N LEU A 133 12.02 -21.94 22.90
CA LEU A 133 12.62 -21.34 21.70
C LEU A 133 13.25 -22.37 20.77
N ALA A 134 13.93 -23.38 21.32
CA ALA A 134 14.53 -24.41 20.49
C ALA A 134 13.48 -25.20 19.72
N PHE A 135 12.35 -25.52 20.36
CA PHE A 135 11.30 -26.25 19.67
C PHE A 135 10.70 -25.42 18.53
N SER A 136 10.55 -24.11 18.74
CA SER A 136 10.05 -23.25 17.68
C SER A 136 10.99 -23.22 16.48
N GLU A 137 12.30 -23.15 16.73
CA GLU A 137 13.24 -23.17 15.62
C GLU A 137 13.20 -24.49 14.87
N PHE A 138 13.08 -25.61 15.60
CA PHE A 138 12.97 -26.91 14.96
C PHE A 138 11.73 -26.98 14.06
N TYR A 139 10.60 -26.48 14.56
CA TYR A 139 9.38 -26.46 13.77
C TYR A 139 9.56 -25.62 12.51
N LEU A 140 10.24 -24.48 12.62
CA LEU A 140 10.47 -23.63 11.46
C LEU A 140 11.31 -24.35 10.41
N SER A 141 12.32 -25.09 10.83
CA SER A 141 13.15 -25.84 9.88
C SER A 141 12.32 -26.90 9.16
N LEU A 142 11.46 -27.61 9.90
CA LEU A 142 10.61 -28.61 9.25
C LEU A 142 9.69 -27.97 8.21
N ILE A 143 9.11 -26.82 8.55
CA ILE A 143 8.22 -26.13 7.62
C ILE A 143 8.97 -25.73 6.35
N LEU A 144 10.21 -25.23 6.52
CA LEU A 144 10.99 -24.83 5.34
C LEU A 144 11.26 -26.02 4.44
N LEU A 145 11.57 -27.18 5.02
CA LEU A 145 11.81 -28.37 4.19
C LEU A 145 10.55 -28.78 3.43
N GLN A 146 9.39 -28.71 4.10
CA GLN A 146 8.13 -29.04 3.42
C GLN A 146 7.87 -28.12 2.24
N ASN A 147 8.09 -26.81 2.44
CA ASN A 147 7.90 -25.86 1.34
C ASN A 147 8.86 -26.13 0.20
N TYR A 148 10.09 -26.54 0.52
CA TYR A 148 11.05 -26.93 -0.50
C TYR A 148 10.50 -28.05 -1.38
N GLN A 149 9.98 -29.11 -0.75
CA GLN A 149 9.40 -30.21 -1.51
C GLN A 149 8.29 -29.72 -2.43
N ASN A 150 7.35 -28.95 -1.88
CA ASN A 150 6.20 -28.51 -2.67
C ASN A 150 6.64 -27.68 -3.88
N LEU A 151 7.52 -26.70 -3.68
CA LEU A 151 7.95 -25.85 -4.77
C LEU A 151 8.66 -26.65 -5.85
N ASN A 152 9.50 -27.60 -5.46
CA ASN A 152 10.23 -28.37 -6.46
C ASN A 152 9.28 -29.21 -7.31
N PHE A 153 8.29 -29.85 -6.69
CA PHE A 153 7.33 -30.63 -7.47
C PHE A 153 6.55 -29.74 -8.43
N THR A 154 6.10 -28.57 -7.95
CA THR A 154 5.35 -27.67 -8.83
C THR A 154 6.20 -27.24 -10.02
N GLY A 155 7.48 -26.95 -9.77
CA GLY A 155 8.36 -26.55 -10.87
C GLY A 155 8.52 -27.63 -11.91
N PHE A 156 8.77 -28.88 -11.47
CA PHE A 156 8.85 -29.97 -12.43
C PHE A 156 7.58 -30.09 -13.26
N ARG A 157 6.42 -30.08 -12.60
CA ARG A 157 5.17 -30.27 -13.34
C ARG A 157 4.97 -29.18 -14.38
N LYS A 158 5.20 -27.92 -14.00
CA LYS A 158 4.93 -26.83 -14.92
C LYS A 158 5.93 -26.81 -16.08
N ILE A 159 7.20 -27.10 -15.81
CA ILE A 159 8.18 -27.08 -16.90
C ILE A 159 7.92 -28.23 -17.87
N LEU A 160 7.50 -29.40 -17.36
CA LEU A 160 7.22 -30.50 -18.27
C LEU A 160 5.98 -30.22 -19.10
N LYS A 161 4.97 -29.57 -18.52
CA LYS A 161 3.81 -29.17 -19.30
C LYS A 161 4.19 -28.19 -20.39
N LYS A 162 5.06 -27.22 -20.09
CA LYS A 162 5.53 -26.27 -21.11
C LYS A 162 6.28 -27.02 -22.21
N HIS A 163 7.13 -27.97 -21.84
CA HIS A 163 7.79 -28.80 -22.85
C HIS A 163 6.79 -29.47 -23.77
N ASP A 164 5.78 -30.14 -23.21
CA ASP A 164 4.81 -30.84 -24.05
C ASP A 164 4.03 -29.86 -24.92
N LYS A 165 3.85 -28.63 -24.45
CA LYS A 165 3.20 -27.62 -25.26
C LYS A 165 4.07 -27.18 -26.44
N ILE A 166 5.35 -26.90 -26.18
CA ILE A 166 6.20 -26.29 -27.20
C ILE A 166 6.49 -27.26 -28.34
N LEU A 167 6.91 -28.48 -28.01
CA LEU A 167 7.28 -29.43 -29.06
C LEU A 167 6.12 -30.30 -29.52
N GLU A 168 4.92 -30.12 -28.97
CA GLU A 168 3.72 -30.82 -29.42
C GLU A 168 3.90 -32.34 -29.36
N THR A 169 4.43 -32.82 -28.23
CA THR A 169 4.58 -34.24 -27.97
C THR A 169 4.20 -34.56 -26.54
N SER A 170 3.87 -35.82 -26.29
CA SER A 170 3.40 -36.27 -24.98
C SER A 170 4.47 -36.99 -24.17
N ARG A 171 5.75 -36.80 -24.49
CA ARG A 171 6.82 -37.47 -23.75
C ARG A 171 6.90 -36.95 -22.32
N GLY A 172 6.72 -35.65 -22.12
CA GLY A 172 6.87 -35.07 -20.79
C GLY A 172 5.82 -35.56 -19.81
N ALA A 173 4.59 -35.74 -20.28
CA ALA A 173 3.52 -36.21 -19.40
C ALA A 173 3.82 -37.60 -18.86
N ASP A 174 4.35 -38.48 -19.70
CA ASP A 174 4.71 -39.82 -19.24
C ASP A 174 5.98 -39.80 -18.41
N TRP A 175 6.93 -38.92 -18.75
CA TRP A 175 8.16 -38.82 -17.97
C TRP A 175 7.88 -38.36 -16.55
N ARG A 176 6.92 -37.44 -16.38
CA ARG A 176 6.58 -36.98 -15.04
C ARG A 176 6.05 -38.13 -14.19
N VAL A 177 5.20 -38.98 -14.76
CA VAL A 177 4.64 -40.09 -14.00
C VAL A 177 5.70 -41.15 -13.73
N ALA A 178 6.56 -41.42 -14.71
CA ALA A 178 7.51 -42.53 -14.60
C ALA A 178 8.55 -42.28 -13.51
N HIS A 179 9.08 -41.06 -13.43
CA HIS A 179 10.21 -40.76 -12.56
C HIS A 179 9.87 -39.86 -11.39
N VAL A 180 9.23 -38.72 -11.64
CA VAL A 180 9.05 -37.71 -10.60
C VAL A 180 8.11 -38.21 -9.50
N GLU A 181 6.99 -38.82 -9.90
CA GLU A 181 6.02 -39.26 -8.89
C GLU A 181 6.52 -40.48 -8.13
N VAL A 182 7.54 -41.15 -8.66
CA VAL A 182 8.14 -42.28 -7.95
C VAL A 182 9.28 -41.81 -7.06
N ALA A 183 9.80 -40.61 -7.30
CA ALA A 183 11.01 -40.14 -6.63
C ALA A 183 10.80 -40.06 -5.11
N PRO A 184 11.83 -40.42 -4.34
CA PRO A 184 11.66 -40.46 -2.88
C PRO A 184 11.29 -39.14 -2.24
N PHE A 185 11.79 -38.02 -2.77
CA PHE A 185 11.48 -36.72 -2.16
C PHE A 185 10.00 -36.42 -2.25
N TYR A 186 9.31 -36.99 -3.24
CA TYR A 186 7.87 -36.81 -3.34
C TYR A 186 7.11 -37.79 -2.46
N THR A 187 7.65 -38.99 -2.28
CA THR A 187 6.91 -40.06 -1.62
C THR A 187 7.09 -40.01 -0.11
N CYS A 188 8.30 -39.74 0.37
CA CYS A 188 8.63 -39.85 1.79
C CYS A 188 7.72 -38.98 2.66
N LYS A 189 7.18 -39.56 3.72
CA LYS A 189 6.17 -38.93 4.55
C LYS A 189 6.62 -38.75 6.00
N LYS A 190 7.92 -38.80 6.27
CA LYS A 190 8.39 -38.68 7.65
C LYS A 190 8.28 -37.25 8.16
N ILE A 191 8.30 -36.27 7.25
CA ILE A 191 8.28 -34.87 7.66
C ILE A 191 6.96 -34.53 8.35
N ASN A 192 5.85 -35.05 7.82
CA ASN A 192 4.55 -34.76 8.42
C ASN A 192 4.42 -35.40 9.80
N GLN A 193 4.93 -36.62 9.96
CA GLN A 193 4.95 -37.26 11.26
C GLN A 193 5.78 -36.46 12.25
N LEU A 194 6.94 -35.96 11.81
CA LEU A 194 7.75 -35.13 12.68
C LEU A 194 7.01 -33.87 13.10
N ILE A 195 6.32 -33.24 12.15
CA ILE A 195 5.57 -32.02 12.44
C ILE A 195 4.49 -32.29 13.47
N SER A 196 3.77 -33.41 13.33
CA SER A 196 2.72 -33.75 14.29
C SER A 196 3.31 -34.04 15.66
N GLU A 197 4.41 -34.80 15.72
CA GLU A 197 5.01 -35.15 17.00
C GLU A 197 5.50 -33.91 17.73
N THR A 198 6.13 -32.97 17.02
CA THR A 198 6.68 -31.80 17.68
C THR A 198 5.59 -30.99 18.36
N GLU A 199 4.47 -30.77 17.66
CA GLU A 199 3.41 -29.95 18.25
C GLU A 199 2.68 -30.71 19.35
N ALA A 200 2.58 -32.04 19.23
CA ALA A 200 2.00 -32.81 20.34
C ALA A 200 2.86 -32.69 21.60
N VAL A 201 4.18 -32.79 21.44
CA VAL A 201 5.08 -32.68 22.60
C VAL A 201 5.01 -31.30 23.20
N VAL A 202 5.01 -30.26 22.36
CA VAL A 202 4.93 -28.90 22.86
C VAL A 202 3.61 -28.67 23.60
N THR A 203 2.52 -29.20 23.05
CA THR A 203 1.20 -29.02 23.68
C THR A 203 1.14 -29.71 25.03
N ASN A 204 1.64 -30.95 25.12
CA ASN A 204 1.48 -31.71 26.36
C ASN A 204 2.50 -31.28 27.40
N GLU A 205 3.79 -31.35 27.08
CA GLU A 205 4.82 -31.23 28.11
C GLU A 205 4.97 -29.80 28.60
N LEU A 206 4.96 -28.82 27.70
CA LEU A 206 5.27 -27.45 28.08
C LEU A 206 4.05 -26.58 28.36
N GLU A 207 3.03 -26.62 27.51
CA GLU A 207 1.88 -25.74 27.64
C GLU A 207 0.76 -26.31 28.49
N ASP A 208 0.95 -27.51 29.05
CA ASP A 208 -0.03 -28.14 29.93
C ASP A 208 -1.37 -28.35 29.23
N GLY A 209 -1.32 -28.87 28.00
CA GLY A 209 -2.52 -29.31 27.32
C GLY A 209 -3.30 -28.27 26.55
N ASP A 210 -2.83 -27.02 26.52
CA ASP A 210 -3.53 -25.97 25.79
C ASP A 210 -2.96 -25.89 24.38
N ARG A 211 -3.72 -26.40 23.41
CA ARG A 211 -3.23 -26.44 22.04
C ARG A 211 -3.20 -25.06 21.40
N GLN A 212 -4.11 -24.17 21.80
CA GLN A 212 -4.19 -22.87 21.14
C GLN A 212 -2.93 -22.04 21.39
N LYS A 213 -2.45 -22.01 22.64
CA LYS A 213 -1.25 -21.25 22.94
C LYS A 213 -0.02 -21.82 22.22
N ALA A 214 0.09 -23.16 22.17
CA ALA A 214 1.22 -23.78 21.50
C ALA A 214 1.19 -23.48 20.00
N MET A 215 0.01 -23.56 19.38
CA MET A 215 -0.07 -23.35 17.95
C MET A 215 0.10 -21.88 17.60
N LYS A 216 -0.25 -20.98 18.51
CA LYS A 216 0.04 -19.56 18.30
C LYS A 216 1.55 -19.33 18.27
N ARG A 217 2.30 -20.07 19.08
CA ARG A 217 3.74 -19.92 19.12
C ARG A 217 4.41 -20.59 17.92
N LEU A 218 3.84 -21.71 17.45
CA LEU A 218 4.52 -22.53 16.47
C LEU A 218 4.18 -22.12 15.03
N ARG A 219 3.06 -21.44 14.83
CA ARG A 219 2.59 -21.16 13.48
C ARG A 219 3.51 -20.18 12.75
N VAL A 220 3.72 -20.43 11.47
CA VAL A 220 4.66 -19.69 10.64
C VAL A 220 3.88 -18.90 9.59
N PRO A 221 3.99 -17.58 9.55
CA PRO A 221 3.36 -16.81 8.49
C PRO A 221 4.24 -16.78 7.26
N PRO A 222 3.78 -16.14 6.16
CA PRO A 222 4.66 -15.97 4.99
C PRO A 222 5.93 -15.20 5.36
N LEU A 223 7.04 -15.60 4.75
CA LEU A 223 8.36 -15.13 5.12
C LEU A 223 9.07 -14.53 3.92
N GLY A 224 10.14 -13.79 4.19
CA GLY A 224 11.01 -13.26 3.15
C GLY A 224 10.42 -12.01 2.51
N ALA A 225 10.46 -11.95 1.19
CA ALA A 225 9.90 -10.84 0.41
C ALA A 225 8.54 -11.19 -0.19
N ALA A 226 7.78 -12.00 0.54
CA ALA A 226 6.49 -12.48 0.06
C ALA A 226 5.27 -11.89 0.75
N GLN A 227 5.46 -10.81 1.50
CA GLN A 227 4.35 -10.16 2.18
C GLN A 227 4.51 -8.66 2.12
N PRO A 228 3.50 -7.95 1.60
CA PRO A 228 3.57 -6.51 1.48
C PRO A 228 3.08 -5.83 2.76
N ALA A 229 3.60 -4.64 3.05
CA ALA A 229 3.18 -3.91 4.24
C ALA A 229 1.80 -3.34 4.00
N PRO A 230 1.06 -3.10 5.08
CA PRO A 230 -0.32 -2.60 5.05
C PRO A 230 -0.38 -1.21 4.42
N ALA A 231 -1.53 -0.94 3.81
CA ALA A 231 -1.76 0.34 3.13
C ALA A 231 -1.69 1.53 4.07
N TRP A 232 -2.09 1.37 5.33
CA TRP A 232 -2.05 2.47 6.28
C TRP A 232 -0.63 2.85 6.67
N THR A 233 0.34 2.00 6.38
CA THR A 233 1.74 2.36 6.62
C THR A 233 2.32 3.13 5.44
N THR A 234 2.01 2.68 4.22
CA THR A 234 2.46 3.40 3.03
C THR A 234 1.84 4.80 2.97
N PHE A 235 0.56 4.91 3.34
CA PHE A 235 -0.09 6.22 3.36
C PHE A 235 0.63 7.17 4.31
N ARG A 236 0.97 6.69 5.52
CA ARG A 236 1.66 7.54 6.48
C ARG A 236 3.06 7.89 6.02
N VAL A 237 3.78 6.95 5.39
CA VAL A 237 5.09 7.26 4.84
C VAL A 237 4.99 8.41 3.84
N GLY A 238 4.04 8.32 2.90
CA GLY A 238 3.89 9.37 1.91
C GLY A 238 3.47 10.69 2.52
N LEU A 239 2.56 10.64 3.50
CA LEU A 239 2.10 11.87 4.15
C LEU A 239 3.26 12.60 4.83
N PHE A 240 4.06 11.88 5.61
CA PHE A 240 5.19 12.49 6.28
C PHE A 240 6.21 13.02 5.30
N CYS A 241 6.46 12.28 4.20
CA CYS A 241 7.41 12.76 3.21
C CYS A 241 6.94 14.06 2.56
N GLY A 242 5.65 14.16 2.22
CA GLY A 242 5.16 15.40 1.63
C GLY A 242 5.24 16.59 2.57
N ILE A 243 4.84 16.40 3.83
CA ILE A 243 4.94 17.48 4.80
C ILE A 243 6.39 17.91 4.97
N PHE A 244 7.32 16.94 5.04
CA PHE A 244 8.73 17.26 5.17
C PHE A 244 9.24 18.09 4.00
N ILE A 245 8.83 17.72 2.78
CA ILE A 245 9.30 18.45 1.59
C ILE A 245 8.82 19.90 1.63
N VAL A 246 7.53 20.11 1.92
CA VAL A 246 7.00 21.47 1.91
C VAL A 246 7.65 22.31 3.03
N LEU A 247 7.87 21.70 4.19
CA LEU A 247 8.53 22.43 5.27
C LEU A 247 9.97 22.80 4.91
N ASN A 248 10.68 21.93 4.19
CA ASN A 248 12.02 22.28 3.75
C ASN A 248 12.01 23.47 2.79
N ILE A 249 11.07 23.48 1.84
CA ILE A 249 10.99 24.60 0.91
C ILE A 249 10.71 25.91 1.66
N THR A 250 9.74 25.88 2.58
CA THR A 250 9.44 27.06 3.38
C THR A 250 10.63 27.50 4.23
N LEU A 251 11.37 26.55 4.81
CA LEU A 251 12.54 26.88 5.60
C LEU A 251 13.60 27.60 4.77
N VAL A 252 13.86 27.11 3.57
CA VAL A 252 14.85 27.76 2.71
C VAL A 252 14.40 29.16 2.33
N LEU A 253 13.12 29.32 1.97
CA LEU A 253 12.63 30.66 1.61
C LEU A 253 12.75 31.63 2.78
N ALA A 254 12.34 31.20 3.98
CA ALA A 254 12.43 32.07 5.14
C ALA A 254 13.87 32.41 5.47
N ALA A 255 14.78 31.45 5.33
CA ALA A 255 16.19 31.72 5.60
C ALA A 255 16.77 32.73 4.61
N VAL A 256 16.36 32.65 3.35
CA VAL A 256 16.85 33.58 2.33
C VAL A 256 16.28 34.98 2.57
N PHE A 257 15.02 35.06 3.01
CA PHE A 257 14.32 36.33 3.01
C PHE A 257 14.10 36.97 4.37
N LYS A 258 14.60 36.39 5.47
CA LYS A 258 14.32 36.98 6.78
C LYS A 258 15.56 37.12 7.65
N LEU A 259 16.57 36.27 7.42
CA LEU A 259 17.76 36.30 8.27
C LEU A 259 18.54 37.60 8.08
N GLU A 260 19.03 38.13 9.19
CA GLU A 260 19.80 39.36 9.20
C GLU A 260 21.29 39.07 8.96
N THR A 261 22.01 40.12 8.55
CA THR A 261 23.45 39.98 8.34
C THR A 261 24.20 39.95 9.68
N ASP A 262 23.80 40.78 10.64
CA ASP A 262 24.52 40.88 11.90
C ASP A 262 24.35 39.64 12.78
N ARG A 263 23.23 38.94 12.65
CA ARG A 263 22.97 37.79 13.51
C ARG A 263 23.96 36.67 13.23
N SER A 264 24.42 36.02 14.31
CA SER A 264 25.36 34.91 14.21
C SER A 264 24.58 33.60 14.20
N ILE A 265 24.80 32.80 13.16
CA ILE A 265 24.07 31.55 12.97
C ILE A 265 24.86 30.33 13.35
N TRP A 266 26.15 30.48 13.68
CA TRP A 266 27.00 29.31 13.88
C TRP A 266 26.60 28.45 15.07
N PRO A 267 26.28 28.99 16.26
CA PRO A 267 25.74 28.11 17.30
C PRO A 267 24.49 27.37 16.88
N LEU A 268 23.62 28.01 16.10
CA LEU A 268 22.39 27.36 15.65
C LEU A 268 22.70 26.18 14.74
N ILE A 269 23.63 26.36 13.81
CA ILE A 269 24.03 25.27 12.93
C ILE A 269 24.66 24.14 13.73
N ARG A 270 25.54 24.48 14.67
CA ARG A 270 26.20 23.46 15.47
C ARG A 270 25.22 22.72 16.37
N ILE A 271 24.07 23.33 16.66
CA ILE A 271 23.07 22.65 17.49
C ILE A 271 22.21 21.72 16.65
N TYR A 272 21.82 22.15 15.44
CA TYR A 272 20.90 21.35 14.63
C TYR A 272 21.59 20.33 13.71
N ARG A 273 22.91 20.38 13.61
CA ARG A 273 23.64 19.43 12.79
C ARG A 273 23.41 17.99 13.24
N GLY A 274 23.43 17.74 14.55
CA GLY A 274 23.28 16.38 15.04
C GLY A 274 21.93 15.77 14.72
N GLY A 275 20.86 16.53 14.89
CA GLY A 275 19.55 16.03 14.51
C GLY A 275 19.44 15.75 13.03
N PHE A 276 20.02 16.63 12.20
CA PHE A 276 20.00 16.35 10.77
C PHE A 276 20.72 15.04 10.46
N LEU A 277 21.88 14.82 11.08
CA LEU A 277 22.63 13.60 10.81
C LEU A 277 21.87 12.36 11.25
N LEU A 278 21.21 12.42 12.41
CA LEU A 278 20.44 11.26 12.86
C LEU A 278 19.30 10.92 11.91
N ILE A 279 18.52 11.91 11.51
CA ILE A 279 17.39 11.66 10.63
C ILE A 279 17.86 11.12 9.29
N GLU A 280 18.98 11.63 8.79
CA GLU A 280 19.53 11.15 7.54
C GLU A 280 19.98 9.71 7.69
N PHE A 281 20.58 9.38 8.82
CA PHE A 281 21.07 8.03 9.10
C PHE A 281 19.94 7.03 9.05
N LEU A 282 18.84 7.35 9.73
CA LEU A 282 17.67 6.47 9.72
C LEU A 282 17.11 6.29 8.30
N PHE A 283 17.02 7.37 7.54
CA PHE A 283 16.52 7.28 6.17
C PHE A 283 17.39 6.36 5.32
N LEU A 284 18.71 6.44 5.46
CA LEU A 284 19.59 5.56 4.67
C LEU A 284 19.53 4.12 5.14
N LEU A 285 19.36 3.89 6.45
CA LEU A 285 19.23 2.53 6.95
C LEU A 285 17.98 1.85 6.42
N GLY A 286 16.90 2.61 6.20
CA GLY A 286 15.74 2.04 5.52
C GLY A 286 16.05 1.47 4.15
N ILE A 287 16.84 2.21 3.35
CA ILE A 287 17.22 1.73 2.03
C ILE A 287 18.13 0.51 2.13
N ASN A 288 19.02 0.51 3.12
CA ASN A 288 19.83 -0.69 3.35
C ASN A 288 18.96 -1.91 3.58
N THR A 289 17.94 -1.77 4.43
CA THR A 289 17.05 -2.90 4.70
C THR A 289 16.31 -3.34 3.45
N TYR A 290 15.85 -2.38 2.64
CA TYR A 290 15.16 -2.74 1.39
C TYR A 290 16.08 -3.53 0.46
N GLY A 291 17.32 -3.07 0.30
CA GLY A 291 18.25 -3.78 -0.57
C GLY A 291 18.59 -5.17 -0.06
N TRP A 292 18.78 -5.32 1.26
CA TRP A 292 19.04 -6.63 1.83
C TRP A 292 17.87 -7.57 1.57
N ARG A 293 16.64 -7.09 1.76
CA ARG A 293 15.48 -7.94 1.54
C ARG A 293 15.35 -8.35 0.08
N GLN A 294 15.58 -7.41 -0.85
CA GLN A 294 15.37 -7.72 -2.26
C GLN A 294 16.46 -8.64 -2.80
N ALA A 295 17.73 -8.37 -2.49
CA ALA A 295 18.81 -9.13 -3.09
C ALA A 295 18.93 -10.55 -2.57
N GLY A 296 18.25 -10.89 -1.48
CA GLY A 296 18.33 -12.22 -0.92
C GLY A 296 19.29 -12.39 0.22
N VAL A 297 19.83 -11.30 0.76
CA VAL A 297 20.72 -11.36 1.91
C VAL A 297 19.88 -11.49 3.17
N ASN A 298 20.12 -12.55 3.95
CA ASN A 298 19.30 -12.85 5.12
C ASN A 298 19.90 -12.16 6.34
N HIS A 299 19.49 -10.91 6.54
CA HIS A 299 19.92 -10.16 7.71
C HIS A 299 19.19 -10.58 8.98
N VAL A 300 18.04 -11.24 8.84
CA VAL A 300 17.30 -11.71 10.02
C VAL A 300 18.07 -12.81 10.73
N LEU A 301 18.69 -13.70 9.98
CA LEU A 301 19.48 -14.77 10.60
C LEU A 301 20.79 -14.23 11.18
N ILE A 302 21.39 -13.25 10.51
CA ILE A 302 22.67 -12.70 10.96
C ILE A 302 22.49 -11.89 12.24
N PHE A 303 21.47 -11.02 12.27
CA PHE A 303 21.23 -10.22 13.45
C PHE A 303 20.51 -10.99 14.55
N GLU A 304 20.06 -12.21 14.27
CA GLU A 304 19.34 -13.05 15.22
C GLU A 304 18.06 -12.39 15.71
N LEU A 305 17.26 -11.90 14.75
CA LEU A 305 15.95 -11.35 15.07
C LEU A 305 14.89 -12.44 15.00
N ASN A 306 13.68 -12.10 15.40
CA ASN A 306 12.58 -13.05 15.38
C ASN A 306 12.17 -13.32 13.93
N PRO A 307 12.20 -14.56 13.46
CA PRO A 307 11.86 -14.82 12.05
C PRO A 307 10.39 -14.61 11.72
N ARG A 308 9.52 -14.42 12.70
CA ARG A 308 8.09 -14.23 12.44
C ARG A 308 7.58 -12.83 12.76
N SER A 309 8.41 -11.96 13.32
CA SER A 309 8.00 -10.59 13.65
C SER A 309 9.23 -9.70 13.62
N ASN A 310 9.32 -8.83 12.62
CA ASN A 310 10.44 -7.91 12.51
C ASN A 310 10.07 -6.75 11.60
N LEU A 311 10.77 -5.64 11.78
CA LEU A 311 10.44 -4.41 11.05
C LEU A 311 10.83 -4.51 9.59
N SER A 312 10.04 -3.87 8.73
CA SER A 312 10.38 -3.71 7.33
C SER A 312 10.97 -2.32 7.11
N HIS A 313 11.19 -1.97 5.84
CA HIS A 313 11.73 -0.65 5.52
C HIS A 313 10.69 0.45 5.66
N GLN A 314 9.40 0.12 5.53
CA GLN A 314 8.36 1.13 5.64
C GLN A 314 8.33 1.74 7.03
N HIS A 315 8.54 0.94 8.07
CA HIS A 315 8.52 1.45 9.43
C HIS A 315 9.68 2.40 9.70
N LEU A 316 10.86 2.07 9.17
CA LEU A 316 12.01 2.96 9.31
C LEU A 316 11.78 4.27 8.56
N PHE A 317 11.19 4.20 7.36
CA PHE A 317 10.84 5.42 6.63
C PHE A 317 9.85 6.26 7.42
N GLU A 318 8.90 5.59 8.05
CA GLU A 318 7.86 6.19 8.87
C GLU A 318 8.44 6.96 10.06
N ILE A 319 9.39 6.36 10.76
CA ILE A 319 10.05 6.99 11.91
C ILE A 319 10.91 8.16 11.44
N ALA A 320 11.68 7.98 10.37
CA ALA A 320 12.53 9.05 9.89
C ALA A 320 11.73 10.27 9.48
N GLY A 321 10.62 10.08 8.76
CA GLY A 321 9.79 11.20 8.37
C GLY A 321 9.17 11.91 9.56
N PHE A 322 8.68 11.14 10.53
CA PHE A 322 8.07 11.76 11.70
C PHE A 322 9.07 12.61 12.48
N LEU A 323 10.30 12.12 12.63
CA LEU A 323 11.30 12.93 13.33
C LEU A 323 11.73 14.14 12.50
N GLY A 324 11.79 13.99 11.18
CA GLY A 324 12.14 15.13 10.34
C GLY A 324 11.13 16.26 10.43
N ILE A 325 9.85 15.90 10.55
CA ILE A 325 8.82 16.94 10.71
C ILE A 325 9.07 17.77 11.98
N LEU A 326 9.37 17.10 13.10
CA LEU A 326 9.62 17.82 14.34
C LEU A 326 10.89 18.67 14.24
N TRP A 327 11.94 18.15 13.62
CA TRP A 327 13.14 18.94 13.43
C TRP A 327 12.86 20.21 12.64
N CYS A 328 12.11 20.09 11.54
CA CYS A 328 11.78 21.25 10.72
C CYS A 328 10.93 22.24 11.49
N LEU A 329 9.93 21.76 12.23
CA LEU A 329 9.08 22.67 12.99
C LEU A 329 9.87 23.44 14.04
N SER A 330 10.77 22.75 14.74
CA SER A 330 11.57 23.43 15.76
C SER A 330 12.49 24.48 15.15
N LEU A 331 13.18 24.14 14.06
CA LEU A 331 14.05 25.13 13.42
C LEU A 331 13.25 26.32 12.90
N LEU A 332 12.10 26.06 12.30
CA LEU A 332 11.27 27.13 11.76
C LEU A 332 10.75 28.05 12.87
N ALA A 333 10.35 27.47 14.00
CA ALA A 333 9.95 28.30 15.14
C ALA A 333 11.12 29.09 15.69
N CYS A 334 12.34 28.56 15.56
CA CYS A 334 13.51 29.33 15.99
C CYS A 334 13.76 30.52 15.08
N PHE A 335 13.54 30.36 13.78
CA PHE A 335 13.68 31.50 12.86
C PHE A 335 12.63 32.58 13.14
N PHE A 336 11.36 32.19 13.21
CA PHE A 336 10.27 33.12 13.48
C PHE A 336 10.09 33.30 14.98
N ALA A 337 8.97 33.88 15.39
CA ALA A 337 8.62 33.97 16.81
C ALA A 337 7.12 33.86 16.97
N PRO A 338 6.55 32.66 16.90
CA PRO A 338 5.08 32.52 16.95
C PRO A 338 4.51 32.79 18.33
N ILE A 339 5.38 32.87 19.34
CA ILE A 339 4.97 33.19 20.70
C ILE A 339 5.77 34.40 21.16
N SER A 340 5.13 35.30 21.88
CA SER A 340 5.78 36.56 22.24
C SER A 340 6.30 36.55 23.67
N VAL A 341 6.20 35.43 24.36
CA VAL A 341 6.66 35.33 25.73
C VAL A 341 7.66 34.20 25.96
N ILE A 342 7.65 33.16 25.15
CA ILE A 342 8.57 32.03 25.32
C ILE A 342 9.95 32.41 24.79
N PRO A 343 11.01 32.22 25.56
CA PRO A 343 12.35 32.53 25.06
C PRO A 343 12.72 31.63 23.90
N THR A 344 13.58 32.14 23.03
CA THR A 344 13.91 31.46 21.78
C THR A 344 14.88 30.30 21.96
N TYR A 345 15.40 30.07 23.17
CA TYR A 345 16.41 29.04 23.38
C TYR A 345 15.87 27.76 24.00
N VAL A 346 14.56 27.57 24.04
CA VAL A 346 13.99 26.34 24.58
C VAL A 346 13.51 25.38 23.50
N TYR A 347 13.51 25.79 22.24
CA TYR A 347 13.07 24.91 21.16
C TYR A 347 13.99 23.72 20.94
N PRO A 348 15.32 23.88 20.84
CA PRO A 348 16.17 22.68 20.74
C PRO A 348 16.06 21.78 21.95
N LEU A 349 15.87 22.35 23.14
CA LEU A 349 15.68 21.56 24.34
C LEU A 349 14.44 20.68 24.23
N ALA A 350 13.33 21.26 23.77
CA ALA A 350 12.10 20.48 23.59
C ALA A 350 12.29 19.41 22.54
N LEU A 351 12.97 19.74 21.43
CA LEU A 351 13.17 18.76 20.37
C LEU A 351 13.94 17.54 20.88
N TYR A 352 15.09 17.78 21.50
CA TYR A 352 15.90 16.66 21.96
C TYR A 352 15.28 15.93 23.15
N GLY A 353 14.55 16.63 24.02
CA GLY A 353 13.84 15.94 25.08
C GLY A 353 12.76 15.03 24.54
N PHE A 354 12.02 15.48 23.52
CA PHE A 354 11.02 14.60 22.92
C PHE A 354 11.66 13.40 22.25
N MET A 355 12.80 13.60 21.57
CA MET A 355 13.49 12.46 20.96
C MET A 355 13.88 11.43 22.01
N VAL A 356 14.48 11.90 23.12
CA VAL A 356 14.91 10.99 24.17
C VAL A 356 13.71 10.27 24.77
N PHE A 357 12.63 10.99 25.05
CA PHE A 357 11.45 10.35 25.63
C PHE A 357 10.83 9.34 24.68
N PHE A 358 10.83 9.62 23.38
CA PHE A 358 10.35 8.64 22.41
C PHE A 358 11.19 7.37 22.46
N LEU A 359 12.50 7.51 22.61
CA LEU A 359 13.34 6.31 22.67
C LEU A 359 13.05 5.49 23.92
N ILE A 360 12.88 6.12 25.08
CA ILE A 360 12.83 5.41 26.36
C ILE A 360 11.42 5.39 26.94
N ASN A 361 10.40 5.45 26.10
CA ASN A 361 9.02 5.36 26.56
C ASN A 361 8.76 3.99 27.17
N PRO A 362 8.33 3.92 28.44
CA PRO A 362 8.09 2.60 29.06
C PRO A 362 6.74 1.99 28.74
N THR A 363 5.81 2.76 28.16
CA THR A 363 4.50 2.22 27.82
C THR A 363 4.60 1.29 26.62
N LYS A 364 3.69 0.33 26.54
CA LYS A 364 3.64 -0.63 25.43
C LYS A 364 2.97 -0.01 24.20
N THR A 365 3.57 1.05 23.68
CA THR A 365 3.09 1.71 22.48
C THR A 365 4.27 2.15 21.62
N PHE A 366 4.00 2.35 20.33
CA PHE A 366 4.94 2.96 19.39
C PHE A 366 6.26 2.17 19.31
N TYR A 367 6.15 0.96 18.80
CA TYR A 367 7.30 0.09 18.52
C TYR A 367 8.04 -0.27 19.80
N TYR A 368 7.31 -0.81 20.78
CA TYR A 368 7.94 -1.08 22.08
C TYR A 368 8.97 -2.20 21.99
N LYS A 369 8.70 -3.25 21.21
CA LYS A 369 9.65 -4.35 21.10
C LYS A 369 10.96 -3.90 20.46
N SER A 370 10.87 -3.12 19.37
CA SER A 370 12.07 -2.64 18.71
C SER A 370 12.89 -1.74 19.62
N ARG A 371 12.22 -0.83 20.32
CA ARG A 371 12.93 0.09 21.21
C ARG A 371 13.59 -0.65 22.36
N PHE A 372 12.92 -1.66 22.91
CA PHE A 372 13.51 -2.42 24.02
C PHE A 372 14.70 -3.24 23.54
N TRP A 373 14.61 -3.83 22.34
CA TRP A 373 15.75 -4.54 21.77
C TRP A 373 16.94 -3.59 21.58
N LEU A 374 16.69 -2.40 21.05
CA LEU A 374 17.77 -1.44 20.84
C LEU A 374 18.35 -0.96 22.16
N LEU A 375 17.51 -0.79 23.19
CA LEU A 375 18.01 -0.36 24.48
C LEU A 375 18.91 -1.41 25.11
N LYS A 376 18.52 -2.68 25.02
CA LYS A 376 19.40 -3.75 25.52
C LYS A 376 20.70 -3.79 24.75
N LEU A 377 20.64 -3.61 23.43
CA LEU A 377 21.86 -3.60 22.62
C LEU A 377 22.77 -2.46 23.03
N LEU A 378 22.21 -1.26 23.23
CA LEU A 378 23.02 -0.11 23.61
C LEU A 378 23.63 -0.29 24.99
N PHE A 379 22.91 -0.90 25.92
CA PHE A 379 23.52 -1.23 27.22
C PHE A 379 24.68 -2.19 27.05
N ARG A 380 24.52 -3.19 26.18
CA ARG A 380 25.59 -4.17 25.98
C ARG A 380 26.83 -3.55 25.33
N VAL A 381 26.64 -2.59 24.43
CA VAL A 381 27.78 -2.03 23.70
C VAL A 381 28.65 -1.16 24.62
N PHE A 382 28.02 -0.36 25.48
CA PHE A 382 28.73 0.64 26.28
C PHE A 382 29.41 0.07 27.51
N THR A 383 29.34 -1.24 27.72
CA THR A 383 30.03 -1.95 28.81
C THR A 383 30.86 -3.08 28.24
N ALA A 384 31.68 -2.74 27.23
CA ALA A 384 32.20 -3.73 26.30
C ALA A 384 32.92 -4.93 26.93
N PRO A 385 33.86 -4.76 27.86
CA PRO A 385 34.68 -5.93 28.27
C PRO A 385 33.90 -7.04 28.94
N PHE A 386 32.72 -6.76 29.49
CA PHE A 386 32.04 -7.70 30.38
C PHE A 386 30.93 -8.48 29.68
N HIS A 387 30.84 -8.42 28.35
CA HIS A 387 29.82 -9.13 27.61
C HIS A 387 30.44 -9.86 26.42
N LYS A 388 29.85 -11.00 26.09
CA LYS A 388 30.24 -11.71 24.88
C LYS A 388 29.83 -10.92 23.65
N VAL A 389 30.69 -10.95 22.63
CA VAL A 389 30.51 -10.10 21.45
C VAL A 389 29.83 -10.91 20.35
N GLY A 390 28.67 -10.42 19.90
CA GLY A 390 27.99 -10.98 18.75
C GLY A 390 28.18 -10.11 17.52
N PHE A 391 27.36 -10.38 16.50
CA PHE A 391 27.44 -9.57 15.28
C PHE A 391 26.77 -8.21 15.47
N ALA A 392 25.66 -8.17 16.23
CA ALA A 392 24.95 -6.92 16.42
C ALA A 392 25.78 -5.90 17.18
N ASP A 393 26.54 -6.35 18.17
CA ASP A 393 27.38 -5.44 18.96
C ASP A 393 28.47 -4.82 18.09
N PHE A 394 29.18 -5.67 17.33
CA PHE A 394 30.16 -5.19 16.37
C PHE A 394 29.56 -4.18 15.40
N TRP A 395 28.40 -4.51 14.82
CA TRP A 395 27.78 -3.64 13.84
C TRP A 395 27.41 -2.29 14.45
N LEU A 396 26.78 -2.29 15.63
CA LEU A 396 26.34 -1.04 16.24
C LEU A 396 27.52 -0.18 16.66
N ALA A 397 28.58 -0.79 17.18
CA ALA A 397 29.76 0.00 17.52
C ALA A 397 30.39 0.60 16.27
N ASP A 398 30.36 -0.12 15.15
CA ASP A 398 30.84 0.46 13.90
C ASP A 398 30.01 1.67 13.49
N GLN A 399 28.68 1.60 13.63
CA GLN A 399 27.86 2.75 13.29
C GLN A 399 28.17 3.94 14.19
N LEU A 400 28.33 3.68 15.50
CA LEU A 400 28.69 4.76 16.41
C LEU A 400 30.06 5.35 16.08
N ASN A 401 30.94 4.57 15.46
CA ASN A 401 32.22 5.10 15.02
C ASN A 401 32.07 6.20 13.98
N SER A 402 31.03 6.13 13.15
CA SER A 402 30.76 7.16 12.15
C SER A 402 29.81 8.23 12.63
N LEU A 403 29.14 8.02 13.76
CA LEU A 403 28.20 9.03 14.28
C LEU A 403 28.77 9.82 15.45
N SER A 404 30.06 10.19 15.41
CA SER A 404 30.68 10.90 16.54
C SER A 404 30.46 12.41 16.47
N VAL A 405 30.07 12.94 15.33
CA VAL A 405 29.75 14.36 15.25
C VAL A 405 28.56 14.69 16.12
N ILE A 406 27.65 13.72 16.31
CA ILE A 406 26.51 13.91 17.20
C ILE A 406 26.99 14.07 18.64
N LEU A 407 27.96 13.25 19.05
CA LEU A 407 28.52 13.37 20.40
C LEU A 407 29.21 14.72 20.60
N MET A 408 29.96 15.18 19.59
CA MET A 408 30.53 16.53 19.67
C MET A 408 29.46 17.61 19.75
N ASP A 409 28.38 17.48 18.98
CA ASP A 409 27.33 18.48 19.04
C ASP A 409 26.69 18.51 20.42
N LEU A 410 26.47 17.33 21.02
CA LEU A 410 25.90 17.28 22.36
C LEU A 410 26.82 17.91 23.38
N GLU A 411 28.12 17.61 23.32
CA GLU A 411 29.06 18.21 24.26
C GLU A 411 29.12 19.72 24.10
N TYR A 412 29.16 20.21 22.86
CA TYR A 412 29.19 21.64 22.63
C TYR A 412 27.92 22.32 23.12
N MET A 413 26.77 21.68 22.90
CA MET A 413 25.51 22.24 23.39
C MET A 413 25.51 22.34 24.91
N ILE A 414 26.00 21.30 25.58
CA ILE A 414 26.08 21.34 27.04
C ILE A 414 26.98 22.47 27.50
N CYS A 415 28.17 22.61 26.91
CA CYS A 415 29.08 23.68 27.31
C CYS A 415 28.47 25.05 27.05
N PHE A 416 27.86 25.23 25.87
CA PHE A 416 27.33 26.54 25.49
C PHE A 416 26.18 26.95 26.41
N TYR A 417 25.29 26.01 26.74
CA TYR A 417 24.18 26.35 27.62
C TYR A 417 24.67 26.55 29.06
N SER A 418 25.75 25.88 29.44
CA SER A 418 26.24 26.02 30.81
C SER A 418 26.95 27.36 31.01
N LEU A 419 27.78 27.78 30.06
CA LEU A 419 28.70 28.88 30.28
C LEU A 419 28.43 30.11 29.40
N GLU A 420 28.37 29.93 28.08
CA GLU A 420 28.46 31.03 27.14
C GLU A 420 27.10 31.63 26.77
N LEU A 421 26.02 31.16 27.39
CA LEU A 421 24.68 31.60 27.04
C LEU A 421 24.21 32.67 28.03
N LYS A 422 23.71 33.78 27.50
CA LYS A 422 23.19 34.87 28.31
C LYS A 422 21.68 34.70 28.43
N TRP A 423 21.23 34.14 29.55
CA TRP A 423 19.79 33.90 29.75
C TRP A 423 19.01 35.20 29.93
N ASP A 424 19.69 36.29 30.27
CA ASP A 424 18.99 37.56 30.50
C ASP A 424 18.35 38.10 29.23
N GLU A 425 19.03 37.96 28.09
CA GLU A 425 18.51 38.48 26.84
C GLU A 425 17.27 37.70 26.40
N SER A 426 16.31 38.41 25.81
CA SER A 426 15.09 37.77 25.33
C SER A 426 15.39 36.78 24.20
N LYS A 427 16.29 37.15 23.29
CA LYS A 427 16.73 36.29 22.20
C LYS A 427 18.24 36.14 22.36
N GLY A 428 18.65 35.17 23.18
CA GLY A 428 20.05 34.96 23.45
C GLY A 428 20.61 33.69 22.84
N LEU A 429 19.74 32.90 22.19
CA LEU A 429 20.21 31.67 21.55
C LEU A 429 21.19 31.97 20.43
N LEU A 430 20.91 33.01 19.64
CA LEU A 430 21.85 33.46 18.62
C LEU A 430 22.38 34.83 19.00
N PRO A 431 23.71 34.99 19.14
CA PRO A 431 24.32 36.28 19.49
C PRO A 431 24.20 37.32 18.39
N SER A 437 33.83 33.87 25.08
CA SER A 437 33.63 33.54 23.67
C SER A 437 34.70 32.58 23.17
N GLY A 438 34.26 31.54 22.46
CA GLY A 438 35.18 30.59 21.88
C GLY A 438 35.65 29.49 22.80
N ILE A 439 35.18 29.45 24.05
CA ILE A 439 35.65 28.46 24.99
C ILE A 439 35.16 27.07 24.60
N CYS A 440 33.89 26.97 24.20
CA CYS A 440 33.25 25.67 24.01
C CYS A 440 33.58 24.98 22.69
N HIS A 441 34.13 25.69 21.71
CA HIS A 441 34.42 25.08 20.42
C HIS A 441 35.92 24.89 20.18
N LYS A 442 36.70 24.76 21.26
CA LYS A 442 38.12 24.44 21.16
C LYS A 442 38.45 23.31 22.11
N TYR A 443 39.61 22.69 21.90
CA TYR A 443 40.08 21.55 22.68
C TYR A 443 41.00 21.95 23.81
N THR A 444 40.75 23.10 24.45
CA THR A 444 41.67 23.62 25.46
C THR A 444 41.85 22.65 26.61
N TYR A 445 40.75 22.20 27.20
CA TYR A 445 40.82 21.29 28.34
C TYR A 445 41.08 19.85 27.94
N GLY A 446 40.87 19.49 26.68
CA GLY A 446 41.11 18.15 26.20
C GLY A 446 39.91 17.25 26.16
N VAL A 447 38.70 17.78 26.40
CA VAL A 447 37.50 16.94 26.35
C VAL A 447 37.21 16.50 24.93
N ARG A 448 37.45 17.38 23.95
CA ARG A 448 37.13 17.06 22.57
C ARG A 448 37.94 15.88 22.07
N ALA A 449 39.22 15.81 22.44
CA ALA A 449 40.05 14.68 22.05
C ALA A 449 39.52 13.37 22.62
N ILE A 450 38.99 13.40 23.85
CA ILE A 450 38.45 12.19 24.46
C ILE A 450 37.16 11.76 23.77
N VAL A 451 36.29 12.72 23.45
CA VAL A 451 35.02 12.39 22.82
C VAL A 451 35.22 11.92 21.38
N GLN A 452 36.27 12.39 20.69
CA GLN A 452 36.70 11.74 19.44
C GLN A 452 37.07 10.28 19.62
N CYS A 453 37.74 9.91 20.71
CA CYS A 453 38.31 8.58 20.83
C CYS A 453 37.44 7.59 21.60
N ILE A 454 36.29 8.00 22.11
CA ILE A 454 35.41 7.05 22.81
C ILE A 454 34.98 5.86 21.92
N PRO A 455 34.41 6.06 20.73
CA PRO A 455 33.97 4.89 19.94
C PRO A 455 35.10 4.00 19.47
N ALA A 456 36.24 4.59 19.08
CA ALA A 456 37.41 3.79 18.76
C ALA A 456 37.85 2.97 19.96
N TRP A 457 37.76 3.55 21.16
CA TRP A 457 38.10 2.81 22.37
C TRP A 457 37.17 1.63 22.58
N LEU A 458 35.87 1.83 22.33
CA LEU A 458 34.92 0.73 22.50
C LEU A 458 35.24 -0.42 21.53
N ARG A 459 35.52 -0.09 20.27
CA ARG A 459 35.85 -1.14 19.31
C ARG A 459 37.17 -1.82 19.64
N PHE A 460 38.16 -1.06 20.10
CA PHE A 460 39.44 -1.63 20.52
C PHE A 460 39.24 -2.64 21.65
N ILE A 461 38.46 -2.27 22.66
CA ILE A 461 38.19 -3.18 23.78
C ILE A 461 37.43 -4.41 23.31
N GLN A 462 36.47 -4.24 22.41
CA GLN A 462 35.73 -5.39 21.89
C GLN A 462 36.65 -6.36 21.17
N CYS A 463 37.58 -5.83 20.36
CA CYS A 463 38.51 -6.71 19.66
C CYS A 463 39.43 -7.44 20.62
N LEU A 464 39.90 -6.76 21.68
CA LEU A 464 40.73 -7.44 22.66
C LEU A 464 39.96 -8.55 23.38
N ARG A 465 38.71 -8.29 23.73
CA ARG A 465 37.89 -9.32 24.38
C ARG A 465 37.65 -10.50 23.45
N ARG A 466 37.44 -10.22 22.16
CA ARG A 466 37.26 -11.30 21.19
C ARG A 466 38.52 -12.16 21.07
N TYR A 467 39.69 -11.52 21.09
CA TYR A 467 40.93 -12.29 21.09
C TYR A 467 41.05 -13.12 22.35
N ARG A 468 40.67 -12.57 23.49
CA ARG A 468 40.73 -13.31 24.74
C ARG A 468 39.85 -14.56 24.66
N ASP A 469 38.64 -14.40 24.15
CA ASP A 469 37.71 -15.52 24.10
C ASP A 469 38.16 -16.57 23.09
N THR A 470 38.53 -16.15 21.87
CA THR A 470 38.84 -17.10 20.82
C THR A 470 40.27 -17.63 20.90
N LYS A 471 41.17 -16.84 21.50
CA LYS A 471 42.58 -17.21 21.63
C LYS A 471 43.22 -17.40 20.25
N ARG A 472 42.93 -16.46 19.35
CA ARG A 472 43.49 -16.45 18.01
C ARG A 472 44.07 -15.06 17.74
N ALA A 473 45.37 -14.99 17.45
CA ALA A 473 46.03 -13.71 17.26
C ALA A 473 45.50 -12.98 16.03
N PHE A 474 45.27 -13.70 14.94
CA PHE A 474 44.77 -13.10 13.70
C PHE A 474 43.29 -13.40 13.54
N PRO A 475 42.48 -12.40 13.18
CA PRO A 475 42.78 -11.01 12.89
C PRO A 475 42.18 -10.10 13.95
N HIS A 476 42.25 -10.51 15.21
CA HIS A 476 41.71 -9.64 16.25
C HIS A 476 42.71 -8.60 16.74
N LEU A 477 43.97 -9.00 16.95
CA LEU A 477 44.97 -8.02 17.33
C LEU A 477 45.25 -7.02 16.20
N VAL A 478 45.08 -7.46 14.95
CA VAL A 478 45.23 -6.54 13.83
C VAL A 478 44.14 -5.47 13.85
N ASN A 479 42.90 -5.85 14.15
CA ASN A 479 41.85 -4.86 14.36
C ASN A 479 42.17 -3.95 15.54
N ALA A 480 42.72 -4.51 16.61
CA ALA A 480 43.07 -3.68 17.77
C ALA A 480 44.07 -2.59 17.36
N GLY A 481 45.10 -2.96 16.60
CA GLY A 481 46.03 -1.96 16.11
C GLY A 481 45.39 -0.96 15.16
N LYS A 482 44.50 -1.43 14.29
CA LYS A 482 43.83 -0.55 13.34
C LYS A 482 43.03 0.53 14.07
N TYR A 483 42.35 0.15 15.15
CA TYR A 483 41.63 1.15 15.93
C TYR A 483 42.53 1.96 16.85
N SER A 484 43.72 1.44 17.18
CA SER A 484 44.65 2.21 18.00
C SER A 484 45.32 3.34 17.24
N THR A 485 45.49 3.20 15.92
CA THR A 485 46.13 4.28 15.16
C THR A 485 45.43 5.63 15.31
N THR A 486 44.11 5.62 15.51
CA THR A 486 43.36 6.87 15.68
C THR A 486 43.84 7.64 16.91
N PHE A 487 44.17 6.92 17.99
CA PHE A 487 44.65 7.58 19.19
C PHE A 487 45.91 8.38 18.90
N PHE A 488 46.87 7.77 18.19
CA PHE A 488 48.11 8.47 17.86
C PHE A 488 47.84 9.67 16.97
N MET A 489 46.99 9.51 15.95
CA MET A 489 46.72 10.62 15.05
C MET A 489 46.11 11.81 15.80
N VAL A 490 45.09 11.56 16.62
CA VAL A 490 44.44 12.63 17.36
C VAL A 490 45.39 13.26 18.36
N THR A 491 46.19 12.44 19.05
CA THR A 491 47.13 12.97 20.03
C THR A 491 48.13 13.92 19.39
N PHE A 492 48.68 13.54 18.24
CA PHE A 492 49.67 14.40 17.60
C PHE A 492 49.02 15.65 17.01
N ALA A 493 47.79 15.54 16.49
CA ALA A 493 47.09 16.74 16.05
C ALA A 493 46.90 17.72 17.20
N ALA A 494 46.47 17.22 18.36
CA ALA A 494 46.26 18.09 19.51
C ALA A 494 47.56 18.72 19.98
N LEU A 495 48.66 17.94 20.01
CA LEU A 495 49.94 18.51 20.42
C LEU A 495 50.40 19.60 19.47
N TYR A 496 50.32 19.36 18.16
CA TYR A 496 50.64 20.41 17.20
C TYR A 496 49.82 21.67 17.44
N SER A 497 48.49 21.52 17.57
CA SER A 497 47.66 22.70 17.67
C SER A 497 47.92 23.47 18.96
N THR A 498 48.17 22.75 20.06
CA THR A 498 48.43 23.46 21.32
C THR A 498 49.82 24.06 21.37
N HIS A 499 50.77 23.55 20.56
CA HIS A 499 52.09 24.16 20.52
C HIS A 499 52.21 25.31 19.53
N LYS A 500 51.41 25.30 18.46
CA LYS A 500 51.50 26.37 17.48
C LYS A 500 50.90 27.67 18.01
N GLU A 501 49.78 27.59 18.74
CA GLU A 501 49.10 28.80 19.19
C GLU A 501 49.90 29.53 20.25
N ARG A 502 50.61 28.82 21.11
CA ARG A 502 51.41 29.43 22.16
C ARG A 502 52.82 29.77 21.71
N GLY A 503 53.16 29.52 20.45
CA GLY A 503 54.43 29.93 19.88
C GLY A 503 55.63 29.21 20.46
N HIS A 504 55.75 27.92 20.18
CA HIS A 504 56.88 27.12 20.62
C HIS A 504 57.68 26.63 19.42
N SER A 505 58.88 26.13 19.70
CA SER A 505 59.82 25.76 18.64
C SER A 505 59.68 24.31 18.18
N ASP A 506 58.75 23.54 18.75
CA ASP A 506 58.58 22.14 18.39
C ASP A 506 57.36 21.90 17.50
N THR A 507 56.93 22.92 16.76
CA THR A 507 55.77 22.76 15.89
C THR A 507 56.05 21.80 14.73
N MET A 508 57.24 21.90 14.13
CA MET A 508 57.56 21.14 12.93
C MET A 508 57.60 19.63 13.19
N VAL A 509 58.16 19.20 14.32
CA VAL A 509 58.25 17.77 14.59
C VAL A 509 56.86 17.17 14.77
N PHE A 510 55.98 17.87 15.47
CA PHE A 510 54.61 17.40 15.63
C PHE A 510 53.84 17.45 14.31
N PHE A 511 54.14 18.42 13.44
CA PHE A 511 53.53 18.44 12.12
C PHE A 511 53.90 17.20 11.32
N TYR A 512 55.19 16.86 11.29
CA TYR A 512 55.60 15.67 10.56
C TYR A 512 55.04 14.40 11.18
N LEU A 513 55.02 14.31 12.51
CA LEU A 513 54.41 13.14 13.14
C LEU A 513 52.94 13.02 12.79
N TRP A 514 52.21 14.13 12.80
CA TRP A 514 50.80 14.09 12.48
C TRP A 514 50.56 13.67 11.04
N ILE A 515 51.36 14.17 10.08
CA ILE A 515 51.12 13.77 8.71
C ILE A 515 51.45 12.30 8.50
N VAL A 516 52.53 11.80 9.14
CA VAL A 516 52.86 10.38 9.01
C VAL A 516 51.74 9.52 9.58
N PHE A 517 51.23 9.86 10.75
CA PHE A 517 50.17 9.04 11.32
C PHE A 517 48.84 9.21 10.60
N TYR A 518 48.58 10.36 10.01
CA TYR A 518 47.40 10.54 9.16
C TYR A 518 47.44 9.58 7.98
N ILE A 519 48.56 9.57 7.25
CA ILE A 519 48.62 8.70 6.07
C ILE A 519 48.60 7.22 6.49
N ILE A 520 49.25 6.88 7.61
CA ILE A 520 49.23 5.50 8.08
C ILE A 520 47.81 5.06 8.42
N SER A 521 47.08 5.89 9.16
CA SER A 521 45.71 5.53 9.55
C SER A 521 44.82 5.38 8.32
N SER A 522 44.90 6.32 7.38
CA SER A 522 44.04 6.25 6.21
C SER A 522 44.31 4.98 5.41
N CYS A 523 45.59 4.68 5.15
CA CYS A 523 45.91 3.47 4.38
C CYS A 523 45.48 2.21 5.12
N TYR A 524 45.71 2.17 6.43
CA TYR A 524 45.52 0.93 7.16
C TYR A 524 44.05 0.63 7.35
N THR A 525 43.21 1.67 7.42
CA THR A 525 41.77 1.43 7.45
C THR A 525 41.23 1.10 6.05
N LEU A 526 41.75 1.76 5.00
CA LEU A 526 41.23 1.50 3.66
C LEU A 526 41.53 0.08 3.20
N ILE A 527 42.75 -0.41 3.47
CA ILE A 527 43.11 -1.76 3.05
C ILE A 527 42.24 -2.79 3.76
N TRP A 528 42.00 -2.60 5.05
CA TRP A 528 41.13 -3.51 5.79
C TRP A 528 39.71 -3.47 5.25
N ASP A 529 39.21 -2.27 4.91
CA ASP A 529 37.87 -2.18 4.34
C ASP A 529 37.76 -2.97 3.05
N LEU A 530 38.73 -2.80 2.14
CA LEU A 530 38.60 -3.43 0.83
C LEU A 530 38.87 -4.93 0.88
N LYS A 531 39.84 -5.38 1.67
CA LYS A 531 40.30 -6.75 1.59
C LYS A 531 39.60 -7.68 2.57
N MET A 532 39.33 -7.23 3.79
CA MET A 532 38.78 -8.09 4.82
C MET A 532 37.28 -7.91 5.04
N ASP A 533 36.82 -6.67 5.19
CA ASP A 533 35.40 -6.44 5.44
C ASP A 533 34.55 -6.86 4.24
N TRP A 534 34.97 -6.50 3.04
CA TRP A 534 34.22 -6.81 1.83
C TRP A 534 34.66 -8.10 1.15
N GLY A 535 35.88 -8.55 1.39
CA GLY A 535 36.37 -9.78 0.80
C GLY A 535 36.56 -9.74 -0.70
N LEU A 536 37.03 -8.62 -1.24
CA LEU A 536 37.29 -8.49 -2.66
C LEU A 536 38.75 -8.79 -2.95
N PHE A 537 39.14 -8.61 -4.22
CA PHE A 537 40.51 -8.84 -4.68
C PHE A 537 40.97 -10.26 -4.37
N ASP A 538 40.04 -11.21 -4.53
CA ASP A 538 40.33 -12.59 -4.23
C ASP A 538 41.14 -13.28 -5.33
N LYS A 539 41.92 -14.28 -4.95
CA LYS A 539 42.73 -15.04 -5.88
C LYS A 539 41.87 -15.78 -6.90
N ASN A 540 40.77 -16.35 -6.42
CA ASN A 540 39.86 -17.08 -7.27
C ASN A 540 38.71 -16.22 -7.79
N ALA A 541 39.06 -15.08 -8.37
CA ALA A 541 38.08 -14.17 -8.93
C ALA A 541 37.48 -14.71 -10.23
N GLY A 542 38.32 -15.28 -11.08
CA GLY A 542 37.87 -15.81 -12.36
C GLY A 542 37.36 -14.74 -13.30
N GLU A 543 36.13 -14.90 -13.78
CA GLU A 543 35.56 -13.95 -14.75
C GLU A 543 35.32 -12.58 -14.10
N ASN A 544 34.85 -12.57 -12.86
CA ASN A 544 34.62 -11.33 -12.13
C ASN A 544 35.95 -10.77 -11.69
N THR A 545 36.57 -9.97 -12.56
CA THR A 545 37.90 -9.45 -12.29
C THR A 545 37.89 -8.50 -11.09
N PHE A 546 38.86 -8.68 -10.19
CA PHE A 546 39.09 -7.84 -9.02
C PHE A 546 38.00 -8.02 -7.97
N LEU A 547 37.00 -8.85 -8.26
CA LEU A 547 35.91 -9.17 -7.34
C LEU A 547 36.13 -10.57 -6.77
N ARG A 548 35.13 -11.10 -6.09
CA ARG A 548 35.15 -12.48 -5.62
C ARG A 548 34.35 -13.37 -6.57
N GLU A 549 34.39 -14.69 -6.32
CA GLU A 549 33.80 -15.65 -7.22
C GLU A 549 32.28 -15.52 -7.27
N GLU A 550 31.62 -15.50 -6.11
CA GLU A 550 30.18 -15.40 -6.01
C GLU A 550 29.79 -13.99 -5.60
N ILE A 551 28.87 -13.39 -6.35
CA ILE A 551 28.38 -12.05 -6.04
C ILE A 551 26.86 -12.08 -6.04
N VAL A 552 26.24 -11.32 -5.14
CA VAL A 552 24.80 -11.37 -4.93
C VAL A 552 24.08 -10.28 -5.72
N TYR A 553 24.57 -9.04 -5.66
CA TYR A 553 23.90 -7.95 -6.33
C TYR A 553 24.09 -8.05 -7.84
N PRO A 554 23.07 -7.67 -8.62
CA PRO A 554 23.07 -7.99 -10.06
C PRO A 554 24.16 -7.32 -10.88
N GLN A 555 24.26 -5.99 -10.80
CA GLN A 555 25.18 -5.25 -11.65
C GLN A 555 26.59 -5.32 -11.11
N LYS A 556 27.57 -5.26 -12.00
CA LYS A 556 28.97 -5.25 -11.57
C LYS A 556 29.55 -3.84 -11.44
N ALA A 557 28.88 -2.83 -11.98
CA ALA A 557 29.38 -1.46 -11.85
C ALA A 557 29.26 -0.97 -10.41
N TYR A 558 28.36 -1.58 -9.63
CA TYR A 558 28.20 -1.20 -8.23
C TYR A 558 29.49 -1.38 -7.46
N TYR A 559 30.18 -2.51 -7.68
CA TYR A 559 31.39 -2.82 -6.92
C TYR A 559 32.50 -1.82 -7.24
N TYR A 560 32.68 -1.49 -8.52
CA TYR A 560 33.73 -0.56 -8.89
C TYR A 560 33.43 0.86 -8.40
N CYS A 561 32.18 1.29 -8.51
CA CYS A 561 31.81 2.60 -7.97
C CYS A 561 32.02 2.66 -6.47
N ALA A 562 31.66 1.59 -5.75
CA ALA A 562 31.86 1.56 -4.31
C ALA A 562 33.34 1.61 -3.96
N ILE A 563 34.18 0.88 -4.68
CA ILE A 563 35.62 0.92 -4.42
C ILE A 563 36.15 2.33 -4.59
N ILE A 564 35.75 2.99 -5.69
CA ILE A 564 36.25 4.34 -5.95
C ILE A 564 35.81 5.32 -4.88
N GLU A 565 34.52 5.28 -4.51
CA GLU A 565 34.03 6.29 -3.58
C GLU A 565 34.57 6.02 -2.17
N ASP A 566 34.82 4.75 -1.84
CA ASP A 566 35.44 4.45 -0.55
C ASP A 566 36.88 4.95 -0.52
N VAL A 567 37.62 4.78 -1.62
CA VAL A 567 38.99 5.28 -1.65
C VAL A 567 39.02 6.80 -1.48
N ILE A 568 38.11 7.50 -2.17
CA ILE A 568 38.08 8.96 -2.04
C ILE A 568 37.65 9.38 -0.63
N LEU A 569 36.58 8.78 -0.12
CA LEU A 569 35.97 9.27 1.11
C LEU A 569 36.68 8.79 2.37
N ARG A 570 37.58 7.81 2.27
CA ARG A 570 38.42 7.49 3.42
C ARG A 570 39.46 8.58 3.66
N PHE A 571 39.94 9.24 2.63
CA PHE A 571 40.91 10.30 2.88
C PHE A 571 40.26 11.54 3.51
N ALA A 572 39.05 11.86 3.09
CA ALA A 572 38.29 12.97 3.64
C ALA A 572 37.90 12.80 5.11
N TRP A 573 37.55 11.60 5.51
CA TRP A 573 37.14 11.34 6.89
C TRP A 573 38.22 11.60 7.92
N THR A 574 39.44 11.17 7.66
CA THR A 574 40.49 11.38 8.64
C THR A 574 40.82 12.85 8.87
N ILE A 575 40.72 13.67 7.83
CA ILE A 575 41.01 15.08 8.00
C ILE A 575 39.95 15.78 8.84
N GLN A 576 38.72 15.32 8.79
CA GLN A 576 37.67 15.92 9.58
C GLN A 576 37.94 15.75 11.06
N ILE A 577 38.37 14.57 11.48
CA ILE A 577 38.68 14.34 12.88
C ILE A 577 39.89 15.14 13.39
N SER A 578 40.93 15.25 12.57
CA SER A 578 42.11 16.03 12.91
C SER A 578 41.85 17.55 13.01
N ILE A 579 41.09 18.05 12.06
CA ILE A 579 40.74 19.48 11.95
C ILE A 579 39.91 20.04 13.09
N THR A 580 39.06 19.21 13.67
CA THR A 580 38.15 19.67 14.72
C THR A 580 38.80 20.16 16.01
N SER A 581 40.03 19.75 16.29
CA SER A 581 40.69 20.16 17.53
C SER A 581 41.54 21.43 17.42
N THR A 582 40.89 22.54 17.08
CA THR A 582 41.55 23.85 16.97
C THR A 582 42.76 23.85 16.05
N THR A 583 42.66 23.17 14.92
CA THR A 583 43.76 23.12 13.99
C THR A 583 43.72 24.38 13.12
N LEU A 584 42.74 24.40 12.22
CA LEU A 584 42.57 25.49 11.27
C LEU A 584 41.89 26.68 11.91
N LEU A 585 41.87 27.80 11.20
CA LEU A 585 41.20 28.99 11.68
C LEU A 585 39.72 28.64 11.86
N PRO A 586 39.14 29.03 13.00
CA PRO A 586 37.75 28.76 13.35
C PRO A 586 36.72 28.93 12.23
N HIS A 587 36.88 29.95 11.38
CA HIS A 587 35.94 30.19 10.29
C HIS A 587 36.04 29.12 9.19
N SER A 588 37.27 28.78 8.81
CA SER A 588 37.49 27.74 7.80
C SER A 588 37.10 26.35 8.31
N GLY A 589 37.41 26.08 9.57
CA GLY A 589 37.11 24.80 10.17
C GLY A 589 35.63 24.50 10.23
N ASP A 590 34.83 25.50 10.56
CA ASP A 590 33.39 25.31 10.67
C ASP A 590 32.74 24.92 9.35
N ILE A 591 33.15 25.53 8.25
CA ILE A 591 32.56 25.22 6.96
C ILE A 591 33.00 23.84 6.48
N ILE A 592 34.17 23.39 6.91
CA ILE A 592 34.66 22.08 6.50
C ILE A 592 33.93 20.95 7.20
N ALA A 593 33.80 21.05 8.52
CA ALA A 593 33.13 20.02 9.30
C ALA A 593 31.66 19.84 8.93
N THR A 594 30.97 20.93 8.67
CA THR A 594 29.56 20.89 8.30
C THR A 594 29.32 20.18 6.98
N VAL A 595 30.21 20.35 6.03
CA VAL A 595 30.06 19.72 4.73
C VAL A 595 30.48 18.25 4.68
N PHE A 596 31.57 17.90 5.36
CA PHE A 596 32.05 16.52 5.35
C PHE A 596 31.30 15.61 6.32
N ALA A 597 30.46 16.15 7.21
CA ALA A 597 29.71 15.28 8.13
C ALA A 597 28.74 14.35 7.42
N PRO A 598 27.88 14.81 6.49
CA PRO A 598 26.97 13.85 5.82
C PRO A 598 27.67 12.83 4.95
N LEU A 599 28.87 13.15 4.43
CA LEU A 599 29.55 12.22 3.55
C LEU A 599 30.03 10.98 4.29
N GLU A 600 30.36 11.11 5.58
CA GLU A 600 30.75 9.93 6.35
C GLU A 600 29.56 8.99 6.55
N VAL A 601 28.37 9.55 6.80
CA VAL A 601 27.18 8.71 6.91
C VAL A 601 26.88 8.03 5.57
N PHE A 602 27.09 8.75 4.46
CA PHE A 602 26.92 8.12 3.16
C PHE A 602 27.93 6.99 2.94
N ARG A 603 29.19 7.18 3.37
CA ARG A 603 30.19 6.14 3.23
C ARG A 603 29.82 4.89 4.04
N ARG A 604 29.33 5.09 5.26
CA ARG A 604 28.88 3.93 6.05
C ARG A 604 27.68 3.25 5.43
N PHE A 605 26.75 4.04 4.86
CA PHE A 605 25.60 3.46 4.18
C PHE A 605 26.04 2.57 3.03
N VAL A 606 27.04 2.99 2.26
CA VAL A 606 27.54 2.15 1.18
C VAL A 606 28.27 0.92 1.73
N TRP A 607 29.02 1.09 2.82
CA TRP A 607 29.78 -0.02 3.41
C TRP A 607 28.88 -1.15 3.91
N ASN A 608 27.71 -0.81 4.44
CA ASN A 608 26.84 -1.82 5.03
C ASN A 608 26.44 -2.91 4.04
N PHE A 609 26.10 -2.52 2.80
CA PHE A 609 25.68 -3.47 1.78
C PHE A 609 26.65 -4.63 1.66
N PHE A 610 27.90 -4.33 1.33
CA PHE A 610 28.88 -5.36 1.06
C PHE A 610 29.40 -6.04 2.32
N ARG A 611 29.41 -5.36 3.47
CA ARG A 611 29.75 -6.08 4.69
C ARG A 611 28.74 -7.18 4.98
N LEU A 612 27.45 -6.87 4.89
CA LEU A 612 26.43 -7.90 5.14
C LEU A 612 26.44 -8.96 4.05
N GLU A 613 26.72 -8.58 2.79
CA GLU A 613 26.80 -9.58 1.73
C GLU A 613 27.93 -10.56 1.98
N ASN A 614 29.10 -10.06 2.36
CA ASN A 614 30.23 -10.95 2.64
C ASN A 614 29.93 -11.85 3.83
N GLU A 615 29.25 -11.33 4.85
CA GLU A 615 28.86 -12.19 5.96
C GLU A 615 27.87 -13.27 5.51
N HIS A 616 26.92 -12.92 4.65
CA HIS A 616 25.90 -13.88 4.23
C HIS A 616 26.48 -14.98 3.36
N LEU A 617 27.45 -14.64 2.50
CA LEU A 617 27.99 -15.63 1.58
C LEU A 617 28.64 -16.79 2.34
N ASN A 618 29.01 -16.58 3.59
CA ASN A 618 29.52 -17.69 4.40
C ASN A 618 28.41 -18.65 4.79
N ASN A 619 27.18 -18.14 4.99
CA ASN A 619 26.06 -19.01 5.32
C ASN A 619 25.74 -19.96 4.17
N CYS A 620 25.75 -19.45 2.94
CA CYS A 620 25.69 -20.32 1.77
C CYS A 620 26.98 -21.13 1.67
N GLY A 621 26.85 -22.37 1.21
CA GLY A 621 27.95 -23.31 1.22
C GLY A 621 28.05 -24.11 2.50
N GLU A 622 27.48 -23.60 3.59
CA GLU A 622 27.22 -24.37 4.79
C GLU A 622 25.74 -24.72 4.93
N PHE A 623 24.94 -24.15 4.04
CA PHE A 623 23.51 -24.36 3.98
C PHE A 623 22.84 -24.21 5.32
N ARG A 624 22.99 -23.03 5.93
CA ARG A 624 22.38 -22.81 7.22
C ARG A 624 21.25 -21.80 7.16
N ALA A 625 20.05 -22.25 7.49
CA ALA A 625 18.88 -21.36 7.43
C ALA A 625 18.28 -20.94 8.77
N VAL A 626 18.59 -21.64 9.85
CA VAL A 626 18.04 -21.27 11.15
C VAL A 626 19.10 -21.16 12.24
N ARG A 627 18.92 -20.19 13.14
CA ARG A 627 19.87 -20.00 14.24
C ARG A 627 19.76 -21.13 15.25
N ASP A 628 20.90 -21.57 15.76
CA ASP A 628 20.96 -22.67 16.71
C ASP A 628 20.86 -22.15 18.13
N ILE A 629 19.91 -22.70 18.88
CA ILE A 629 19.67 -22.30 20.25
C ILE A 629 20.16 -23.39 21.16
N SER A 630 20.93 -23.02 22.17
CA SER A 630 21.47 -23.97 23.13
C SER A 630 20.78 -23.78 24.47
N VAL A 631 19.88 -24.70 24.81
CA VAL A 631 19.15 -24.62 26.06
C VAL A 631 20.12 -24.76 27.22
N ALA A 632 19.89 -24.01 28.28
CA ALA A 632 20.76 -24.05 29.45
C ALA A 632 20.46 -25.27 30.31
N PRO A 633 21.48 -25.76 31.05
CA PRO A 633 21.36 -26.90 31.94
C PRO A 633 21.44 -26.46 33.39
N LEU A 634 20.35 -26.60 34.13
CA LEU A 634 20.36 -26.20 35.54
C LEU A 634 21.35 -27.04 36.33
N ASN A 635 21.39 -28.34 36.05
CA ASN A 635 22.29 -29.25 36.75
C ASN A 635 23.24 -29.98 35.80
N MET B 1 -9.18 -16.11 12.42
CA MET B 1 -9.73 -15.34 11.32
C MET B 1 -9.26 -15.87 9.97
N LYS B 2 -9.60 -17.12 9.66
CA LYS B 2 -9.16 -17.75 8.44
C LYS B 2 -10.28 -17.74 7.42
N PHE B 3 -11.43 -18.37 7.69
CA PHE B 3 -12.34 -18.68 6.59
C PHE B 3 -13.59 -17.82 6.62
N ALA B 4 -13.98 -17.30 7.77
CA ALA B 4 -15.15 -16.43 7.79
C ALA B 4 -14.91 -15.19 6.95
N GLU B 5 -13.77 -14.53 7.14
CA GLU B 5 -13.42 -13.36 6.34
C GLU B 5 -13.23 -13.72 4.87
N HIS B 6 -12.60 -14.87 4.60
CA HIS B 6 -12.38 -15.30 3.22
C HIS B 6 -13.70 -15.50 2.49
N LEU B 7 -14.64 -16.21 3.13
CA LEU B 7 -15.94 -16.45 2.53
C LEU B 7 -16.70 -15.14 2.35
N SER B 8 -16.63 -14.24 3.34
CA SER B 8 -17.33 -12.97 3.21
C SER B 8 -16.76 -12.14 2.07
N ALA B 9 -15.45 -12.21 1.85
CA ALA B 9 -14.83 -11.38 0.82
C ALA B 9 -14.96 -11.96 -0.58
N HIS B 10 -15.11 -13.27 -0.72
CA HIS B 10 -15.20 -13.88 -2.05
C HIS B 10 -16.60 -14.20 -2.58
N ILE B 11 -17.63 -13.93 -1.80
CA ILE B 11 -19.02 -14.18 -2.18
C ILE B 11 -19.47 -13.27 -3.33
N THR B 12 -20.32 -13.78 -4.22
CA THR B 12 -20.86 -13.00 -5.32
C THR B 12 -22.13 -12.32 -4.82
N PRO B 13 -22.11 -10.98 -4.71
CA PRO B 13 -23.19 -10.12 -4.22
C PRO B 13 -24.60 -10.57 -4.60
N GLU B 14 -24.84 -10.85 -5.87
CA GLU B 14 -26.16 -11.28 -6.33
C GLU B 14 -26.62 -12.60 -5.74
N TRP B 15 -25.70 -13.54 -5.56
CA TRP B 15 -26.01 -14.87 -5.04
C TRP B 15 -25.64 -15.07 -3.57
N ARG B 16 -25.49 -13.98 -2.82
CA ARG B 16 -25.04 -14.07 -1.43
C ARG B 16 -25.91 -14.96 -0.55
N LYS B 17 -27.22 -14.90 -0.73
CA LYS B 17 -28.12 -15.74 0.04
C LYS B 17 -27.90 -17.23 -0.22
N GLN B 18 -27.61 -17.55 -1.48
CA GLN B 18 -27.41 -18.94 -1.92
C GLN B 18 -26.18 -19.69 -1.39
N TYR B 19 -25.27 -19.00 -0.72
CA TYR B 19 -24.08 -19.65 -0.19
C TYR B 19 -24.36 -20.31 1.14
N ILE B 20 -23.40 -21.08 1.63
CA ILE B 20 -23.54 -21.73 2.93
C ILE B 20 -23.47 -20.68 4.03
N GLN B 21 -24.24 -20.90 5.10
CA GLN B 21 -24.28 -19.97 6.23
C GLN B 21 -23.27 -20.43 7.28
N TYR B 22 -22.02 -20.02 7.07
CA TYR B 22 -20.94 -20.40 7.98
C TYR B 22 -21.13 -19.80 9.36
N GLU B 23 -21.52 -18.52 9.43
CA GLU B 23 -21.64 -17.84 10.71
C GLU B 23 -22.75 -18.45 11.56
N ALA B 24 -23.86 -18.87 10.98
CA ALA B 24 -24.92 -19.52 11.75
C ALA B 24 -24.47 -20.80 12.45
N PHE B 25 -23.82 -21.69 11.71
CA PHE B 25 -23.40 -22.95 12.28
C PHE B 25 -22.43 -22.73 13.41
N LYS B 26 -21.49 -21.81 13.22
CA LYS B 26 -20.49 -21.57 14.23
C LYS B 26 -21.17 -21.12 15.48
N ASP B 27 -22.11 -20.19 15.36
CA ASP B 27 -22.78 -19.66 16.53
C ASP B 27 -23.53 -20.75 17.24
N MET B 28 -24.23 -21.60 16.49
CA MET B 28 -25.00 -22.67 17.11
C MET B 28 -24.08 -23.58 17.92
N LEU B 29 -22.96 -23.95 17.30
CA LEU B 29 -22.03 -24.85 17.98
C LEU B 29 -21.51 -24.21 19.24
N TYR B 30 -21.14 -22.94 19.15
CA TYR B 30 -20.56 -22.28 20.30
C TYR B 30 -21.56 -22.21 21.42
N SER B 31 -22.80 -21.87 21.10
CA SER B 31 -23.80 -21.73 22.15
C SER B 31 -23.97 -23.05 22.84
N ALA B 32 -24.07 -24.12 22.06
CA ALA B 32 -24.29 -25.40 22.68
C ALA B 32 -23.12 -25.76 23.59
N GLN B 33 -21.90 -25.56 23.12
CA GLN B 33 -20.75 -25.95 23.93
C GLN B 33 -20.74 -25.16 25.22
N ASP B 34 -21.05 -23.88 25.11
CA ASP B 34 -21.06 -23.01 26.27
C ASP B 34 -22.08 -23.39 27.32
N GLN B 35 -23.30 -23.74 26.92
CA GLN B 35 -24.27 -23.98 28.03
C GLN B 35 -24.40 -25.42 28.44
N ALA B 36 -23.29 -26.18 28.48
CA ALA B 36 -23.43 -27.63 28.60
C ALA B 36 -24.42 -27.94 29.72
N PRO B 37 -25.55 -28.57 29.41
CA PRO B 37 -26.57 -28.88 30.44
C PRO B 37 -26.18 -30.09 31.27
N SER B 38 -25.07 -29.96 31.99
CA SER B 38 -24.62 -31.01 32.88
C SER B 38 -25.55 -31.09 34.09
N VAL B 39 -25.40 -32.18 34.84
CA VAL B 39 -26.20 -32.40 36.04
C VAL B 39 -25.27 -32.34 37.24
N GLU B 40 -25.83 -32.60 38.42
CA GLU B 40 -25.04 -32.65 39.63
C GLU B 40 -24.61 -34.12 39.77
N VAL B 41 -23.44 -34.33 40.36
CA VAL B 41 -22.87 -35.67 40.57
C VAL B 41 -22.66 -36.52 39.30
N THR B 42 -22.27 -35.84 38.22
CA THR B 42 -21.99 -36.45 36.92
C THR B 42 -22.99 -37.48 36.41
N ASP B 43 -24.13 -37.03 35.90
CA ASP B 43 -25.13 -37.96 35.38
C ASP B 43 -24.84 -38.20 33.90
N GLU B 44 -24.46 -39.43 33.57
CA GLU B 44 -24.12 -39.83 32.21
C GLU B 44 -25.24 -39.77 31.18
N ASP B 45 -26.43 -40.21 31.57
CA ASP B 45 -27.57 -40.24 30.65
C ASP B 45 -28.02 -38.86 30.20
N THR B 46 -28.21 -37.98 31.17
CA THR B 46 -28.68 -36.62 30.95
C THR B 46 -27.86 -35.92 29.87
N VAL B 47 -26.54 -35.95 29.99
CA VAL B 47 -25.66 -35.31 29.00
C VAL B 47 -25.64 -36.04 27.67
N LYS B 48 -25.65 -37.38 27.67
CA LYS B 48 -25.74 -38.12 26.43
C LYS B 48 -27.08 -37.94 25.74
N ARG B 49 -28.12 -37.55 26.47
CA ARG B 49 -29.40 -37.18 25.88
C ARG B 49 -29.37 -35.79 25.25
N TYR B 50 -28.59 -34.87 25.79
CA TYR B 50 -28.35 -33.61 25.10
C TYR B 50 -27.52 -33.80 23.85
N PHE B 51 -26.51 -34.66 23.91
CA PHE B 51 -25.74 -35.02 22.72
C PHE B 51 -26.37 -36.19 21.99
N ALA B 52 -27.69 -36.14 21.85
CA ALA B 52 -28.42 -36.99 20.91
C ALA B 52 -29.56 -36.23 20.26
N LYS B 53 -29.70 -34.94 20.55
CA LYS B 53 -30.73 -34.08 19.98
C LYS B 53 -30.17 -32.87 19.26
N PHE B 54 -29.01 -32.34 19.67
CA PHE B 54 -28.37 -31.24 18.94
C PHE B 54 -27.84 -31.71 17.59
N GLU B 55 -27.23 -32.90 17.54
CA GLU B 55 -26.63 -33.38 16.31
C GLU B 55 -27.68 -33.62 15.23
N GLU B 56 -28.85 -34.11 15.62
CA GLU B 56 -29.91 -34.34 14.63
C GLU B 56 -30.37 -33.04 14.00
N LYS B 57 -30.54 -31.99 14.80
CA LYS B 57 -30.89 -30.67 14.27
C LYS B 57 -29.78 -30.13 13.38
N PHE B 58 -28.53 -30.31 13.80
CA PHE B 58 -27.39 -29.89 12.99
C PHE B 58 -27.41 -30.55 11.62
N PHE B 59 -27.63 -31.86 11.58
CA PHE B 59 -27.59 -32.58 10.31
C PHE B 59 -28.82 -32.29 9.46
N GLN B 60 -29.96 -32.01 10.10
CA GLN B 60 -31.13 -31.55 9.34
C GLN B 60 -30.84 -30.24 8.63
N THR B 61 -30.21 -29.29 9.35
CA THR B 61 -29.84 -28.03 8.73
C THR B 61 -28.84 -28.25 7.60
N CYS B 62 -27.88 -29.15 7.80
CA CYS B 62 -26.92 -29.46 6.75
C CYS B 62 -27.60 -30.00 5.50
N GLU B 63 -28.56 -30.92 5.67
CA GLU B 63 -29.29 -31.46 4.53
C GLU B 63 -30.06 -30.38 3.80
N LYS B 64 -30.70 -29.47 4.54
CA LYS B 64 -31.44 -28.37 3.92
C LYS B 64 -30.51 -27.50 3.07
N GLU B 65 -29.35 -27.14 3.63
CA GLU B 65 -28.39 -26.32 2.89
C GLU B 65 -27.91 -27.03 1.64
N LEU B 66 -27.61 -28.32 1.74
CA LEU B 66 -27.13 -29.08 0.59
C LEU B 66 -28.18 -29.12 -0.51
N ALA B 67 -29.45 -29.31 -0.15
CA ALA B 67 -30.51 -29.31 -1.16
C ALA B 67 -30.61 -27.95 -1.84
N LYS B 68 -30.54 -26.86 -1.07
CA LYS B 68 -30.61 -25.54 -1.68
C LYS B 68 -29.47 -25.32 -2.67
N ILE B 69 -28.25 -25.71 -2.29
CA ILE B 69 -27.10 -25.53 -3.17
C ILE B 69 -27.29 -26.34 -4.45
N ASN B 70 -27.76 -27.58 -4.32
CA ASN B 70 -27.95 -28.42 -5.50
C ASN B 70 -28.96 -27.80 -6.47
N THR B 71 -30.09 -27.32 -5.94
CA THR B 71 -31.09 -26.72 -6.83
C THR B 71 -30.55 -25.49 -7.55
N PHE B 72 -29.87 -24.61 -6.82
CA PHE B 72 -29.35 -23.40 -7.46
C PHE B 72 -28.33 -23.74 -8.54
N TYR B 73 -27.44 -24.68 -8.26
CA TYR B 73 -26.43 -25.05 -9.25
C TYR B 73 -27.09 -25.61 -10.51
N SER B 74 -28.09 -26.47 -10.33
CA SER B 74 -28.75 -27.07 -11.49
C SER B 74 -29.42 -26.00 -12.35
N GLU B 75 -30.10 -25.04 -11.71
CA GLU B 75 -30.76 -23.99 -12.48
C GLU B 75 -29.76 -23.15 -13.28
N LYS B 76 -28.66 -22.76 -12.63
CA LYS B 76 -27.67 -21.95 -13.34
C LYS B 76 -27.01 -22.73 -14.47
N LEU B 77 -26.78 -24.03 -14.26
CA LEU B 77 -26.21 -24.86 -15.32
C LEU B 77 -27.15 -24.93 -16.52
N ALA B 78 -28.45 -25.09 -16.28
CA ALA B 78 -29.39 -25.13 -17.40
C ALA B 78 -29.40 -23.80 -18.15
N GLU B 79 -29.36 -22.68 -17.42
CA GLU B 79 -29.33 -21.38 -18.08
C GLU B 79 -28.08 -21.24 -18.96
N ALA B 80 -26.93 -21.68 -18.46
CA ALA B 80 -25.70 -21.61 -19.26
C ALA B 80 -25.80 -22.49 -20.50
N GLN B 81 -26.40 -23.68 -20.35
CA GLN B 81 -26.62 -24.57 -21.50
C GLN B 81 -27.40 -23.85 -22.59
N ARG B 82 -28.50 -23.19 -22.21
CA ARG B 82 -29.31 -22.50 -23.22
C ARG B 82 -28.56 -21.32 -23.85
N ARG B 83 -27.84 -20.56 -23.02
CA ARG B 83 -27.13 -19.38 -23.54
C ARG B 83 -26.06 -19.78 -24.55
N PHE B 84 -25.36 -20.89 -24.29
CA PHE B 84 -24.32 -21.33 -25.24
C PHE B 84 -24.94 -21.66 -26.60
N ALA B 85 -26.08 -22.35 -26.60
CA ALA B 85 -26.74 -22.66 -27.86
C ALA B 85 -27.19 -21.41 -28.59
N THR B 86 -27.72 -20.43 -27.85
CA THR B 86 -28.10 -19.17 -28.49
C THR B 86 -26.90 -18.48 -29.14
N LEU B 87 -25.79 -18.38 -28.42
CA LEU B 87 -24.60 -17.74 -28.98
C LEU B 87 -24.06 -18.51 -30.18
N GLN B 88 -24.09 -19.85 -30.12
CA GLN B 88 -23.62 -20.65 -31.24
C GLN B 88 -24.48 -20.42 -32.47
N ASN B 89 -25.80 -20.37 -32.30
CA ASN B 89 -26.68 -20.10 -33.43
C ASN B 89 -26.42 -18.72 -34.02
N GLU B 90 -26.23 -17.71 -33.15
CA GLU B 90 -25.94 -16.36 -33.64
C GLU B 90 -24.62 -16.32 -34.41
N LEU B 91 -23.60 -17.02 -33.90
CA LEU B 91 -22.31 -17.05 -34.59
C LEU B 91 -22.42 -17.75 -35.93
N GLN B 92 -23.21 -18.79 -36.11
CA GLN B 92 -23.26 -19.38 -37.48
C GLN B 92 -23.70 -18.39 -38.57
N SER B 93 -24.73 -17.61 -38.27
CA SER B 93 -25.30 -16.71 -39.26
C SER B 93 -24.39 -15.64 -39.88
N SER B 94 -23.53 -14.99 -39.10
CA SER B 94 -22.64 -13.99 -39.67
C SER B 94 -21.70 -14.62 -40.69
N LEU B 95 -21.16 -15.78 -40.34
CA LEU B 95 -20.25 -16.44 -41.25
C LEU B 95 -21.02 -16.80 -42.50
N ASP B 96 -22.23 -17.29 -42.31
CA ASP B 96 -23.00 -17.73 -43.48
C ASP B 96 -23.23 -16.55 -44.40
N ALA B 97 -23.55 -15.40 -43.84
CA ALA B 97 -23.77 -14.20 -44.64
C ALA B 97 -22.54 -13.69 -45.37
N GLN B 98 -21.38 -13.67 -44.72
CA GLN B 98 -20.21 -13.07 -45.40
C GLN B 98 -19.66 -13.89 -46.56
N LYS B 99 -19.20 -15.10 -46.32
CA LYS B 99 -18.64 -16.02 -47.30
C LYS B 99 -19.47 -16.03 -48.58
N GLU B 100 -20.79 -16.07 -48.46
CA GLU B 100 -21.65 -16.02 -49.64
C GLU B 100 -21.52 -14.68 -50.35
N SER B 101 -21.46 -13.58 -49.59
CA SER B 101 -21.33 -12.26 -50.20
C SER B 101 -20.00 -12.12 -50.94
N THR B 102 -18.91 -12.56 -50.32
CA THR B 102 -17.60 -12.49 -50.97
C THR B 102 -17.51 -13.51 -52.10
N GLY B 103 -18.02 -14.72 -51.86
CA GLY B 103 -17.99 -15.76 -52.87
C GLY B 103 -19.02 -16.86 -52.61
N SER B 118 -15.82 1.26 -45.97
CA SER B 118 -17.08 1.58 -46.64
C SER B 118 -18.26 1.33 -45.72
N HIS B 119 -19.46 1.65 -46.21
CA HIS B 119 -20.67 1.44 -45.42
C HIS B 119 -20.89 -0.05 -45.14
N GLU B 120 -20.60 -0.88 -46.14
CA GLU B 120 -20.74 -2.33 -45.99
C GLU B 120 -19.79 -2.84 -44.91
N GLU B 121 -18.60 -2.28 -44.84
CA GLU B 121 -17.66 -2.71 -43.82
C GLU B 121 -18.17 -2.38 -42.42
N ARG B 122 -18.81 -1.23 -42.27
CA ARG B 122 -19.32 -0.84 -40.97
C ARG B 122 -20.39 -1.80 -40.48
N VAL B 123 -21.30 -2.19 -41.36
CA VAL B 123 -22.39 -3.08 -40.97
C VAL B 123 -21.88 -4.51 -40.83
N GLN B 124 -20.56 -4.66 -40.81
CA GLN B 124 -19.92 -5.95 -40.63
C GLN B 124 -18.92 -5.91 -39.48
N HIS B 125 -18.17 -4.82 -39.39
CA HIS B 125 -17.15 -4.67 -38.35
C HIS B 125 -17.70 -4.64 -36.93
N ARG B 126 -18.82 -3.96 -36.71
CA ARG B 126 -19.38 -3.90 -35.36
C ARG B 126 -19.83 -5.27 -34.87
N ASN B 127 -20.41 -6.07 -35.76
CA ASN B 127 -20.86 -7.40 -35.41
C ASN B 127 -19.78 -8.23 -34.73
N ILE B 128 -18.63 -8.34 -35.39
CA ILE B 128 -17.49 -9.08 -34.86
C ILE B 128 -17.17 -8.63 -33.44
N LYS B 129 -17.16 -7.32 -33.22
CA LYS B 129 -16.88 -6.81 -31.87
C LYS B 129 -17.93 -7.25 -30.87
N ASP B 130 -19.21 -7.20 -31.27
CA ASP B 130 -20.29 -7.60 -30.36
C ASP B 130 -20.19 -9.08 -30.01
N LEU B 131 -19.88 -9.93 -30.99
CA LEU B 131 -19.69 -11.35 -30.69
C LEU B 131 -18.53 -11.57 -29.74
N LYS B 132 -17.41 -10.86 -29.96
CA LYS B 132 -16.27 -11.02 -29.07
C LYS B 132 -16.56 -10.55 -27.65
N LEU B 133 -17.43 -9.57 -27.46
CA LEU B 133 -17.86 -9.17 -26.12
C LEU B 133 -18.83 -10.15 -25.48
N ALA B 134 -19.78 -10.68 -26.26
CA ALA B 134 -20.72 -11.66 -25.71
C ALA B 134 -20.02 -12.92 -25.24
N PHE B 135 -19.03 -13.40 -26.01
CA PHE B 135 -18.31 -14.60 -25.59
C PHE B 135 -17.53 -14.36 -24.30
N SER B 136 -16.95 -13.17 -24.15
CA SER B 136 -16.24 -12.84 -22.91
C SER B 136 -17.18 -12.85 -21.71
N GLU B 137 -18.37 -12.27 -21.87
CA GLU B 137 -19.33 -12.30 -20.76
C GLU B 137 -19.76 -13.72 -20.41
N PHE B 138 -19.97 -14.56 -21.43
CA PHE B 138 -20.32 -15.95 -21.17
C PHE B 138 -19.22 -16.67 -20.39
N TYR B 139 -17.97 -16.45 -20.79
CA TYR B 139 -16.84 -17.05 -20.07
C TYR B 139 -16.80 -16.58 -18.62
N LEU B 140 -17.06 -15.29 -18.39
CA LEU B 140 -17.06 -14.77 -17.03
C LEU B 140 -18.13 -15.45 -16.18
N SER B 141 -19.32 -15.65 -16.75
CA SER B 141 -20.38 -16.33 -16.00
C SER B 141 -19.98 -17.76 -15.64
N LEU B 142 -19.38 -18.49 -16.58
CA LEU B 142 -18.92 -19.84 -16.27
C LEU B 142 -17.90 -19.85 -15.15
N ILE B 143 -16.95 -18.90 -15.17
CA ILE B 143 -15.93 -18.83 -14.13
C ILE B 143 -16.58 -18.56 -12.78
N LEU B 144 -17.57 -17.66 -12.73
CA LEU B 144 -18.23 -17.38 -11.47
C LEU B 144 -18.92 -18.62 -10.91
N LEU B 145 -19.57 -19.40 -11.77
CA LEU B 145 -20.21 -20.63 -11.30
C LEU B 145 -19.19 -21.61 -10.74
N GLN B 146 -18.05 -21.75 -11.41
CA GLN B 146 -17.00 -22.65 -10.91
C GLN B 146 -16.51 -22.22 -9.54
N ASN B 147 -16.27 -20.92 -9.36
CA ASN B 147 -15.83 -20.42 -8.06
C ASN B 147 -16.89 -20.67 -6.98
N TYR B 148 -18.17 -20.55 -7.36
CA TYR B 148 -19.26 -20.87 -6.43
C TYR B 148 -19.14 -22.30 -5.92
N GLN B 149 -18.97 -23.25 -6.85
CA GLN B 149 -18.82 -24.65 -6.44
C GLN B 149 -17.65 -24.83 -5.48
N ASN B 150 -16.49 -24.28 -5.83
CA ASN B 150 -15.30 -24.48 -5.01
C ASN B 150 -15.49 -23.92 -3.60
N LEU B 151 -16.00 -22.69 -3.49
CA LEU B 151 -16.17 -22.09 -2.17
C LEU B 151 -17.16 -22.88 -1.32
N ASN B 152 -18.26 -23.35 -1.93
CA ASN B 152 -19.23 -24.09 -1.15
C ASN B 152 -18.65 -25.40 -0.61
N PHE B 153 -17.89 -26.12 -1.43
CA PHE B 153 -17.28 -27.36 -0.93
C PHE B 153 -16.29 -27.07 0.19
N THR B 154 -15.46 -26.03 0.03
CA THR B 154 -14.51 -25.71 1.09
C THR B 154 -15.23 -25.36 2.39
N GLY B 155 -16.32 -24.62 2.30
CA GLY B 155 -17.08 -24.27 3.50
C GLY B 155 -17.63 -25.48 4.21
N PHE B 156 -18.25 -26.40 3.45
CA PHE B 156 -18.73 -27.64 4.07
C PHE B 156 -17.61 -28.39 4.78
N ARG B 157 -16.49 -28.57 4.10
CA ARG B 157 -15.40 -29.35 4.69
C ARG B 157 -14.91 -28.72 5.98
N LYS B 158 -14.69 -27.40 5.98
CA LYS B 158 -14.13 -26.76 7.16
C LYS B 158 -15.12 -26.75 8.31
N ILE B 159 -16.41 -26.50 8.03
CA ILE B 159 -17.37 -26.48 9.13
C ILE B 159 -17.56 -27.87 9.73
N LEU B 160 -17.52 -28.92 8.90
CA LEU B 160 -17.64 -30.26 9.45
C LEU B 160 -16.42 -30.64 10.28
N LYS B 161 -15.23 -30.22 9.84
CA LYS B 161 -14.05 -30.46 10.65
C LYS B 161 -14.14 -29.74 11.99
N LYS B 162 -14.62 -28.50 12.01
CA LYS B 162 -14.81 -27.78 13.28
C LYS B 162 -15.81 -28.50 14.15
N HIS B 163 -16.91 -28.99 13.57
CA HIS B 163 -17.84 -29.80 14.35
C HIS B 163 -17.16 -30.99 15.01
N ASP B 164 -16.41 -31.77 14.23
CA ASP B 164 -15.75 -32.95 14.80
C ASP B 164 -14.75 -32.56 15.87
N LYS B 165 -14.16 -31.38 15.75
CA LYS B 165 -13.24 -30.90 16.78
C LYS B 165 -13.98 -30.55 18.06
N ILE B 166 -15.09 -29.81 17.96
CA ILE B 166 -15.74 -29.25 19.14
C ILE B 166 -16.38 -30.35 19.98
N LEU B 167 -17.15 -31.23 19.35
CA LEU B 167 -17.87 -32.26 20.10
C LEU B 167 -17.07 -33.55 20.26
N GLU B 168 -15.86 -33.62 19.73
CA GLU B 168 -14.98 -34.77 19.90
C GLU B 168 -15.65 -36.06 19.43
N THR B 169 -16.23 -36.03 18.24
CA THR B 169 -16.83 -37.20 17.61
C THR B 169 -16.50 -37.20 16.13
N SER B 170 -16.60 -38.39 15.53
CA SER B 170 -16.24 -38.57 14.13
C SER B 170 -17.44 -38.66 13.20
N ARG B 171 -18.61 -38.15 13.61
CA ARG B 171 -19.79 -38.20 12.76
C ARG B 171 -19.64 -37.32 11.54
N GLY B 172 -19.03 -36.14 11.70
CA GLY B 172 -18.93 -35.20 10.60
C GLY B 172 -18.05 -35.72 9.47
N ALA B 173 -16.96 -36.42 9.81
CA ALA B 173 -16.07 -36.94 8.79
C ALA B 173 -16.78 -37.95 7.90
N ASP B 174 -17.60 -38.81 8.49
CA ASP B 174 -18.36 -39.77 7.69
C ASP B 174 -19.51 -39.11 6.96
N TRP B 175 -20.14 -38.10 7.58
CA TRP B 175 -21.23 -37.40 6.91
C TRP B 175 -20.74 -36.68 5.67
N ARG B 176 -19.54 -36.12 5.71
CA ARG B 176 -19.00 -35.44 4.53
C ARG B 176 -18.84 -36.41 3.37
N VAL B 177 -18.33 -37.61 3.64
CA VAL B 177 -18.13 -38.60 2.58
C VAL B 177 -19.46 -39.14 2.08
N ALA B 178 -20.41 -39.37 2.99
CA ALA B 178 -21.66 -40.03 2.61
C ALA B 178 -22.51 -39.16 1.70
N HIS B 179 -22.61 -37.86 1.98
CA HIS B 179 -23.54 -36.99 1.28
C HIS B 179 -22.86 -35.96 0.38
N VAL B 180 -21.89 -35.21 0.92
CA VAL B 180 -21.36 -34.07 0.19
C VAL B 180 -20.58 -34.52 -1.05
N GLU B 181 -19.74 -35.54 -0.90
CA GLU B 181 -18.91 -35.98 -2.02
C GLU B 181 -19.75 -36.71 -3.07
N VAL B 182 -20.96 -37.13 -2.71
CA VAL B 182 -21.85 -37.76 -3.66
C VAL B 182 -22.75 -36.72 -4.34
N ALA B 183 -22.84 -35.53 -3.75
CA ALA B 183 -23.80 -34.53 -4.21
C ALA B 183 -23.52 -34.11 -5.65
N PRO B 184 -24.56 -33.87 -6.44
CA PRO B 184 -24.35 -33.57 -7.87
C PRO B 184 -23.54 -32.31 -8.13
N PHE B 185 -23.67 -31.28 -7.29
CA PHE B 185 -22.93 -30.05 -7.53
C PHE B 185 -21.43 -30.27 -7.43
N TYR B 186 -21.02 -31.29 -6.68
CA TYR B 186 -19.60 -31.62 -6.58
C TYR B 186 -19.16 -32.51 -7.74
N THR B 187 -20.06 -33.38 -8.21
CA THR B 187 -19.67 -34.40 -9.19
C THR B 187 -19.75 -33.88 -10.62
N CYS B 188 -20.79 -33.11 -10.93
CA CYS B 188 -21.06 -32.71 -12.31
C CYS B 188 -19.88 -31.98 -12.95
N LYS B 189 -19.52 -32.38 -14.17
CA LYS B 189 -18.31 -31.91 -14.83
C LYS B 189 -18.60 -31.21 -16.15
N LYS B 190 -19.84 -30.75 -16.36
CA LYS B 190 -20.18 -30.11 -17.62
C LYS B 190 -19.59 -28.71 -17.73
N ILE B 191 -19.33 -28.08 -16.59
CA ILE B 191 -18.83 -26.70 -16.59
C ILE B 191 -17.44 -26.63 -17.22
N ASN B 192 -16.58 -27.61 -16.91
CA ASN B 192 -15.24 -27.60 -17.47
C ASN B 192 -15.26 -27.85 -18.98
N GLN B 193 -16.15 -28.74 -19.43
CA GLN B 193 -16.29 -28.95 -20.86
C GLN B 193 -16.78 -27.69 -21.56
N LEU B 194 -17.73 -26.98 -20.94
CA LEU B 194 -18.19 -25.71 -21.51
C LEU B 194 -17.06 -24.69 -21.59
N ILE B 195 -16.23 -24.62 -20.54
CA ILE B 195 -15.12 -23.67 -20.52
C ILE B 195 -14.13 -24.00 -21.63
N SER B 196 -13.83 -25.28 -21.83
CA SER B 196 -12.90 -25.65 -22.90
C SER B 196 -13.49 -25.34 -24.28
N GLU B 197 -14.77 -25.67 -24.49
CA GLU B 197 -15.39 -25.43 -25.79
C GLU B 197 -15.42 -23.95 -26.13
N THR B 198 -15.75 -23.10 -25.15
CA THR B 198 -15.85 -21.66 -25.44
C THR B 198 -14.51 -21.11 -25.91
N GLU B 199 -13.42 -21.45 -25.23
CA GLU B 199 -12.13 -20.91 -25.62
C GLU B 199 -11.63 -21.52 -26.92
N ALA B 200 -11.97 -22.79 -27.18
CA ALA B 200 -11.63 -23.38 -28.48
C ALA B 200 -12.34 -22.64 -29.62
N VAL B 201 -13.63 -22.34 -29.44
CA VAL B 201 -14.38 -21.63 -30.48
C VAL B 201 -13.84 -20.23 -30.67
N VAL B 202 -13.54 -19.53 -29.57
CA VAL B 202 -13.00 -18.17 -29.70
C VAL B 202 -11.65 -18.21 -30.39
N THR B 203 -10.81 -19.19 -30.06
CA THR B 203 -9.49 -19.28 -30.68
C THR B 203 -9.58 -19.55 -32.17
N ASN B 204 -10.45 -20.48 -32.57
CA ASN B 204 -10.49 -20.88 -33.98
C ASN B 204 -11.26 -19.87 -34.83
N GLU B 205 -12.52 -19.61 -34.46
CA GLU B 205 -13.40 -18.88 -35.38
C GLU B 205 -13.06 -17.39 -35.45
N LEU B 206 -12.77 -16.77 -34.31
CA LEU B 206 -12.61 -15.31 -34.28
C LEU B 206 -11.16 -14.85 -34.37
N GLU B 207 -10.24 -15.46 -33.61
CA GLU B 207 -8.87 -15.00 -33.54
C GLU B 207 -7.96 -15.65 -34.57
N ASP B 208 -8.50 -16.52 -35.43
CA ASP B 208 -7.73 -17.16 -36.50
C ASP B 208 -6.57 -17.98 -35.94
N GLY B 209 -6.84 -18.77 -34.91
CA GLY B 209 -5.90 -19.75 -34.43
C GLY B 209 -4.85 -19.28 -33.44
N ASP B 210 -4.88 -18.01 -33.04
CA ASP B 210 -3.91 -17.47 -32.09
C ASP B 210 -4.50 -17.62 -30.68
N ARG B 211 -3.99 -18.59 -29.93
CA ARG B 211 -4.54 -18.85 -28.60
C ARG B 211 -4.15 -17.76 -27.60
N GLN B 212 -2.98 -17.15 -27.78
CA GLN B 212 -2.51 -16.17 -26.81
C GLN B 212 -3.42 -14.95 -26.75
N LYS B 213 -3.80 -14.42 -27.91
CA LYS B 213 -4.68 -13.25 -27.93
C LYS B 213 -6.05 -13.58 -27.34
N ALA B 214 -6.58 -14.76 -27.66
CA ALA B 214 -7.89 -15.14 -27.13
C ALA B 214 -7.85 -15.30 -25.62
N MET B 215 -6.79 -15.93 -25.10
CA MET B 215 -6.71 -16.16 -23.67
C MET B 215 -6.41 -14.86 -22.91
N LYS B 216 -5.74 -13.91 -23.56
CA LYS B 216 -5.57 -12.59 -22.95
C LYS B 216 -6.91 -11.90 -22.78
N ARG B 217 -7.82 -12.10 -23.73
CA ARG B 217 -9.13 -11.49 -23.66
C ARG B 217 -10.04 -12.22 -22.67
N LEU B 218 -9.88 -13.53 -22.56
CA LEU B 218 -10.84 -14.34 -21.81
C LEU B 218 -10.46 -14.46 -20.34
N ARG B 219 -9.19 -14.27 -20.01
CA ARG B 219 -8.71 -14.55 -18.65
C ARG B 219 -9.30 -13.56 -17.64
N VAL B 220 -9.64 -14.07 -16.47
CA VAL B 220 -10.34 -13.32 -15.42
C VAL B 220 -9.39 -13.16 -14.24
N PRO B 221 -9.07 -11.94 -13.83
CA PRO B 221 -8.27 -11.73 -12.62
C PRO B 221 -9.14 -11.76 -11.38
N PRO B 222 -8.56 -11.64 -10.19
CA PRO B 222 -9.39 -11.53 -8.98
C PRO B 222 -10.32 -10.31 -9.05
N LEU B 223 -11.52 -10.49 -8.52
CA LEU B 223 -12.60 -9.52 -8.69
C LEU B 223 -13.14 -9.07 -7.33
N GLY B 224 -13.89 -8.00 -7.35
CA GLY B 224 -14.59 -7.52 -6.15
C GLY B 224 -13.65 -6.75 -5.23
N ALA B 225 -13.73 -7.06 -3.93
CA ALA B 225 -12.89 -6.44 -2.91
C ALA B 225 -11.75 -7.37 -2.50
N ALA B 226 -11.21 -8.14 -3.45
CA ALA B 226 -10.18 -9.12 -3.12
C ALA B 226 -8.83 -8.78 -3.74
N GLN B 227 -8.62 -7.54 -4.18
CA GLN B 227 -7.36 -7.12 -4.75
C GLN B 227 -6.89 -5.84 -4.07
N PRO B 228 -5.62 -5.77 -3.64
CA PRO B 228 -5.10 -4.53 -3.07
C PRO B 228 -4.50 -3.63 -4.13
N ALA B 229 -4.67 -2.33 -3.94
CA ALA B 229 -4.07 -1.35 -4.82
C ALA B 229 -2.55 -1.33 -4.61
N PRO B 230 -1.80 -1.04 -5.67
CA PRO B 230 -0.33 -1.04 -5.56
C PRO B 230 0.15 0.02 -4.57
N ALA B 231 1.29 -0.28 -3.97
CA ALA B 231 1.89 0.61 -2.98
C ALA B 231 2.26 1.97 -3.54
N TRP B 232 2.65 2.04 -4.82
CA TRP B 232 3.01 3.32 -5.42
C TRP B 232 1.81 4.23 -5.62
N THR B 233 0.60 3.70 -5.54
CA THR B 233 -0.58 4.55 -5.60
C THR B 233 -0.94 5.10 -4.23
N THR B 234 -0.85 4.26 -3.19
CA THR B 234 -1.09 4.74 -1.83
C THR B 234 -0.06 5.77 -1.41
N PHE B 235 1.21 5.56 -1.80
CA PHE B 235 2.25 6.54 -1.49
C PHE B 235 1.92 7.89 -2.10
N ARG B 236 1.50 7.90 -3.37
CA ARG B 236 1.17 9.16 -4.04
C ARG B 236 -0.07 9.82 -3.43
N VAL B 237 -1.07 9.02 -3.05
CA VAL B 237 -2.24 9.58 -2.38
C VAL B 237 -1.82 10.30 -1.11
N GLY B 238 -1.00 9.65 -0.28
CA GLY B 238 -0.56 10.28 0.95
C GLY B 238 0.30 11.51 0.72
N LEU B 239 1.18 11.45 -0.27
CA LEU B 239 2.05 12.59 -0.58
C LEU B 239 1.23 13.81 -0.97
N PHE B 240 0.27 13.63 -1.89
CA PHE B 240 -0.56 14.74 -2.31
C PHE B 240 -1.41 15.27 -1.17
N CYS B 241 -1.93 14.39 -0.32
CA CYS B 241 -2.72 14.85 0.82
C CYS B 241 -1.88 15.70 1.78
N GLY B 242 -0.66 15.29 2.07
CA GLY B 242 0.19 16.07 2.96
C GLY B 242 0.54 17.44 2.39
N ILE B 243 0.92 17.47 1.11
CA ILE B 243 1.22 18.75 0.48
C ILE B 243 0.00 19.67 0.50
N PHE B 244 -1.18 19.11 0.21
CA PHE B 244 -2.41 19.91 0.23
C PHE B 244 -2.67 20.49 1.62
N ILE B 245 -2.47 19.69 2.67
CA ILE B 245 -2.72 20.16 4.03
C ILE B 245 -1.80 21.33 4.37
N VAL B 246 -0.51 21.18 4.09
CA VAL B 246 0.43 22.24 4.45
C VAL B 246 0.16 23.51 3.65
N LEU B 247 -0.19 23.36 2.36
CA LEU B 247 -0.53 24.53 1.56
C LEU B 247 -1.77 25.24 2.08
N ASN B 248 -2.78 24.48 2.57
CA ASN B 248 -3.95 25.11 3.16
C ASN B 248 -3.59 25.92 4.39
N ILE B 249 -2.75 25.36 5.26
CA ILE B 249 -2.35 26.09 6.47
C ILE B 249 -1.63 27.38 6.09
N THR B 250 -0.68 27.31 5.16
CA THR B 250 0.03 28.50 4.71
C THR B 250 -0.91 29.51 4.06
N LEU B 251 -1.89 29.06 3.28
CA LEU B 251 -2.86 29.96 2.66
C LEU B 251 -3.66 30.72 3.71
N VAL B 252 -4.12 30.03 4.74
CA VAL B 252 -4.89 30.70 5.80
C VAL B 252 -4.01 31.72 6.53
N LEU B 253 -2.77 31.34 6.86
CA LEU B 253 -1.90 32.29 7.55
C LEU B 253 -1.64 33.54 6.70
N ALA B 254 -1.33 33.35 5.42
CA ALA B 254 -1.07 34.48 4.55
C ALA B 254 -2.32 35.36 4.39
N ALA B 255 -3.49 34.74 4.30
CA ALA B 255 -4.73 35.52 4.18
C ALA B 255 -4.99 36.35 5.43
N VAL B 256 -4.69 35.79 6.61
CA VAL B 256 -4.90 36.51 7.85
C VAL B 256 -3.89 37.65 7.99
N PHE B 257 -2.66 37.44 7.53
CA PHE B 257 -1.58 38.37 7.85
C PHE B 257 -1.11 39.25 6.71
N LYS B 258 -1.71 39.19 5.52
CA LYS B 258 -1.19 40.00 4.42
C LYS B 258 -2.27 40.76 3.67
N LEU B 259 -3.51 40.26 3.70
CA LEU B 259 -4.59 40.90 2.95
C LEU B 259 -4.91 42.28 3.53
N GLU B 260 -5.15 43.24 2.64
CA GLU B 260 -5.47 44.60 3.01
C GLU B 260 -6.98 44.76 3.23
N THR B 261 -7.35 45.82 3.95
CA THR B 261 -8.76 46.11 4.17
C THR B 261 -9.41 46.69 2.92
N ASP B 262 -8.72 47.58 2.21
CA ASP B 262 -9.31 48.26 1.06
C ASP B 262 -9.51 47.32 -0.13
N ARG B 263 -8.68 46.29 -0.26
CA ARG B 263 -8.77 45.40 -1.42
C ARG B 263 -10.09 44.64 -1.42
N SER B 264 -10.68 44.50 -2.60
CA SER B 264 -11.93 43.77 -2.77
C SER B 264 -11.63 42.33 -3.15
N ILE B 265 -12.15 41.39 -2.37
CA ILE B 265 -11.86 39.97 -2.58
C ILE B 265 -13.00 39.23 -3.25
N TRP B 266 -14.15 39.88 -3.45
CA TRP B 266 -15.32 39.15 -3.92
C TRP B 266 -15.16 38.56 -5.33
N PRO B 267 -14.63 39.27 -6.32
CA PRO B 267 -14.37 38.60 -7.61
C PRO B 267 -13.44 37.40 -7.47
N LEU B 268 -12.44 37.49 -6.58
CA LEU B 268 -11.52 36.38 -6.38
C LEU B 268 -12.23 35.15 -5.83
N ILE B 269 -13.11 35.36 -4.83
CA ILE B 269 -13.89 34.26 -4.27
C ILE B 269 -14.80 33.67 -5.33
N ARG B 270 -15.48 34.52 -6.10
CA ARG B 270 -16.40 34.04 -7.11
C ARG B 270 -15.67 33.30 -8.23
N ILE B 271 -14.37 33.56 -8.38
CA ILE B 271 -13.61 32.85 -9.42
C ILE B 271 -13.14 31.49 -8.91
N TYR B 272 -12.69 31.41 -7.64
CA TYR B 272 -12.12 30.17 -7.14
C TYR B 272 -13.14 29.22 -6.50
N ARG B 273 -14.38 29.68 -6.33
CA ARG B 273 -15.42 28.82 -5.77
C ARG B 273 -15.65 27.57 -6.61
N GLY B 274 -15.68 27.71 -7.94
CA GLY B 274 -15.96 26.57 -8.80
C GLY B 274 -14.90 25.48 -8.72
N GLY B 275 -13.63 25.88 -8.72
CA GLY B 275 -12.57 24.89 -8.56
C GLY B 275 -12.64 24.20 -7.22
N PHE B 276 -12.93 24.94 -6.15
CA PHE B 276 -13.07 24.29 -4.86
C PHE B 276 -14.19 23.25 -4.89
N LEU B 277 -15.33 23.61 -5.49
CA LEU B 277 -16.47 22.67 -5.54
C LEU B 277 -16.12 21.43 -6.34
N LEU B 278 -15.42 21.58 -7.45
CA LEU B 278 -15.05 20.42 -8.25
C LEU B 278 -14.12 19.47 -7.48
N ILE B 279 -13.14 20.03 -6.78
CA ILE B 279 -12.23 19.19 -6.01
C ILE B 279 -12.98 18.46 -4.90
N GLU B 280 -13.88 19.15 -4.20
CA GLU B 280 -14.66 18.51 -3.16
C GLU B 280 -15.53 17.39 -3.72
N PHE B 281 -16.12 17.61 -4.89
CA PHE B 281 -16.96 16.58 -5.50
C PHE B 281 -16.16 15.33 -5.82
N LEU B 282 -14.96 15.49 -6.40
CA LEU B 282 -14.14 14.31 -6.69
C LEU B 282 -13.75 13.58 -5.40
N PHE B 283 -13.34 14.30 -4.38
CA PHE B 283 -12.97 13.68 -3.11
C PHE B 283 -14.13 12.90 -2.51
N LEU B 284 -15.34 13.44 -2.56
CA LEU B 284 -16.50 12.72 -2.00
C LEU B 284 -16.89 11.52 -2.86
N LEU B 285 -16.67 11.62 -4.17
CA LEU B 285 -16.98 10.54 -5.09
C LEU B 285 -16.09 9.34 -4.77
N GLY B 286 -14.85 9.60 -4.41
CA GLY B 286 -13.96 8.52 -3.98
C GLY B 286 -14.51 7.73 -2.80
N ILE B 287 -15.05 8.43 -1.79
CA ILE B 287 -15.63 7.75 -0.64
C ILE B 287 -16.89 6.98 -1.03
N ASN B 288 -17.68 7.54 -1.95
CA ASN B 288 -18.83 6.78 -2.46
C ASN B 288 -18.38 5.46 -3.05
N THR B 289 -17.34 5.48 -3.88
CA THR B 289 -16.86 4.25 -4.50
C THR B 289 -16.35 3.26 -3.45
N TYR B 290 -15.64 3.75 -2.44
CA TYR B 290 -15.18 2.87 -1.37
C TYR B 290 -16.33 2.20 -0.65
N GLY B 291 -17.37 2.97 -0.31
CA GLY B 291 -18.52 2.39 0.37
C GLY B 291 -19.26 1.38 -0.48
N TRP B 292 -19.43 1.68 -1.77
CA TRP B 292 -20.08 0.72 -2.67
C TRP B 292 -19.29 -0.58 -2.75
N ARG B 293 -17.96 -0.48 -2.86
CA ARG B 293 -17.15 -1.70 -2.93
C ARG B 293 -17.24 -2.51 -1.65
N GLN B 294 -17.19 -1.84 -0.49
CA GLN B 294 -17.17 -2.58 0.77
C GLN B 294 -18.51 -3.21 1.09
N ALA B 295 -19.61 -2.46 0.92
CA ALA B 295 -20.91 -2.96 1.34
C ALA B 295 -21.46 -4.07 0.45
N GLY B 296 -20.87 -4.30 -0.71
CA GLY B 296 -21.36 -5.32 -1.62
C GLY B 296 -22.27 -4.83 -2.72
N VAL B 297 -22.40 -3.52 -2.91
CA VAL B 297 -23.21 -2.98 -3.99
C VAL B 297 -22.39 -3.02 -5.27
N ASN B 298 -22.92 -3.68 -6.29
CA ASN B 298 -22.20 -3.90 -7.55
C ASN B 298 -22.47 -2.74 -8.49
N HIS B 299 -21.67 -1.69 -8.36
CA HIS B 299 -21.79 -0.56 -9.26
C HIS B 299 -21.16 -0.81 -10.63
N VAL B 300 -20.30 -1.83 -10.74
CA VAL B 300 -19.70 -2.16 -12.02
C VAL B 300 -20.75 -2.70 -12.98
N LEU B 301 -21.68 -3.53 -12.47
CA LEU B 301 -22.73 -4.06 -13.32
C LEU B 301 -23.75 -2.98 -13.67
N ILE B 302 -24.04 -2.08 -12.73
CA ILE B 302 -25.05 -1.06 -12.96
C ILE B 302 -24.55 -0.01 -13.96
N PHE B 303 -23.32 0.44 -13.79
CA PHE B 303 -22.76 1.41 -14.72
C PHE B 303 -22.29 0.79 -16.02
N GLU B 304 -22.26 -0.54 -16.11
CA GLU B 304 -21.82 -1.28 -17.30
C GLU B 304 -20.36 -0.96 -17.63
N LEU B 305 -19.50 -1.04 -16.63
CA LEU B 305 -18.07 -0.89 -16.83
C LEU B 305 -17.43 -2.24 -17.12
N ASN B 306 -16.15 -2.21 -17.47
CA ASN B 306 -15.42 -3.43 -17.76
C ASN B 306 -15.19 -4.20 -16.46
N PRO B 307 -15.65 -5.45 -16.35
CA PRO B 307 -15.48 -6.19 -15.09
C PRO B 307 -14.04 -6.56 -14.78
N ARG B 308 -13.11 -6.40 -15.71
CA ARG B 308 -11.71 -6.77 -15.48
C ARG B 308 -10.76 -5.59 -15.42
N SER B 309 -11.23 -4.37 -15.68
CA SER B 309 -10.38 -3.18 -15.64
C SER B 309 -11.26 -1.98 -15.30
N ASN B 310 -11.10 -1.45 -14.10
CA ASN B 310 -11.88 -0.28 -13.68
C ASN B 310 -11.18 0.40 -12.51
N LEU B 311 -11.47 1.68 -12.33
CA LEU B 311 -10.80 2.48 -11.32
C LEU B 311 -11.26 2.11 -9.92
N SER B 312 -10.36 2.20 -8.96
CA SER B 312 -10.69 2.07 -7.55
C SER B 312 -10.80 3.45 -6.93
N HIS B 313 -10.96 3.50 -5.60
CA HIS B 313 -11.06 4.78 -4.91
C HIS B 313 -9.71 5.47 -4.78
N GLN B 314 -8.60 4.72 -4.81
CA GLN B 314 -7.29 5.31 -4.70
C GLN B 314 -6.99 6.25 -5.86
N HIS B 315 -7.40 5.88 -7.07
CA HIS B 315 -7.14 6.72 -8.24
C HIS B 315 -7.93 8.02 -8.17
N LEU B 316 -9.17 7.96 -7.70
CA LEU B 316 -9.96 9.19 -7.53
C LEU B 316 -9.36 10.09 -6.46
N PHE B 317 -8.88 9.50 -5.36
CA PHE B 317 -8.19 10.29 -4.34
C PHE B 317 -6.93 10.93 -4.91
N GLU B 318 -6.24 10.19 -5.75
CA GLU B 318 -5.02 10.62 -6.42
C GLU B 318 -5.25 11.83 -7.31
N ILE B 319 -6.32 11.81 -8.11
CA ILE B 319 -6.68 12.90 -9.00
C ILE B 319 -7.13 14.12 -8.20
N ALA B 320 -7.97 13.90 -7.18
CA ALA B 320 -8.45 15.01 -6.38
C ALA B 320 -7.31 15.74 -5.69
N GLY B 321 -6.35 15.00 -5.11
CA GLY B 321 -5.23 15.65 -4.46
C GLY B 321 -4.36 16.41 -5.43
N PHE B 322 -4.10 15.83 -6.61
CA PHE B 322 -3.26 16.52 -7.59
C PHE B 322 -3.89 17.82 -8.04
N LEU B 323 -5.21 17.83 -8.26
CA LEU B 323 -5.85 19.07 -8.67
C LEU B 323 -5.91 20.07 -7.52
N GLY B 324 -6.07 19.61 -6.29
CA GLY B 324 -6.08 20.51 -5.15
C GLY B 324 -4.75 21.22 -4.97
N ILE B 325 -3.64 20.53 -5.25
CA ILE B 325 -2.34 21.17 -5.16
C ILE B 325 -2.24 22.34 -6.13
N LEU B 326 -2.69 22.15 -7.38
CA LEU B 326 -2.64 23.23 -8.36
C LEU B 326 -3.55 24.38 -7.98
N TRP B 327 -4.74 24.08 -7.46
CA TRP B 327 -5.64 25.13 -7.01
C TRP B 327 -4.99 25.98 -5.91
N CYS B 328 -4.38 25.31 -4.93
CA CYS B 328 -3.73 26.02 -3.84
C CYS B 328 -2.56 26.86 -4.33
N LEU B 329 -1.74 26.31 -5.23
CA LEU B 329 -0.59 27.06 -5.75
C LEU B 329 -1.05 28.30 -6.51
N SER B 330 -2.09 28.18 -7.34
CA SER B 330 -2.58 29.33 -8.09
C SER B 330 -3.13 30.41 -7.17
N LEU B 331 -3.95 30.02 -6.18
CA LEU B 331 -4.48 31.02 -5.25
C LEU B 331 -3.36 31.70 -4.46
N LEU B 332 -2.38 30.92 -4.01
CA LEU B 332 -1.28 31.47 -3.24
C LEU B 332 -0.44 32.43 -4.07
N ALA B 333 -0.19 32.10 -5.33
CA ALA B 333 0.51 33.03 -6.21
C ALA B 333 -0.31 34.28 -6.47
N CYS B 334 -1.64 34.16 -6.43
CA CYS B 334 -2.47 35.35 -6.59
C CYS B 334 -2.36 36.26 -5.38
N PHE B 335 -2.27 35.69 -4.18
CA PHE B 335 -2.08 36.51 -2.98
C PHE B 335 -0.73 37.22 -2.98
N PHE B 336 0.35 36.48 -3.22
CA PHE B 336 1.69 37.04 -3.28
C PHE B 336 1.99 37.55 -4.68
N ALA B 337 3.26 37.82 -4.96
CA ALA B 337 3.68 38.19 -6.31
C ALA B 337 5.08 37.65 -6.57
N PRO B 338 5.22 36.35 -6.86
CA PRO B 338 6.57 35.76 -7.01
C PRO B 338 7.25 36.21 -8.29
N ILE B 339 6.51 36.85 -9.19
CA ILE B 339 7.07 37.36 -10.43
C ILE B 339 6.73 38.84 -10.50
N SER B 340 7.67 39.67 -10.98
CA SER B 340 7.48 41.11 -10.95
C SER B 340 7.04 41.67 -12.29
N VAL B 341 6.82 40.80 -13.27
CA VAL B 341 6.41 41.25 -14.60
C VAL B 341 5.11 40.61 -15.09
N ILE B 342 4.74 39.44 -14.58
CA ILE B 342 3.51 38.76 -15.02
C ILE B 342 2.31 39.41 -14.34
N PRO B 343 1.29 39.80 -15.09
CA PRO B 343 0.08 40.38 -14.46
C PRO B 343 -0.61 39.36 -13.58
N THR B 344 -1.29 39.87 -12.55
CA THR B 344 -1.88 39.01 -11.53
C THR B 344 -3.16 38.33 -11.98
N TYR B 345 -3.68 38.63 -13.17
CA TYR B 345 -4.96 38.09 -13.62
C TYR B 345 -4.84 36.93 -14.59
N VAL B 346 -3.65 36.34 -14.74
CA VAL B 346 -3.49 35.19 -15.63
C VAL B 346 -3.40 33.87 -14.88
N TYR B 347 -3.33 33.89 -13.56
CA TYR B 347 -3.24 32.64 -12.79
C TYR B 347 -4.52 31.81 -12.86
N PRO B 348 -5.73 32.36 -12.66
CA PRO B 348 -6.93 31.52 -12.86
C PRO B 348 -7.06 31.00 -14.28
N LEU B 349 -6.64 31.80 -15.26
CA LEU B 349 -6.66 31.34 -16.65
C LEU B 349 -5.77 30.12 -16.83
N ALA B 350 -4.56 30.15 -16.29
CA ALA B 350 -3.67 29.01 -16.39
C ALA B 350 -4.24 27.79 -15.67
N LEU B 351 -4.82 28.01 -14.49
CA LEU B 351 -5.38 26.91 -13.73
C LEU B 351 -6.49 26.19 -14.51
N TYR B 352 -7.47 26.96 -14.99
CA TYR B 352 -8.57 26.33 -15.70
C TYR B 352 -8.17 25.79 -17.08
N GLY B 353 -7.22 26.43 -17.76
CA GLY B 353 -6.70 25.88 -18.99
C GLY B 353 -6.02 24.54 -18.78
N PHE B 354 -5.22 24.43 -17.71
CA PHE B 354 -4.59 23.15 -17.42
C PHE B 354 -5.62 22.09 -17.08
N MET B 355 -6.66 22.45 -16.31
CA MET B 355 -7.71 21.47 -16.01
C MET B 355 -8.37 20.97 -17.30
N VAL B 356 -8.72 21.89 -18.19
CA VAL B 356 -9.38 21.49 -19.44
C VAL B 356 -8.46 20.62 -20.28
N PHE B 357 -7.18 21.00 -20.39
CA PHE B 357 -6.25 20.19 -21.18
C PHE B 357 -6.03 18.81 -20.57
N PHE B 358 -6.02 18.71 -19.25
CA PHE B 358 -5.92 17.40 -18.62
C PHE B 358 -7.12 16.54 -18.97
N LEU B 359 -8.32 17.13 -19.02
CA LEU B 359 -9.50 16.34 -19.37
C LEU B 359 -9.42 15.84 -20.82
N ILE B 360 -9.00 16.68 -21.76
CA ILE B 360 -9.13 16.38 -23.18
C ILE B 360 -7.77 16.05 -23.81
N ASN B 361 -6.83 15.54 -23.04
CA ASN B 361 -5.54 15.14 -23.57
C ASN B 361 -5.70 13.99 -24.55
N PRO B 362 -5.26 14.14 -25.80
CA PRO B 362 -5.44 13.04 -26.77
C PRO B 362 -4.37 11.96 -26.70
N THR B 363 -3.28 12.19 -25.98
CA THR B 363 -2.23 11.18 -25.86
C THR B 363 -2.67 10.05 -24.96
N LYS B 364 -2.13 8.85 -25.19
CA LYS B 364 -2.46 7.67 -24.39
C LYS B 364 -1.69 7.66 -23.07
N THR B 365 -1.94 8.68 -22.25
CA THR B 365 -1.32 8.79 -20.93
C THR B 365 -2.33 9.33 -19.94
N PHE B 366 -2.08 9.07 -18.65
CA PHE B 366 -2.81 9.66 -17.53
C PHE B 366 -4.31 9.36 -17.62
N TYR B 367 -4.63 8.07 -17.46
CA TYR B 367 -6.01 7.60 -17.39
C TYR B 367 -6.76 7.86 -18.69
N TYR B 368 -6.20 7.40 -19.81
CA TYR B 368 -6.82 7.74 -21.09
C TYR B 368 -8.16 7.03 -21.27
N LYS B 369 -8.28 5.79 -20.83
CA LYS B 369 -9.55 5.06 -20.99
C LYS B 369 -10.67 5.71 -20.18
N SER B 370 -10.39 6.09 -18.93
CA SER B 370 -11.39 6.73 -18.10
C SER B 370 -11.83 8.06 -18.69
N ARG B 371 -10.87 8.86 -19.15
CA ARG B 371 -11.20 10.17 -19.71
C ARG B 371 -12.01 10.03 -20.99
N PHE B 372 -11.68 9.05 -21.83
CA PHE B 372 -12.43 8.87 -23.07
C PHE B 372 -13.85 8.39 -22.78
N TRP B 373 -14.01 7.49 -21.80
CA TRP B 373 -15.35 7.07 -21.39
C TRP B 373 -16.17 8.25 -20.90
N LEU B 374 -15.57 9.11 -20.07
CA LEU B 374 -16.29 10.26 -19.55
C LEU B 374 -16.62 11.26 -20.65
N LEU B 375 -15.72 11.42 -21.63
CA LEU B 375 -15.98 12.33 -22.73
C LEU B 375 -17.15 11.85 -23.59
N LYS B 376 -17.20 10.54 -23.88
CA LYS B 376 -18.34 10.00 -24.60
C LYS B 376 -19.63 10.18 -23.82
N LEU B 377 -19.58 9.94 -22.50
CA LEU B 377 -20.76 10.13 -21.66
C LEU B 377 -21.24 11.58 -21.69
N LEU B 378 -20.31 12.54 -21.58
CA LEU B 378 -20.68 13.94 -21.59
C LEU B 378 -21.25 14.37 -22.93
N PHE B 379 -20.73 13.83 -24.04
CA PHE B 379 -21.34 14.10 -25.33
C PHE B 379 -22.76 13.55 -25.39
N ARG B 380 -22.98 12.35 -24.85
CA ARG B 380 -24.32 11.76 -24.87
C ARG B 380 -25.31 12.55 -24.02
N VAL B 381 -24.87 13.10 -22.89
CA VAL B 381 -25.79 13.79 -21.99
C VAL B 381 -26.28 15.10 -22.59
N PHE B 382 -25.39 15.86 -23.22
CA PHE B 382 -25.70 17.22 -23.67
C PHE B 382 -26.47 17.26 -24.99
N THR B 383 -26.81 16.11 -25.56
CA THR B 383 -27.64 16.00 -26.76
C THR B 383 -28.83 15.09 -26.48
N ALA B 384 -29.54 15.38 -25.39
CA ALA B 384 -30.40 14.41 -24.74
C ALA B 384 -31.44 13.73 -25.64
N PRO B 385 -32.23 14.44 -26.46
CA PRO B 385 -33.36 13.77 -27.13
C PRO B 385 -32.96 12.69 -28.11
N PHE B 386 -31.73 12.72 -28.63
CA PHE B 386 -31.34 11.88 -29.76
C PHE B 386 -30.58 10.63 -29.36
N HIS B 387 -30.55 10.29 -28.07
CA HIS B 387 -29.84 9.11 -27.60
C HIS B 387 -30.71 8.32 -26.65
N LYS B 388 -30.55 7.01 -26.67
CA LYS B 388 -31.21 6.16 -25.68
C LYS B 388 -30.63 6.40 -24.30
N VAL B 389 -31.49 6.37 -23.28
CA VAL B 389 -31.10 6.75 -21.93
C VAL B 389 -30.78 5.50 -21.13
N GLY B 390 -29.54 5.43 -20.62
CA GLY B 390 -29.14 4.40 -19.69
C GLY B 390 -29.10 4.90 -18.27
N PHE B 391 -28.46 4.11 -17.41
CA PHE B 391 -28.32 4.53 -16.00
C PHE B 391 -27.24 5.58 -15.85
N ALA B 392 -26.15 5.48 -16.62
CA ALA B 392 -25.06 6.43 -16.48
C ALA B 392 -25.47 7.83 -16.90
N ASP B 393 -26.29 7.95 -17.94
CA ASP B 393 -26.75 9.26 -18.39
C ASP B 393 -27.62 9.93 -17.35
N PHE B 394 -28.60 9.19 -16.82
CA PHE B 394 -29.43 9.66 -15.71
C PHE B 394 -28.57 10.13 -14.54
N TRP B 395 -27.61 9.29 -14.12
CA TRP B 395 -26.78 9.60 -12.97
C TRP B 395 -25.96 10.87 -13.19
N LEU B 396 -25.31 10.99 -14.36
CA LEU B 396 -24.47 12.14 -14.62
C LEU B 396 -25.28 13.42 -14.73
N ALA B 397 -26.46 13.36 -15.35
CA ALA B 397 -27.29 14.55 -15.40
C ALA B 397 -27.75 14.96 -14.01
N ASP B 398 -28.01 13.99 -13.13
CA ASP B 398 -28.34 14.32 -11.74
C ASP B 398 -27.18 15.03 -11.05
N GLN B 399 -25.94 14.57 -11.27
CA GLN B 399 -24.80 15.25 -10.66
C GLN B 399 -24.67 16.68 -11.20
N LEU B 400 -24.84 16.86 -12.50
CA LEU B 400 -24.79 18.20 -13.07
C LEU B 400 -25.91 19.09 -12.52
N ASN B 401 -27.02 18.50 -12.11
CA ASN B 401 -28.08 19.27 -11.48
C ASN B 401 -27.63 19.93 -10.18
N SER B 402 -26.72 19.30 -9.45
CA SER B 402 -26.17 19.87 -8.22
C SER B 402 -24.90 20.67 -8.43
N LEU B 403 -24.27 20.56 -9.61
CA LEU B 403 -23.04 21.31 -9.86
C LEU B 403 -23.26 22.54 -10.75
N SER B 404 -24.37 23.28 -10.54
CA SER B 404 -24.66 24.44 -11.39
C SER B 404 -23.97 25.72 -10.94
N VAL B 405 -23.48 25.75 -9.70
CA VAL B 405 -22.72 26.91 -9.24
C VAL B 405 -21.44 27.05 -10.06
N ILE B 406 -20.89 25.94 -10.54
CA ILE B 406 -19.71 25.99 -11.40
C ILE B 406 -20.06 26.69 -12.71
N LEU B 407 -21.22 26.38 -13.29
CA LEU B 407 -21.63 27.04 -14.53
C LEU B 407 -21.83 28.54 -14.31
N MET B 408 -22.44 28.92 -13.18
CA MET B 408 -22.54 30.34 -12.85
C MET B 408 -21.18 31.00 -12.68
N ASP B 409 -20.24 30.32 -12.02
CA ASP B 409 -18.90 30.90 -11.86
C ASP B 409 -18.22 31.09 -13.21
N LEU B 410 -18.38 30.12 -14.12
CA LEU B 410 -17.80 30.26 -15.45
C LEU B 410 -18.41 31.42 -16.22
N GLU B 411 -19.74 31.54 -16.17
CA GLU B 411 -20.39 32.65 -16.87
C GLU B 411 -19.96 34.00 -16.30
N TYR B 412 -19.89 34.10 -14.97
CA TYR B 412 -19.47 35.35 -14.33
C TYR B 412 -18.02 35.68 -14.69
N MET B 413 -17.16 34.67 -14.70
CA MET B 413 -15.77 34.90 -15.07
C MET B 413 -15.67 35.41 -16.50
N ILE B 414 -16.44 34.82 -17.42
CA ILE B 414 -16.42 35.28 -18.81
C ILE B 414 -16.88 36.73 -18.90
N CYS B 415 -17.93 37.09 -18.19
CA CYS B 415 -18.38 38.46 -18.26
C CYS B 415 -17.43 39.45 -17.57
N PHE B 416 -16.84 39.05 -16.45
CA PHE B 416 -15.93 39.93 -15.73
C PHE B 416 -14.67 40.27 -16.52
N TYR B 417 -14.07 39.27 -17.16
CA TYR B 417 -12.86 39.49 -17.93
C TYR B 417 -13.09 40.40 -19.12
N SER B 418 -14.20 40.19 -19.80
CA SER B 418 -14.52 40.98 -20.99
C SER B 418 -14.77 42.47 -20.76
N LEU B 419 -15.48 42.83 -19.71
CA LEU B 419 -15.77 44.25 -19.46
C LEU B 419 -15.17 44.89 -18.21
N GLU B 420 -15.43 44.29 -17.05
CA GLU B 420 -14.98 44.83 -15.77
C GLU B 420 -13.48 44.93 -15.53
N LEU B 421 -12.72 43.92 -15.92
CA LEU B 421 -11.28 43.95 -15.70
C LEU B 421 -10.60 45.01 -16.51
N LYS B 422 -9.66 45.73 -15.90
CA LYS B 422 -8.92 46.75 -16.62
C LYS B 422 -7.53 46.18 -16.89
N TRP B 423 -7.26 45.89 -18.15
CA TRP B 423 -6.01 45.29 -18.60
C TRP B 423 -4.77 46.13 -18.36
N ASP B 424 -4.90 47.44 -18.50
CA ASP B 424 -3.76 48.34 -18.33
C ASP B 424 -3.11 48.28 -16.95
N GLU B 425 -3.92 48.20 -15.89
CA GLU B 425 -3.37 48.16 -14.53
C GLU B 425 -2.51 46.93 -14.28
N SER B 426 -1.44 47.11 -13.52
CA SER B 426 -0.52 46.02 -13.23
C SER B 426 -1.16 44.88 -12.46
N LYS B 427 -1.98 45.22 -11.47
CA LYS B 427 -2.67 44.23 -10.65
C LYS B 427 -4.15 44.58 -10.57
N GLY B 428 -4.86 44.38 -11.68
CA GLY B 428 -6.27 44.70 -11.75
C GLY B 428 -7.19 43.56 -11.37
N LEU B 429 -6.62 42.41 -11.02
CA LEU B 429 -7.42 41.24 -10.66
C LEU B 429 -8.30 41.51 -9.45
N LEU B 430 -7.77 42.23 -8.47
CA LEU B 430 -8.56 42.55 -7.29
C LEU B 430 -8.57 44.06 -7.05
N PRO B 431 -9.38 44.78 -7.84
CA PRO B 431 -9.50 46.24 -7.77
C PRO B 431 -9.69 46.74 -6.34
N SER B 437 -18.77 50.62 -11.66
CA SER B 437 -18.24 49.52 -10.87
C SER B 437 -19.34 48.55 -10.46
N GLY B 438 -19.65 47.59 -11.33
CA GLY B 438 -20.68 46.62 -11.05
C GLY B 438 -21.70 46.45 -12.16
N ILE B 439 -21.32 46.87 -13.36
CA ILE B 439 -22.17 46.78 -14.54
C ILE B 439 -22.48 45.32 -14.84
N CYS B 440 -21.51 44.45 -14.60
CA CYS B 440 -21.66 43.02 -14.84
C CYS B 440 -22.24 42.32 -13.60
N HIS B 441 -22.43 41.00 -13.70
CA HIS B 441 -22.99 40.14 -12.64
C HIS B 441 -24.40 40.49 -12.14
N LYS B 442 -25.25 40.96 -13.05
CA LYS B 442 -26.62 41.34 -12.70
C LYS B 442 -27.69 40.51 -13.40
N TYR B 443 -28.65 40.02 -12.62
CA TYR B 443 -29.76 39.23 -13.15
C TYR B 443 -30.72 40.16 -13.89
N THR B 444 -30.14 40.96 -14.77
CA THR B 444 -30.84 41.94 -15.59
C THR B 444 -30.77 41.54 -17.06
N TYR B 445 -29.60 41.08 -17.49
CA TYR B 445 -29.38 40.62 -18.85
C TYR B 445 -30.23 39.38 -19.16
N GLY B 446 -30.38 38.52 -18.16
CA GLY B 446 -31.12 37.27 -18.30
C GLY B 446 -30.21 36.08 -18.56
N VAL B 447 -28.90 36.31 -18.46
CA VAL B 447 -27.94 35.23 -18.67
C VAL B 447 -27.63 34.50 -17.35
N ARG B 448 -28.56 34.57 -16.42
CA ARG B 448 -28.48 33.88 -15.14
C ARG B 448 -29.66 32.92 -14.86
N ALA B 449 -30.85 33.29 -15.31
CA ALA B 449 -32.02 32.43 -15.21
C ALA B 449 -31.91 31.23 -16.14
N ILE B 450 -31.35 31.43 -17.33
CA ILE B 450 -31.20 30.32 -18.28
C ILE B 450 -30.15 29.33 -17.79
N VAL B 451 -29.03 29.83 -17.27
CA VAL B 451 -27.98 28.93 -16.81
C VAL B 451 -28.39 28.17 -15.55
N GLN B 452 -29.26 28.75 -14.71
CA GLN B 452 -29.93 27.96 -13.67
C GLN B 452 -30.76 26.81 -14.23
N CYS B 453 -31.46 26.99 -15.35
CA CYS B 453 -32.42 26.01 -15.81
C CYS B 453 -31.89 25.04 -16.86
N ILE B 454 -30.64 25.18 -17.30
CA ILE B 454 -30.09 24.22 -18.26
C ILE B 454 -30.11 22.77 -17.76
N PRO B 455 -29.56 22.43 -16.58
CA PRO B 455 -29.57 21.01 -16.18
C PRO B 455 -30.95 20.45 -15.91
N ALA B 456 -31.85 21.25 -15.32
CA ALA B 456 -33.22 20.81 -15.18
C ALA B 456 -33.86 20.55 -16.54
N TRP B 457 -33.52 21.37 -17.54
CA TRP B 457 -34.03 21.16 -18.88
C TRP B 457 -33.51 19.84 -19.45
N LEU B 458 -32.24 19.53 -19.23
CA LEU B 458 -31.69 18.26 -19.73
C LEU B 458 -32.41 17.07 -19.10
N ARG B 459 -32.64 17.11 -17.79
CA ARG B 459 -33.33 15.99 -17.15
C ARG B 459 -34.78 15.90 -17.59
N PHE B 460 -35.45 17.04 -17.78
CA PHE B 460 -36.82 17.06 -18.28
C PHE B 460 -36.92 16.40 -19.66
N ILE B 461 -36.00 16.75 -20.56
CA ILE B 461 -35.99 16.16 -21.89
C ILE B 461 -35.71 14.67 -21.82
N GLN B 462 -34.78 14.26 -20.95
CA GLN B 462 -34.48 12.83 -20.81
C GLN B 462 -35.70 12.06 -20.34
N CYS B 463 -36.44 12.61 -19.38
CA CYS B 463 -37.64 11.93 -18.90
C CYS B 463 -38.70 11.84 -19.99
N LEU B 464 -38.87 12.89 -20.78
CA LEU B 464 -39.83 12.83 -21.88
C LEU B 464 -39.43 11.77 -22.91
N ARG B 465 -38.14 11.69 -23.24
CA ARG B 465 -37.68 10.67 -24.18
C ARG B 465 -37.89 9.27 -23.62
N ARG B 466 -37.70 9.11 -22.32
CA ARG B 466 -37.89 7.82 -21.68
C ARG B 466 -39.35 7.44 -21.85
N TYR B 467 -40.26 8.36 -21.54
CA TYR B 467 -41.67 8.07 -21.70
C TYR B 467 -42.01 7.69 -23.14
N ARG B 468 -41.40 8.39 -24.10
CA ARG B 468 -41.64 8.08 -25.50
C ARG B 468 -41.22 6.66 -25.81
N ASP B 469 -40.04 6.26 -25.34
CA ASP B 469 -39.54 4.92 -25.63
C ASP B 469 -40.37 3.84 -24.94
N THR B 470 -40.62 4.00 -23.64
CA THR B 470 -41.28 2.96 -22.87
C THR B 470 -42.80 2.98 -23.03
N LYS B 471 -43.38 4.15 -23.34
CA LYS B 471 -44.82 4.31 -23.51
C LYS B 471 -45.54 3.96 -22.21
N ARG B 472 -45.00 4.46 -21.10
CA ARG B 472 -45.60 4.29 -19.78
C ARG B 472 -45.70 5.66 -19.12
N ALA B 473 -46.93 6.05 -18.75
CA ALA B 473 -47.14 7.38 -18.18
C ALA B 473 -46.46 7.54 -16.83
N PHE B 474 -46.52 6.50 -15.98
CA PHE B 474 -45.92 6.55 -14.66
C PHE B 474 -44.63 5.75 -14.65
N PRO B 475 -43.53 6.27 -14.08
CA PRO B 475 -43.42 7.55 -13.39
C PRO B 475 -42.72 8.65 -14.19
N HIS B 476 -42.62 8.49 -15.51
CA HIS B 476 -41.78 9.37 -16.30
C HIS B 476 -42.36 10.77 -16.42
N LEU B 477 -43.67 10.88 -16.68
CA LEU B 477 -44.28 12.20 -16.72
C LEU B 477 -44.27 12.87 -15.36
N VAL B 478 -44.31 12.09 -14.28
CA VAL B 478 -44.21 12.66 -12.94
C VAL B 478 -42.84 13.28 -12.72
N ASN B 479 -41.77 12.61 -13.17
CA ASN B 479 -40.44 13.22 -13.15
C ASN B 479 -40.40 14.47 -14.01
N ALA B 480 -41.05 14.45 -15.17
CA ALA B 480 -41.05 15.63 -16.03
C ALA B 480 -41.66 16.83 -15.30
N GLY B 481 -42.79 16.62 -14.62
CA GLY B 481 -43.36 17.69 -13.82
C GLY B 481 -42.48 18.13 -12.66
N LYS B 482 -41.83 17.16 -12.01
CA LYS B 482 -40.95 17.48 -10.88
C LYS B 482 -39.82 18.39 -11.32
N TYR B 483 -39.25 18.14 -12.50
CA TYR B 483 -38.20 19.02 -13.01
C TYR B 483 -38.76 20.29 -13.61
N SER B 484 -40.02 20.32 -14.03
CA SER B 484 -40.62 21.53 -14.56
C SER B 484 -40.92 22.56 -13.49
N THR B 485 -41.18 22.14 -12.25
CA THR B 485 -41.48 23.10 -11.18
C THR B 485 -40.36 24.13 -10.99
N THR B 486 -39.11 23.76 -11.24
CA THR B 486 -37.99 24.69 -11.09
C THR B 486 -38.13 25.87 -12.04
N PHE B 487 -38.62 25.63 -13.25
CA PHE B 487 -38.82 26.71 -14.20
C PHE B 487 -39.77 27.77 -13.65
N PHE B 488 -40.89 27.34 -13.10
CA PHE B 488 -41.85 28.28 -12.52
C PHE B 488 -41.24 29.04 -11.34
N MET B 489 -40.55 28.33 -10.46
CA MET B 489 -39.97 29.01 -9.30
C MET B 489 -38.97 30.07 -9.71
N VAL B 490 -38.06 29.74 -10.62
CA VAL B 490 -37.05 30.71 -11.05
C VAL B 490 -37.71 31.86 -11.80
N THR B 491 -38.69 31.57 -12.66
CA THR B 491 -39.35 32.64 -13.40
C THR B 491 -40.02 33.64 -12.48
N PHE B 492 -40.72 33.15 -11.46
CA PHE B 492 -41.40 34.08 -10.55
C PHE B 492 -40.42 34.84 -9.67
N ALA B 493 -39.31 34.20 -9.27
CA ALA B 493 -38.28 34.93 -8.54
C ALA B 493 -37.73 36.07 -9.39
N ALA B 494 -37.43 35.79 -10.66
CA ALA B 494 -36.90 36.83 -11.54
C ALA B 494 -37.90 37.96 -11.75
N LEU B 495 -39.18 37.62 -11.94
CA LEU B 495 -40.19 38.65 -12.12
C LEU B 495 -40.33 39.54 -10.88
N TYR B 496 -40.38 38.93 -9.69
CA TYR B 496 -40.39 39.72 -8.46
C TYR B 496 -39.19 40.65 -8.39
N SER B 497 -37.98 40.13 -8.62
CA SER B 497 -36.80 40.95 -8.42
C SER B 497 -36.73 42.08 -9.44
N THR B 498 -37.15 41.83 -10.69
CA THR B 498 -37.10 42.89 -11.67
C THR B 498 -38.23 43.90 -11.50
N HIS B 499 -39.32 43.53 -10.83
CA HIS B 499 -40.38 44.50 -10.55
C HIS B 499 -40.15 45.30 -9.28
N LYS B 500 -39.46 44.74 -8.29
CA LYS B 500 -39.24 45.47 -7.05
C LYS B 500 -38.23 46.60 -7.22
N GLU B 501 -37.17 46.35 -7.99
CA GLU B 501 -36.11 47.35 -8.12
C GLU B 501 -36.57 48.58 -8.90
N ARG B 502 -37.43 48.39 -9.90
CA ARG B 502 -37.94 49.49 -10.70
C ARG B 502 -39.19 50.14 -10.11
N GLY B 503 -39.64 49.67 -8.95
CA GLY B 503 -40.74 50.30 -8.24
C GLY B 503 -42.08 50.20 -8.92
N HIS B 504 -42.62 48.99 -9.01
CA HIS B 504 -43.93 48.76 -9.60
C HIS B 504 -44.89 48.25 -8.55
N SER B 505 -46.19 48.27 -8.89
CA SER B 505 -47.24 47.94 -7.93
C SER B 505 -47.61 46.46 -7.90
N ASP B 506 -46.95 45.61 -8.71
CA ASP B 506 -47.26 44.20 -8.76
C ASP B 506 -46.23 43.34 -8.03
N THR B 507 -45.53 43.91 -7.05
CA THR B 507 -44.52 43.15 -6.31
C THR B 507 -45.16 42.06 -5.46
N MET B 508 -46.28 42.37 -4.81
CA MET B 508 -46.88 41.45 -3.84
C MET B 508 -47.40 40.17 -4.50
N VAL B 509 -48.02 40.27 -5.68
CA VAL B 509 -48.56 39.09 -6.34
C VAL B 509 -47.43 38.14 -6.74
N PHE B 510 -46.33 38.68 -7.26
CA PHE B 510 -45.19 37.85 -7.60
C PHE B 510 -44.52 37.28 -6.36
N PHE B 511 -44.52 38.02 -5.25
CA PHE B 511 -43.99 37.47 -4.01
C PHE B 511 -44.79 36.25 -3.56
N TYR B 512 -46.12 36.35 -3.58
CA TYR B 512 -46.93 35.21 -3.17
C TYR B 512 -46.78 34.04 -4.14
N LEU B 513 -46.73 34.33 -5.45
CA LEU B 513 -46.51 33.25 -6.41
C LEU B 513 -45.18 32.56 -6.17
N TRP B 514 -44.12 33.34 -5.90
CA TRP B 514 -42.81 32.75 -5.68
C TRP B 514 -42.80 31.90 -4.42
N ILE B 515 -43.43 32.35 -3.34
CA ILE B 515 -43.41 31.52 -2.12
C ILE B 515 -44.21 30.23 -2.32
N VAL B 516 -45.35 30.32 -3.02
CA VAL B 516 -46.14 29.11 -3.27
C VAL B 516 -45.34 28.12 -4.12
N PHE B 517 -44.68 28.59 -5.17
CA PHE B 517 -43.92 27.65 -5.99
C PHE B 517 -42.65 27.17 -5.32
N TYR B 518 -42.05 27.98 -4.44
CA TYR B 518 -40.93 27.51 -3.63
C TYR B 518 -41.33 26.34 -2.75
N ILE B 519 -42.43 26.48 -2.01
CA ILE B 519 -42.82 25.39 -1.13
C ILE B 519 -43.25 24.17 -1.93
N ILE B 520 -43.93 24.38 -3.07
CA ILE B 520 -44.34 23.25 -3.90
C ILE B 520 -43.12 22.49 -4.41
N SER B 521 -42.13 23.21 -4.93
CA SER B 521 -40.95 22.54 -5.47
C SER B 521 -40.20 21.78 -4.38
N SER B 522 -40.02 22.40 -3.22
CA SER B 522 -39.29 21.73 -2.14
C SER B 522 -39.99 20.44 -1.72
N CYS B 523 -41.31 20.51 -1.48
CA CYS B 523 -42.04 19.32 -1.06
C CYS B 523 -42.02 18.24 -2.15
N TYR B 524 -42.18 18.65 -3.41
CA TYR B 524 -42.38 17.66 -4.46
C TYR B 524 -41.06 16.96 -4.80
N THR B 525 -39.93 17.65 -4.62
CA THR B 525 -38.65 16.97 -4.77
C THR B 525 -38.31 16.11 -3.55
N LEU B 526 -38.64 16.58 -2.34
CA LEU B 526 -38.31 15.81 -1.14
C LEU B 526 -39.08 14.50 -1.08
N ILE B 527 -40.37 14.53 -1.42
CA ILE B 527 -41.17 13.31 -1.37
C ILE B 527 -40.65 12.29 -2.38
N TRP B 528 -40.30 12.74 -3.58
CA TRP B 528 -39.73 11.84 -4.58
C TRP B 528 -38.40 11.27 -4.12
N ASP B 529 -37.57 12.09 -3.48
CA ASP B 529 -36.30 11.59 -2.97
C ASP B 529 -36.51 10.47 -1.96
N LEU B 530 -37.42 10.68 -1.00
CA LEU B 530 -37.56 9.71 0.09
C LEU B 530 -38.30 8.46 -0.37
N LYS B 531 -39.32 8.59 -1.21
CA LYS B 531 -40.21 7.47 -1.48
C LYS B 531 -39.79 6.68 -2.72
N MET B 532 -39.34 7.34 -3.78
CA MET B 532 -39.05 6.66 -5.03
C MET B 532 -37.56 6.40 -5.25
N ASP B 533 -36.72 7.42 -5.07
CA ASP B 533 -35.30 7.22 -5.32
C ASP B 533 -34.69 6.24 -4.33
N TRP B 534 -35.03 6.37 -3.05
CA TRP B 534 -34.48 5.51 -2.02
C TRP B 534 -35.35 4.30 -1.70
N GLY B 535 -36.64 4.36 -2.00
CA GLY B 535 -37.53 3.24 -1.75
C GLY B 535 -37.75 2.92 -0.28
N LEU B 536 -37.86 3.93 0.56
CA LEU B 536 -38.12 3.75 1.98
C LEU B 536 -39.62 3.87 2.24
N PHE B 537 -39.99 3.82 3.52
CA PHE B 537 -41.38 3.93 3.96
C PHE B 537 -42.26 2.86 3.28
N ASP B 538 -41.73 1.65 3.17
CA ASP B 538 -42.39 0.59 2.44
C ASP B 538 -43.43 -0.11 3.32
N LYS B 539 -44.39 -0.77 2.66
CA LYS B 539 -45.49 -1.38 3.39
C LYS B 539 -45.04 -2.61 4.16
N ASN B 540 -44.07 -3.35 3.63
CA ASN B 540 -43.59 -4.59 4.24
C ASN B 540 -42.28 -4.34 5.00
N ALA B 541 -42.22 -3.21 5.71
CA ALA B 541 -41.02 -2.86 6.46
C ALA B 541 -40.70 -3.90 7.52
N GLY B 542 -41.72 -4.38 8.23
CA GLY B 542 -41.52 -5.36 9.28
C GLY B 542 -40.74 -4.82 10.47
N GLU B 543 -39.65 -5.50 10.83
CA GLU B 543 -38.86 -5.09 11.98
C GLU B 543 -38.15 -3.76 11.73
N ASN B 544 -37.64 -3.55 10.52
CA ASN B 544 -36.98 -2.30 10.15
C ASN B 544 -38.05 -1.24 9.95
N THR B 545 -38.40 -0.55 11.03
CA THR B 545 -39.49 0.42 10.97
C THR B 545 -39.10 1.60 10.09
N PHE B 546 -40.03 2.01 9.23
CA PHE B 546 -39.91 3.16 8.34
C PHE B 546 -38.91 2.94 7.23
N LEU B 547 -38.24 1.78 7.24
CA LEU B 547 -37.27 1.39 6.22
C LEU B 547 -37.91 0.35 5.28
N ARG B 548 -37.10 -0.27 4.44
CA ARG B 548 -37.55 -1.37 3.61
C ARG B 548 -37.14 -2.70 4.24
N GLU B 549 -37.59 -3.81 3.63
CA GLU B 549 -37.38 -5.13 4.21
C GLU B 549 -35.91 -5.51 4.22
N GLU B 550 -35.23 -5.39 3.09
CA GLU B 550 -33.83 -5.75 2.95
C GLU B 550 -32.99 -4.48 2.92
N ILE B 551 -31.95 -4.44 3.76
CA ILE B 551 -31.04 -3.31 3.82
C ILE B 551 -29.61 -3.84 3.73
N VAL B 552 -28.74 -3.09 3.06
CA VAL B 552 -27.39 -3.55 2.78
C VAL B 552 -26.39 -3.01 3.80
N TYR B 553 -26.44 -1.72 4.09
CA TYR B 553 -25.48 -1.13 5.02
C TYR B 553 -25.76 -1.59 6.45
N PRO B 554 -24.72 -1.78 7.26
CA PRO B 554 -24.90 -2.48 8.55
C PRO B 554 -25.75 -1.74 9.57
N GLN B 555 -25.40 -0.49 9.86
CA GLN B 555 -26.07 0.24 10.94
C GLN B 555 -27.41 0.79 10.45
N LYS B 556 -28.35 0.93 11.37
CA LYS B 556 -29.65 1.50 11.03
C LYS B 556 -29.73 2.99 11.32
N ALA B 557 -28.79 3.55 12.10
CA ALA B 557 -28.81 4.98 12.36
C ALA B 557 -28.47 5.78 11.11
N TYR B 558 -27.78 5.17 10.15
CA TYR B 558 -27.44 5.83 8.91
C TYR B 558 -28.69 6.30 8.18
N TYR B 559 -29.71 5.44 8.11
CA TYR B 559 -30.91 5.78 7.36
C TYR B 559 -31.65 6.95 7.99
N TYR B 560 -31.78 6.96 9.32
CA TYR B 560 -32.49 8.05 9.99
C TYR B 560 -31.72 9.35 9.89
N CYS B 561 -30.40 9.31 10.05
CA CYS B 561 -29.60 10.53 9.89
C CYS B 561 -29.71 11.06 8.46
N ALA B 562 -29.69 10.18 7.47
CA ALA B 562 -29.81 10.61 6.09
C ALA B 562 -31.17 11.25 5.82
N ILE B 563 -32.24 10.65 6.36
CA ILE B 563 -33.57 11.23 6.18
C ILE B 563 -33.63 12.63 6.76
N ILE B 564 -33.09 12.79 7.98
CA ILE B 564 -33.14 14.09 8.64
C ILE B 564 -32.34 15.14 7.86
N GLU B 565 -31.12 14.78 7.44
CA GLU B 565 -30.28 15.79 6.78
C GLU B 565 -30.81 16.11 5.39
N ASP B 566 -31.44 15.14 4.73
CA ASP B 566 -32.07 15.43 3.45
C ASP B 566 -33.26 16.36 3.62
N VAL B 567 -34.08 16.15 4.66
CA VAL B 567 -35.21 17.03 4.89
C VAL B 567 -34.73 18.45 5.15
N ILE B 568 -33.68 18.61 5.96
CA ILE B 568 -33.16 19.95 6.24
C ILE B 568 -32.56 20.58 4.99
N LEU B 569 -31.71 19.83 4.28
CA LEU B 569 -30.92 20.42 3.20
C LEU B 569 -31.70 20.57 1.89
N ARG B 570 -32.87 19.95 1.76
CA ARG B 570 -33.72 20.24 0.61
C ARG B 570 -34.33 21.63 0.73
N PHE B 571 -34.61 22.11 1.93
CA PHE B 571 -35.18 23.45 2.02
C PHE B 571 -34.12 24.53 1.72
N ALA B 572 -32.90 24.30 2.16
CA ALA B 572 -31.79 25.22 1.91
C ALA B 572 -31.41 25.35 0.44
N TRP B 573 -31.45 24.25 -0.31
CA TRP B 573 -31.07 24.27 -1.72
C TRP B 573 -31.96 25.14 -2.58
N THR B 574 -33.27 25.09 -2.37
CA THR B 574 -34.20 25.87 -3.16
C THR B 574 -34.01 27.37 -3.00
N ILE B 575 -33.66 27.80 -1.81
CA ILE B 575 -33.47 29.22 -1.57
C ILE B 575 -32.20 29.74 -2.23
N GLN B 576 -31.19 28.90 -2.36
CA GLN B 576 -29.95 29.33 -3.00
C GLN B 576 -30.20 29.67 -4.46
N ILE B 577 -30.98 28.86 -5.16
CA ILE B 577 -31.27 29.14 -6.57
C ILE B 577 -32.14 30.40 -6.77
N SER B 578 -33.11 30.61 -5.90
CA SER B 578 -33.96 31.80 -5.96
C SER B 578 -33.22 33.10 -5.65
N ILE B 579 -32.38 33.05 -4.64
CA ILE B 579 -31.59 34.20 -4.15
C ILE B 579 -30.58 34.75 -5.13
N THR B 580 -30.08 33.91 -6.01
CA THR B 580 -29.05 34.27 -6.97
C THR B 580 -29.40 35.40 -7.95
N SER B 581 -30.64 35.47 -8.40
CA SER B 581 -31.05 36.46 -9.39
C SER B 581 -31.55 37.80 -8.87
N THR B 582 -30.63 38.60 -8.34
CA THR B 582 -30.84 39.97 -7.85
C THR B 582 -31.99 40.18 -6.89
N THR B 583 -32.18 39.23 -5.98
CA THR B 583 -33.26 39.37 -5.02
C THR B 583 -32.79 40.16 -3.81
N LEU B 584 -31.97 39.50 -3.01
CA LEU B 584 -31.45 40.09 -1.78
C LEU B 584 -30.33 41.08 -2.07
N LEU B 585 -29.98 41.88 -1.07
CA LEU B 585 -28.93 42.87 -1.23
C LEU B 585 -27.65 42.12 -1.57
N PRO B 586 -26.92 42.61 -2.59
CA PRO B 586 -25.68 42.00 -3.07
C PRO B 586 -24.71 41.51 -1.99
N HIS B 587 -24.57 42.25 -0.89
CA HIS B 587 -23.65 41.86 0.18
C HIS B 587 -24.15 40.63 0.94
N SER B 588 -25.43 40.61 1.28
CA SER B 588 -26.03 39.46 1.97
C SER B 588 -26.09 38.23 1.07
N GLY B 589 -26.41 38.43 -0.20
CA GLY B 589 -26.51 37.34 -1.14
C GLY B 589 -25.21 36.61 -1.35
N ASP B 590 -24.11 37.34 -1.43
CA ASP B 590 -22.81 36.73 -1.65
C ASP B 590 -22.38 35.80 -0.52
N ILE B 591 -22.63 36.18 0.72
CA ILE B 591 -22.24 35.35 1.85
C ILE B 591 -23.12 34.11 1.95
N ILE B 592 -24.37 34.23 1.51
CA ILE B 592 -25.31 33.12 1.51
C ILE B 592 -25.03 32.05 0.47
N ALA B 593 -24.62 32.43 -0.73
CA ALA B 593 -24.35 31.46 -1.79
C ALA B 593 -23.04 30.72 -1.61
N THR B 594 -22.09 31.33 -0.92
CA THR B 594 -20.81 30.69 -0.65
C THR B 594 -20.94 29.64 0.45
N VAL B 595 -21.73 29.92 1.48
CA VAL B 595 -21.89 28.94 2.55
C VAL B 595 -22.70 27.73 2.07
N PHE B 596 -23.76 27.97 1.31
CA PHE B 596 -24.66 26.87 0.95
C PHE B 596 -24.20 26.08 -0.26
N ALA B 597 -23.19 26.54 -1.00
CA ALA B 597 -22.73 25.76 -2.16
C ALA B 597 -22.14 24.41 -1.78
N PRO B 598 -21.23 24.27 -0.81
CA PRO B 598 -20.72 22.94 -0.47
C PRO B 598 -21.75 21.99 0.12
N LEU B 599 -22.79 22.53 0.76
CA LEU B 599 -23.79 21.67 1.39
C LEU B 599 -24.62 20.91 0.35
N GLU B 600 -24.82 21.49 -0.84
CA GLU B 600 -25.52 20.76 -1.89
C GLU B 600 -24.70 19.58 -2.39
N VAL B 601 -23.39 19.77 -2.53
CA VAL B 601 -22.53 18.66 -2.92
C VAL B 601 -22.54 17.58 -1.84
N PHE B 602 -22.54 17.99 -0.57
CA PHE B 602 -22.67 17.00 0.50
C PHE B 602 -24.00 16.24 0.44
N ARG B 603 -25.09 16.95 0.15
CA ARG B 603 -26.39 16.29 0.03
C ARG B 603 -26.40 15.27 -1.10
N ARG B 604 -25.82 15.62 -2.26
CA ARG B 604 -25.74 14.65 -3.34
C ARG B 604 -24.85 13.47 -3.00
N PHE B 605 -23.74 13.73 -2.28
CA PHE B 605 -22.88 12.64 -1.83
C PHE B 605 -23.64 11.66 -0.95
N VAL B 606 -24.48 12.16 -0.06
CA VAL B 606 -25.28 11.26 0.78
C VAL B 606 -26.34 10.54 -0.06
N TRP B 607 -26.94 11.23 -1.02
CA TRP B 607 -27.99 10.64 -1.86
C TRP B 607 -27.49 9.47 -2.70
N ASN B 608 -26.25 9.53 -3.17
CA ASN B 608 -25.72 8.50 -4.06
C ASN B 608 -25.75 7.11 -3.42
N PHE B 609 -25.36 7.01 -2.15
CA PHE B 609 -25.32 5.74 -1.44
C PHE B 609 -26.63 4.97 -1.61
N PHE B 610 -27.72 5.56 -1.14
CA PHE B 610 -29.00 4.88 -1.13
C PHE B 610 -29.64 4.77 -2.49
N ARG B 611 -29.38 5.70 -3.41
CA ARG B 611 -29.88 5.51 -4.77
C ARG B 611 -29.28 4.25 -5.40
N LEU B 612 -27.95 4.09 -5.29
CA LEU B 612 -27.31 2.91 -5.86
C LEU B 612 -27.72 1.65 -5.10
N GLU B 613 -27.92 1.74 -3.78
CA GLU B 613 -28.37 0.56 -3.02
C GLU B 613 -29.75 0.10 -3.48
N ASN B 614 -30.68 1.05 -3.67
CA ASN B 614 -32.01 0.69 -4.13
C ASN B 614 -31.97 0.10 -5.53
N GLU B 615 -31.11 0.63 -6.40
CA GLU B 615 -30.97 0.03 -7.72
C GLU B 615 -30.41 -1.38 -7.64
N HIS B 616 -29.43 -1.61 -6.76
CA HIS B 616 -28.79 -2.92 -6.66
C HIS B 616 -29.75 -3.97 -6.11
N LEU B 617 -30.60 -3.58 -5.15
CA LEU B 617 -31.47 -4.57 -4.52
C LEU B 617 -32.44 -5.19 -5.52
N ASN B 618 -32.65 -4.53 -6.66
CA ASN B 618 -33.45 -5.15 -7.72
C ASN B 618 -32.69 -6.27 -8.41
N ASN B 619 -31.36 -6.16 -8.51
CA ASN B 619 -30.57 -7.22 -9.12
C ASN B 619 -30.64 -8.50 -8.30
N CYS B 620 -30.54 -8.37 -6.97
CA CYS B 620 -30.82 -9.49 -6.10
C CYS B 620 -32.30 -9.84 -6.16
N GLY B 621 -32.61 -11.13 -6.08
CA GLY B 621 -33.96 -11.61 -6.29
C GLY B 621 -34.25 -11.96 -7.73
N GLU B 622 -33.49 -11.38 -8.67
CA GLU B 622 -33.44 -11.83 -10.05
C GLU B 622 -32.16 -12.59 -10.34
N PHE B 623 -31.21 -12.54 -9.40
CA PHE B 623 -29.92 -13.21 -9.50
C PHE B 623 -29.21 -12.87 -10.80
N ARG B 624 -28.93 -11.58 -10.97
CA ARG B 624 -28.29 -11.10 -12.18
C ARG B 624 -26.85 -10.67 -11.96
N ALA B 625 -26.03 -11.00 -12.96
CA ALA B 625 -24.61 -10.68 -13.04
C ALA B 625 -24.20 -10.87 -14.52
N VAL B 626 -22.99 -10.43 -14.89
CA VAL B 626 -22.53 -10.56 -16.29
C VAL B 626 -23.53 -10.05 -17.34
N ARG B 627 -23.72 -8.73 -17.35
CA ARG B 627 -24.72 -8.07 -18.18
C ARG B 627 -24.73 -8.51 -19.63
N ASP B 628 -25.94 -8.80 -20.09
CA ASP B 628 -26.20 -9.29 -21.45
C ASP B 628 -25.87 -8.33 -22.57
N ILE B 629 -25.10 -8.83 -23.52
CA ILE B 629 -24.71 -8.08 -24.70
C ILE B 629 -25.60 -8.53 -25.84
N SER B 630 -26.22 -7.58 -26.51
CA SER B 630 -27.08 -7.88 -27.63
C SER B 630 -26.23 -7.71 -28.88
N VAL B 631 -25.77 -8.82 -29.45
CA VAL B 631 -24.94 -8.75 -30.64
C VAL B 631 -25.69 -8.08 -31.79
N ALA B 632 -24.97 -7.27 -32.56
CA ALA B 632 -25.56 -6.57 -33.70
C ALA B 632 -25.51 -7.45 -34.94
N PRO B 633 -26.68 -7.70 -35.55
CA PRO B 633 -26.80 -8.54 -36.74
C PRO B 633 -26.71 -7.73 -38.02
N LEU B 634 -25.71 -8.04 -38.85
CA LEU B 634 -25.54 -7.37 -40.13
C LEU B 634 -26.74 -7.67 -41.04
N ASN B 635 -27.18 -8.92 -41.00
CA ASN B 635 -28.32 -9.39 -41.80
C ASN B 635 -28.19 -9.06 -43.29
P PO4 C . 37.14 3.17 10.98
O1 PO4 C . 36.43 1.76 10.65
O2 PO4 C . 37.30 3.32 12.57
O3 PO4 C . 36.22 4.38 10.42
O4 PO4 C . 38.46 3.22 10.33
P PO4 D . 36.96 -9.51 9.52
O1 PO4 D . 36.77 -10.00 8.01
O2 PO4 D . 35.85 -10.21 10.46
O3 PO4 D . 38.43 -9.93 10.04
O4 PO4 D . 36.82 -8.04 9.59
P PO4 E . 30.78 21.86 17.12
O1 PO4 E . 31.49 20.55 16.88
O2 PO4 E . 29.20 21.77 16.80
O3 PO4 E . 30.98 22.32 18.66
O4 PO4 E . 31.41 22.85 16.23
P PO4 F . 35.08 -7.88 16.67
O1 PO4 F . 36.25 -8.99 16.54
O2 PO4 F . 33.74 -8.59 17.21
O3 PO4 F . 34.80 -7.22 15.24
O4 PO4 F . 35.50 -6.83 17.62
C1 IHP G . -0.17 -20.54 -18.09
C2 IHP G . -0.63 -20.54 -19.56
C3 IHP G . 0.16 -19.57 -20.43
C4 IHP G . 1.64 -19.71 -20.17
C5 IHP G . 1.89 -19.17 -18.78
C6 IHP G . 1.32 -20.28 -17.89
O11 IHP G . -0.49 -21.77 -17.49
P1 IHP G . -1.94 -22.03 -16.74
O21 IHP G . -2.91 -22.65 -17.70
O31 IHP G . -1.80 -22.98 -15.59
O41 IHP G . -2.46 -20.72 -16.22
O12 IHP G . -0.58 -21.83 -20.13
P2 IHP G . -1.85 -22.32 -21.05
O22 IHP G . -2.07 -21.37 -22.18
O32 IHP G . -1.59 -23.69 -21.61
O42 IHP G . -3.11 -22.36 -20.22
O13 IHP G . -0.06 -19.85 -21.78
P3 IHP G . -0.74 -18.74 -22.78
O23 IHP G . -2.22 -18.89 -22.77
O33 IHP G . -0.40 -17.34 -22.32
O43 IHP G . -0.20 -18.95 -24.17
O14 IHP G . 2.39 -19.02 -21.13
P4 IHP G . 3.58 -19.81 -21.94
O24 IHP G . 3.16 -20.17 -23.33
O34 IHP G . 4.80 -18.93 -22.01
O44 IHP G . 3.89 -21.09 -21.22
O15 IHP G . 3.28 -19.07 -18.57
P5 IHP G . 4.14 -17.74 -18.11
O25 IHP G . 3.31 -16.83 -17.26
O35 IHP G . 5.38 -18.22 -17.35
O45 IHP G . 4.61 -16.97 -19.30
O16 IHP G . 1.55 -19.98 -16.54
P6 IHP G . 2.38 -21.05 -15.63
O26 IHP G . 3.84 -20.74 -15.74
O36 IHP G . 1.97 -20.92 -14.20
O46 IHP G . 2.14 -22.44 -16.13
H1 IHP G . -0.72 -19.76 -17.58
H2 IHP G . -1.66 -20.22 -19.58
H3 IHP G . -0.15 -18.55 -20.21
H4 IHP G . 1.92 -20.76 -20.19
H5 IHP G . 1.38 -18.23 -18.61
H6 IHP G . 1.85 -21.20 -18.12
C1 POV H . -1.59 1.02 15.48
C2 POV H . -2.50 1.12 14.26
C3 POV H . -1.65 1.33 13.01
C310 POV H . -3.88 11.18 9.28
O11 POV H . -1.40 -0.32 15.80
C311 POV H . -4.87 12.06 8.51
C31 POV H . -3.71 1.18 11.91
O31 POV H . -2.35 0.89 11.88
C32 POV H . -4.21 2.53 12.45
O32 POV H . -4.48 0.38 11.53
C33 POV H . -4.74 3.37 11.30
C34 POV H . -4.95 4.80 11.79
C35 POV H . -5.27 5.69 10.61
C36 POV H . -4.04 6.49 10.23
C37 POV H . -4.12 7.85 10.91
C38 POV H . -3.37 8.88 10.08
C39 POV H . -4.36 9.73 9.29
C210 POV I . 5.51 25.39 17.56
C211 POV I . 6.50 24.29 17.28
C212 POV I . 7.51 24.24 18.42
C213 POV I . 8.51 23.11 18.25
C214 POV I . 7.94 21.78 18.71
C215 POV I . 9.00 20.69 18.69
C216 POV I . 8.52 19.44 19.41
C21 POV I . 3.74 33.36 12.13
O21 POV I . 3.71 33.86 13.49
C22 POV I . 4.19 31.96 11.82
O22 POV I . 3.42 34.11 11.23
C23 POV I . 3.63 31.01 12.87
C24 POV I . 4.19 29.60 12.72
C25 POV I . 5.61 29.50 13.25
C26 POV I . 6.04 28.05 13.41
C27 POV I . 5.17 27.34 14.44
C28 POV I . 5.98 26.43 15.35
C29 POV I . 5.28 26.37 16.68
C310 POV J . 21.53 9.63 -0.99
C311 POV J . 21.77 11.13 -0.97
C312 POV J . 22.70 11.50 0.20
C313 POV J . 23.69 12.58 -0.26
C314 POV J . 24.35 13.23 0.95
C31 POV J . 16.30 1.94 -6.15
O31 POV J . 15.13 1.83 -5.99
C32 POV J . 17.18 2.43 -5.01
O32 POV J . 16.86 1.63 -7.39
C33 POV J . 18.09 3.55 -5.50
C34 POV J . 18.32 4.53 -4.36
C35 POV J . 19.52 5.42 -4.67
C36 POV J . 20.34 5.59 -3.40
C37 POV J . 21.03 6.95 -3.42
C38 POV J . 20.41 7.83 -2.33
C39 POV J . 21.06 9.22 -2.38
C1 CLR K . 20.75 -0.54 -5.96
C2 CLR K . 19.63 -1.50 -5.58
C3 CLR K . 20.19 -2.89 -5.35
C4 CLR K . 21.08 -2.80 -4.13
C5 CLR K . 22.14 -1.77 -4.39
C6 CLR K . 23.41 -2.16 -4.19
C7 CLR K . 24.59 -1.28 -4.44
C8 CLR K . 24.17 0.17 -4.40
C9 CLR K . 22.96 0.39 -5.28
C10 CLR K . 21.75 -0.39 -4.83
C11 CLR K . 22.65 1.89 -5.39
C12 CLR K . 23.84 2.68 -5.94
C13 CLR K . 25.03 2.45 -5.03
C14 CLR K . 25.32 0.98 -4.97
C15 CLR K . 26.65 0.89 -4.26
C16 CLR K . 27.40 2.09 -4.82
C17 CLR K . 26.37 2.98 -5.48
C18 CLR K . 24.72 3.03 -3.66
C19 CLR K . 21.04 0.38 -3.73
C20 CLR K . 26.62 4.42 -5.12
C21 CLR K . 25.72 5.36 -5.89
C22 CLR K . 28.08 4.71 -5.42
C23 CLR K . 28.25 6.11 -6.00
C24 CLR K . 29.72 6.34 -6.30
C25 CLR K . 30.01 7.80 -6.58
C26 CLR K . 31.46 8.01 -6.97
C27 CLR K . 29.06 8.30 -7.67
O1 CLR K . 19.15 -3.84 -5.12
C310 POV L . 49.20 -2.37 6.96
C311 POV L . 49.50 -1.26 5.95
C312 POV L . 49.85 0.03 6.71
C313 POV L . 50.82 -0.31 7.84
C314 POV L . 51.82 -1.33 7.34
C31 POV L . 45.24 -11.61 4.32
O31 POV L . 46.49 -12.13 4.68
C32 POV L . 44.75 -10.29 4.92
O32 POV L . 44.56 -12.19 3.55
C33 POV L . 45.90 -9.61 5.67
C34 POV L . 45.83 -8.10 5.50
C35 POV L . 47.22 -7.52 5.71
C36 POV L . 47.22 -6.71 7.00
C37 POV L . 46.78 -5.27 6.69
C38 POV L . 47.73 -4.32 7.39
C39 POV L . 47.94 -3.10 6.51
C310 POV M . 41.72 7.81 25.50
C311 POV M . 40.64 7.10 24.69
C312 POV M . 39.27 7.60 25.13
C313 POV M . 38.88 6.95 26.46
C314 POV M . 37.41 7.22 26.72
C31 POV M . 46.09 15.99 25.77
O31 POV M . 46.66 16.38 26.73
C32 POV M . 45.18 14.76 25.85
O32 POV M . 46.23 16.66 24.55
C33 POV M . 45.65 13.73 24.83
C34 POV M . 44.51 12.76 24.53
C35 POV M . 45.02 11.34 24.68
C36 POV M . 44.33 10.45 23.63
C37 POV M . 43.35 9.53 24.35
C38 POV M . 43.85 8.10 24.22
C39 POV M . 43.08 7.19 25.18
C310 POV N . 33.33 6.15 -13.36
C311 POV N . 34.74 5.76 -12.93
C312 POV N . 35.70 6.90 -13.28
C313 POV N . 35.76 7.90 -12.12
C314 POV N . 34.41 8.59 -11.95
C31 POV N . 31.97 -2.61 -16.63
O31 POV N . 30.65 -2.99 -16.33
C32 POV N . 32.36 -1.13 -16.64
O32 POV N . 32.78 -3.44 -16.88
C33 POV N . 31.83 -0.45 -15.38
C34 POV N . 32.16 1.03 -15.40
C35 POV N . 33.67 1.22 -15.35
C36 POV N . 34.02 2.35 -14.38
C37 POV N . 32.94 2.44 -13.30
C38 POV N . 33.00 3.80 -12.61
C39 POV N . 32.48 4.89 -13.54
C310 POV O . 24.80 20.79 3.25
C311 POV O . 24.51 19.72 2.19
C312 POV O . 23.61 18.65 2.81
C31 POV O . 27.67 30.21 5.71
O31 POV O . 27.70 30.48 6.86
C32 POV O . 26.41 29.62 5.09
O32 POV O . 28.80 30.43 4.91
C33 POV O . 26.15 28.24 5.70
C34 POV O . 27.03 27.21 5.00
C35 POV O . 26.16 26.29 4.15
C36 POV O . 26.00 24.95 4.87
C37 POV O . 25.32 23.95 3.93
C38 POV O . 26.26 22.76 3.73
C39 POV O . 25.70 21.87 2.62
C310 POV P . 22.02 22.64 8.78
C311 POV P . 22.84 21.37 8.85
C312 POV P . 22.93 20.71 7.48
C313 POV P . 24.19 19.85 7.38
C314 POV P . 24.28 18.89 8.55
C31 POV P . 21.84 30.94 5.65
O31 POV P . 21.05 32.07 6.07
C32 POV P . 21.36 29.53 5.90
O32 POV P . 22.91 31.15 5.09
C33 POV P . 21.54 29.18 7.38
C34 POV P . 20.90 27.85 7.73
C35 POV P . 21.16 27.50 9.19
C36 POV P . 20.08 26.57 9.74
C37 POV P . 20.36 25.11 9.39
C38 POV P . 21.37 24.51 10.34
C39 POV P . 21.50 22.99 10.16
C310 POV Q . 11.02 20.74 27.49
C311 POV Q . 10.97 19.26 27.87
C312 POV Q . 9.92 18.57 27.00
C313 POV Q . 9.72 17.13 27.45
C314 POV Q . 8.66 16.48 26.59
C31 POV Q . 16.80 25.54 33.38
O31 POV Q . 17.74 26.54 33.67
C32 POV Q . 15.44 25.92 32.79
O32 POV Q . 17.06 24.40 33.58
C33 POV Q . 14.96 24.82 31.86
C34 POV Q . 13.45 24.68 32.01
C35 POV Q . 12.76 24.99 30.68
C36 POV Q . 12.22 23.69 30.10
C37 POV Q . 10.77 23.89 29.63
C38 POV Q . 10.51 22.96 28.46
C39 POV Q . 11.15 21.60 28.74
C310 POV R . 17.83 22.89 5.00
C311 POV R . 18.19 21.90 3.90
C312 POV R . 17.58 20.52 4.14
C313 POV R . 17.90 19.59 2.98
C314 POV R . 17.09 18.30 3.07
C31 POV R . 21.59 31.03 1.47
O31 POV R . 22.51 32.16 1.38
C32 POV R . 22.13 29.65 1.76
O32 POV R . 20.41 31.22 1.30
C33 POV R . 20.99 28.63 1.65
C34 POV R . 20.05 28.70 2.84
C35 POV R . 20.42 27.66 3.90
C36 POV R . 19.16 27.16 4.61
C37 POV R . 19.48 26.25 5.79
C38 POV R . 18.43 25.16 5.93
C39 POV R . 18.50 24.23 4.74
C310 POV S . 26.68 10.76 -4.17
C311 POV S . 27.78 11.63 -3.58
C312 POV S . 29.12 10.91 -3.72
C313 POV S . 30.27 11.85 -3.39
C314 POV S . 31.59 11.19 -3.74
C31 POV S . 20.97 4.52 -9.06
O31 POV S . 20.21 4.45 -8.16
C32 POV S . 22.13 5.53 -9.00
O32 POV S . 20.80 3.69 -10.17
C33 POV S . 21.61 6.95 -8.81
C34 POV S . 21.86 7.42 -7.37
C35 POV S . 22.89 8.54 -7.35
C36 POV S . 23.53 8.62 -5.96
C37 POV S . 24.44 9.85 -5.84
C38 POV S . 24.22 10.52 -4.49
C39 POV S . 25.34 11.50 -4.18
C210 POV T . 5.32 26.17 -1.29
C211 POV T . 5.97 26.70 -2.57
C212 POV T . 5.92 25.62 -3.65
C213 POV T . 5.74 24.24 -3.02
C214 POV T . 5.67 23.18 -4.12
C215 POV T . 5.25 21.85 -3.51
C216 POV T . 5.20 20.81 -4.62
C21 POV T . 8.70 34.19 3.41
O21 POV T . 9.28 35.46 3.52
C22 POV T . 8.11 33.73 2.10
O22 POV T . 8.67 33.48 4.35
C23 POV T . 7.77 32.24 2.20
C24 POV T . 6.26 32.11 2.33
C25 POV T . 5.85 30.65 2.13
C26 POV T . 5.05 30.53 0.85
C27 POV T . 4.70 29.06 0.63
C28 POV T . 5.61 28.47 -0.44
C29 POV T . 5.82 26.99 -0.11
N POV U . 12.80 -8.51 18.95
P POV U . 12.71 -6.23 15.84
C1 POV U . 13.70 -4.38 14.40
C2 POV U . 14.94 -3.58 14.06
C3 POV U . 15.93 -4.48 13.32
C210 POV U . 16.47 7.68 18.35
C310 POV U . 20.63 3.93 16.04
C11 POV U . 12.52 -8.71 16.54
O11 POV U . 13.98 -5.37 15.37
C211 POV U . 16.30 8.88 19.23
C311 POV U . 20.46 5.00 17.10
C12 POV U . 12.79 -9.46 17.83
O12 POV U . 13.32 -7.54 16.50
C212 POV U . 17.56 9.13 20.03
C312 POV U . 21.79 5.42 17.70
C13 POV U . 11.80 -7.45 18.74
O13 POV U . 12.00 -5.47 16.92
C213 POV U . 17.81 10.63 20.13
C313 POV U . 21.57 6.38 18.85
C14 POV U . 12.47 -9.22 20.19
O14 POV U . 11.97 -6.62 14.60
C214 POV U . 19.01 10.96 21.00
C314 POV U . 22.87 6.98 19.34
C15 POV U . 14.13 -7.91 19.06
C215 POV U . 19.21 12.46 21.08
C315 POV U . 23.49 7.89 18.27
C216 POV U . 19.93 12.98 19.85
C316 POV U . 24.76 8.55 18.78
C217 POV U . 20.59 14.32 20.12
C218 POV U . 21.54 14.71 19.02
C21 POV U . 15.39 -1.61 15.36
O21 POV U . 15.52 -3.06 15.25
C22 POV U . 15.94 -0.89 16.54
O22 POV U . 14.83 -0.98 14.48
C23 POV U . 15.00 0.24 16.92
C24 POV U . 14.91 1.33 15.87
C25 POV U . 14.08 2.47 16.45
C26 POV U . 14.65 3.80 16.00
C27 POV U . 14.47 4.85 17.08
C28 POV U . 15.65 5.81 17.04
C29 POV U . 15.42 7.00 17.92
C31 POV U . 17.90 -3.69 12.03
O31 POV U . 16.46 -3.76 12.22
C32 POV U . 18.51 -2.66 11.12
O32 POV U . 18.62 -4.45 12.63
C33 POV U . 18.51 -1.34 11.87
C34 POV U . 18.72 -1.57 13.36
C35 POV U . 18.66 -0.27 14.14
C36 POV U . 20.05 0.07 14.63
C37 POV U . 20.01 1.39 15.38
C38 POV U . 19.31 2.44 14.54
C39 POV U . 19.30 3.73 15.32
N POV V . 4.19 -3.96 14.56
P POV V . 2.68 0.72 15.71
C1 POV V . 1.79 2.77 14.44
C2 POV V . 1.80 4.24 14.77
C3 POV V . 0.36 4.70 14.95
C11 POV V . 3.50 -1.72 15.23
O11 POV V . 2.94 2.11 14.97
C12 POV V . 4.48 -2.52 14.39
O12 POV V . 3.60 -0.33 14.93
C13 POV V . 2.76 -4.19 14.32
O13 POV V . 1.24 0.37 15.45
C14 POV V . 5.00 -4.73 13.61
O14 POV V . 3.17 0.82 17.13
C15 POV V . 4.53 -4.38 15.92
C21 POV V . 3.59 5.61 14.01
O21 POV V . 2.33 4.96 13.68
C22 POV V . 3.99 6.90 13.36
O22 POV V . 4.30 5.08 14.83
C23 POV V . 5.42 7.26 13.69
C24 POV V . 5.67 7.38 15.18
C25 POV V . 4.37 7.66 15.93
C26 POV V . 3.68 8.90 15.36
C27 POV V . 2.67 9.45 16.35
C28 POV V . 1.74 10.44 15.65
C31 POV V . -0.88 6.84 14.71
O31 POV V . 0.34 6.13 14.97
C32 POV V . -0.96 8.33 14.92
O32 POV V . -1.85 6.21 14.34
C33 POV V . -0.06 9.05 13.91
P POV W . -6.89 -0.97 3.47
C1 POV W . -8.50 1.10 3.23
C2 POV W . -8.55 2.60 3.44
C3 POV W . -10.00 3.01 3.68
C210 POV W . -6.55 12.72 0.34
O11 POV W . -7.18 0.62 3.46
C211 POV W . -6.74 13.33 -1.03
O12 POV W . -5.34 -1.05 3.87
C212 POV W . -6.95 14.83 -0.97
O13 POV W . -7.03 -1.47 2.06
C213 POV W . -8.40 15.18 -1.20
O14 POV W . -7.69 -1.57 4.59
C214 POV W . -8.60 16.69 -1.24
C215 POV W . -10.09 17.02 -1.18
C216 POV W . -10.33 18.47 -0.77
C217 POV W . -11.66 18.62 -0.06
C218 POV W . -12.03 20.07 0.11
C21 POV W . -6.59 3.55 2.41
O21 POV W . -8.01 3.25 2.29
C22 POV W . -6.01 4.80 1.82
O22 POV W . -5.87 2.76 2.99
C23 POV W . -6.29 5.99 2.74
C24 POV W . -7.47 6.79 2.24
C25 POV W . -7.16 8.27 2.22
C26 POV W . -7.99 9.05 3.20
C27 POV W . -8.30 10.41 2.60
C28 POV W . -7.02 11.05 2.07
C29 POV W . -7.23 11.64 0.71
C31 POV W . -11.04 5.24 3.86
O31 POV W . -10.30 4.27 3.09
C32 POV W . -11.56 6.51 3.24
O32 POV W . -11.23 5.01 5.03
C33 POV W . -12.00 7.44 4.36
C34 POV W . -11.62 8.88 4.06
C35 POV W . -11.70 9.72 5.33
C36 POV W . -11.44 11.19 5.02
C37 POV W . -11.02 11.93 6.29
C38 POV W . -11.20 13.43 6.13
C39 POV W . -12.66 13.81 6.32
P POV X . 6.15 -2.09 -3.86
C1 POV X . 8.40 -0.87 -3.27
C2 POV X . 8.97 0.51 -2.97
C3 POV X . 10.48 0.46 -3.17
C210 POV X . 11.14 8.53 3.34
O11 POV X . 6.99 -0.79 -3.40
C211 POV X . 11.27 10.03 3.47
O12 POV X . 4.66 -1.53 -4.02
C212 POV X . 11.86 10.33 4.84
O13 POV X . 6.16 -3.09 -2.73
C213 POV X . 12.04 11.83 5.03
O14 POV X . 6.64 -2.50 -5.23
C214 POV X . 13.23 12.13 5.92
C215 POV X . 14.54 11.88 5.19
C216 POV X . 15.61 12.89 5.61
C217 POV X . 16.74 12.97 4.58
C218 POV X . 17.76 14.01 4.98
C21 POV X . 7.51 1.77 -1.53
O21 POV X . 8.64 0.86 -1.63
C22 POV X . 7.59 2.96 -0.62
O22 POV X . 6.51 1.55 -2.17
C23 POV X . 8.44 4.04 -1.31
C24 POV X . 9.21 4.85 -0.29
C25 POV X . 9.76 6.11 -0.92
C26 POV X . 10.96 6.61 -0.13
C27 POV X . 11.11 8.11 -0.21
C28 POV X . 10.43 8.77 0.98
C29 POV X . 10.74 7.96 2.20
C31 POV X . 12.22 2.15 -2.77
O31 POV X . 11.15 1.32 -2.26
C32 POV X . 13.10 2.95 -1.84
O32 POV X . 12.39 2.21 -3.96
C33 POV X . 13.89 3.95 -2.67
C34 POV X . 14.01 5.29 -1.96
C35 POV X . 14.43 6.36 -2.95
C36 POV X . 14.64 7.70 -2.24
C37 POV X . 14.56 8.85 -3.23
C38 POV X . 15.18 10.12 -2.67
C39 POV X . 16.69 10.08 -2.80
P PO4 Y . -33.36 17.88 -7.79
O1 PO4 Y . -34.64 17.00 -7.34
O2 PO4 Y . -33.33 18.01 -9.38
O3 PO4 Y . -32.01 17.17 -7.26
O4 PO4 Y . -33.46 19.23 -7.18
P PO4 Z . -37.52 6.25 -9.94
O1 PO4 Z . -37.72 5.76 -11.45
O2 PO4 Z . -38.64 5.56 -9.00
O3 PO4 Z . -36.05 5.84 -9.42
O4 PO4 Z . -37.66 7.72 -9.87
P PO4 AA . -34.76 9.12 -16.25
O1 PO4 AA . -35.08 7.68 -16.89
O2 PO4 AA . -35.83 9.44 -15.09
O3 PO4 AA . -33.28 9.11 -15.61
O4 PO4 AA . -34.83 10.16 -17.31
P PO4 BA . -21.24 34.47 -8.93
O1 PO4 BA . -21.45 33.47 -10.18
O2 PO4 BA . -22.14 33.96 -7.69
O3 PO4 BA . -19.69 34.47 -8.49
O4 PO4 BA . -21.65 35.84 -9.32
C1 IHP CA . -7.41 -23.62 11.70
C2 IHP CA . -7.06 -24.18 13.08
C3 IHP CA . -7.52 -23.27 14.22
C4 IHP CA . -8.96 -22.84 14.01
C5 IHP CA . -8.95 -21.89 12.83
C6 IHP CA . -8.73 -22.83 11.64
O11 IHP CA . -7.48 -24.67 10.76
P1 IHP CA . -6.16 -25.16 9.90
O21 IHP CA . -5.50 -26.30 10.60
O31 IHP CA . -6.56 -25.66 8.53
O41 IHP CA . -5.21 -24.01 9.74
O12 IHP CA . -7.54 -25.47 13.26
P2 IHP CA . -6.55 -26.59 13.96
O22 IHP CA . -6.09 -26.11 15.30
O32 IHP CA . -7.27 -27.89 14.13
O42 IHP CA . -5.34 -26.80 13.10
O13 IHP CA . -7.47 -23.97 15.43
P3 IHP CA . -6.52 -23.46 16.67
O23 IHP CA . -5.16 -24.08 16.54
O33 IHP CA . -6.36 -21.97 16.63
O43 IHP CA . -7.15 -23.87 17.96
O14 IHP CA . -9.48 -22.24 15.15
P4 IHP CA . -10.91 -22.79 15.77
O24 IHP CA . -10.69 -23.64 16.98
O34 IHP CA . -11.77 -21.62 16.13
O44 IHP CA . -11.57 -23.65 14.73
O15 IHP CA . -10.21 -21.29 12.72
P5 IHP CA . -10.58 -19.68 12.69
O25 IHP CA . -9.45 -18.89 12.09
O35 IHP CA . -11.86 -19.49 11.89
O45 IHP CA . -10.83 -19.15 14.06
O16 IHP CA . -8.78 -22.12 10.45
P6 IHP CA . -9.88 -22.56 9.31
O26 IHP CA . -11.15 -21.84 9.57
O36 IHP CA . -9.38 -22.18 7.95
O46 IHP CA . -10.13 -24.04 9.38
H1 IHP CA . -6.62 -22.94 11.40
H2 IHP CA . -5.98 -24.22 13.14
H3 IHP CA . -6.89 -22.39 14.27
H4 IHP CA . -9.56 -23.71 13.75
H5 IHP CA . -8.15 -21.16 12.91
H6 IHP CA . -9.54 -23.55 11.64
C210 POV DA . 3.43 25.26 8.88
C211 POV DA . 2.84 25.61 10.24
C212 POV DA . 2.47 24.32 10.98
C213 POV DA . 2.13 23.22 9.96
C214 POV DA . 1.93 21.90 10.68
C215 POV DA . 1.98 20.76 9.68
C216 POV DA . 1.68 19.46 10.41
C21 POV DA . 3.51 35.12 6.12
O21 POV DA . 3.31 36.50 6.18
C22 POV DA . 3.28 34.25 7.34
O22 POV DA . 3.85 34.61 5.10
C23 POV DA . 3.08 32.80 6.90
C24 POV DA . 4.39 32.06 7.12
C25 POV DA . 4.23 30.60 6.67
C26 POV DA . 5.03 29.71 7.62
C27 POV DA . 4.73 28.25 7.31
C28 POV DA . 3.93 27.65 8.45
C29 POV DA . 3.19 26.42 7.93
C1 POV EA . 3.24 4.56 -13.76
C2 POV EA . 3.09 3.23 -13.04
C3 POV EA . 2.58 3.45 -11.62
C310 POV EA . 7.95 10.99 -6.41
O11 POV EA . 2.47 4.55 -14.92
C311 POV EA . 6.80 11.96 -6.66
C31 POV EA . 4.84 3.26 -11.06
O31 POV EA . 3.52 2.96 -10.72
C32 POV EA . 5.35 4.70 -10.91
O32 POV EA . 5.56 2.42 -11.48
C33 POV EA . 6.75 4.65 -10.30
C34 POV EA . 7.17 6.07 -9.92
C35 POV EA . 7.16 6.20 -8.41
C36 POV EA . 6.33 7.42 -8.02
C37 POV EA . 6.66 8.54 -9.01
C38 POV EA . 6.76 9.85 -8.24
C39 POV EA . 7.57 9.63 -6.97
C210 POV FA . 4.15 29.83 -9.25
C211 POV FA . 2.93 28.95 -9.20
C212 POV FA . 2.12 29.11 -10.49
C213 POV FA . 0.82 28.33 -10.39
C214 POV FA . 0.30 27.91 -11.76
C215 POV FA . -0.72 26.79 -11.61
C216 POV FA . -0.97 26.11 -12.94
C21 POV FA . 7.91 34.78 -2.20
O21 POV FA . 8.14 35.66 -3.33
C22 POV FA . 7.06 33.54 -2.34
O22 POV FA . 8.41 35.07 -1.13
C23 POV FA . 7.29 32.93 -3.71
C24 POV FA . 6.40 31.71 -3.93
C25 POV FA . 4.99 32.08 -4.34
C26 POV FA . 4.13 30.84 -4.51
C27 POV FA . 4.51 30.07 -5.77
C28 POV FA . 3.65 30.51 -6.95
C29 POV FA . 4.49 30.55 -8.20
C310 POV GA . -17.58 14.39 5.48
C311 POV GA . -16.81 15.67 5.14
C312 POV GA . -17.72 16.63 4.37
C313 POV GA . -17.20 18.06 4.48
C314 POV GA . -18.33 19.05 4.22
C31 POV GA . -14.99 5.32 7.10
O31 POV GA . -15.34 5.24 5.97
C32 POV GA . -15.86 6.06 8.11
O32 POV GA . -13.78 4.73 7.49
C33 POV GA . -16.58 7.20 7.39
C34 POV GA . -15.59 7.89 6.45
C35 POV GA . -15.84 9.39 6.50
C36 POV GA . -17.33 9.67 6.41
C37 POV GA . -17.56 11.16 6.65
C38 POV GA . -17.29 11.92 5.37
C39 POV GA . -16.60 13.25 5.69
C1 CLR HA . -20.08 4.63 6.57
C2 CLR HA . -19.32 3.50 5.89
C3 CLR HA . -20.30 2.49 5.30
C4 CLR HA . -21.05 3.19 4.20
C5 CLR HA . -21.72 4.40 4.78
C6 CLR HA . -23.03 4.52 4.55
C7 CLR HA . -23.88 5.64 5.08
C8 CLR HA . -23.02 6.82 5.43
C9 CLR HA . -21.84 6.38 6.29
C10 CLR HA . -20.92 5.41 5.57
C11 CLR HA . -21.07 7.59 6.78
C12 CLR HA . -21.95 8.54 7.59
C13 CLR HA . -23.10 8.99 6.71
C14 CLR HA . -23.86 7.77 6.25
C15 CLR HA . -25.10 8.31 5.61
C16 CLR HA . -25.46 9.48 6.52
C17 CLR HA . -24.22 9.77 7.36
C18 CLR HA . -22.56 9.79 5.55
C19 CLR HA . -19.96 6.18 4.70
C20 CLR HA . -23.97 11.26 7.42
C21 CLR HA . -22.85 11.59 8.37
C22 CLR HA . -25.26 11.91 7.86
C23 CLR HA . -24.99 13.06 8.81
C24 CLR HA . -26.32 13.68 9.22
C25 CLR HA . -26.12 15.02 9.92
C26 CLR HA . -27.44 15.58 10.40
C27 CLR HA . -25.13 14.85 11.07
O1 CLR HA . -19.61 1.35 4.77
C310 POV IA . -36.53 27.29 -19.53
C311 POV IA . -35.11 27.61 -20.00
C312 POV IA . -34.40 26.29 -20.30
C313 POV IA . -32.91 26.54 -20.55
C314 POV IA . -32.57 26.26 -22.01
C31 POV IA . -37.45 36.89 -18.64
O31 POV IA . -37.15 38.01 -18.89
C32 POV IA . -36.54 36.02 -17.77
O32 POV IA . -38.65 36.35 -19.14
C33 POV IA . -36.42 34.64 -18.42
C34 POV IA . -37.75 33.91 -18.28
C35 POV IA . -37.60 32.81 -17.23
C36 POV IA . -36.57 31.80 -17.70
C37 POV IA . -37.20 30.90 -18.75
C38 POV IA . -37.04 29.44 -18.34
C39 POV IA . -37.39 28.56 -19.53
C310 POV JA . -12.71 30.40 -1.99
C311 POV JA . -13.37 29.48 -0.98
C312 POV JA . -14.64 28.90 -1.55
C313 POV JA . -15.34 27.97 -0.56
C314 POV JA . -16.61 27.42 -1.19
C31 POV JA . -10.60 37.13 4.62
O31 POV JA . -9.25 37.66 4.60
C32 POV JA . -10.91 35.84 3.91
O32 POV JA . -11.47 37.74 5.22
C33 POV JA . -10.21 35.83 2.57
C34 POV JA . -10.61 34.62 1.73
C35 POV JA . -9.59 34.42 0.60
C36 POV JA . -9.90 33.17 -0.20
C37 POV JA . -10.62 33.52 -1.49
C38 POV JA . -11.04 32.26 -2.24
C39 POV JA . -11.75 31.32 -1.27
C310 POV KA . -8.93 27.85 2.40
C311 POV KA . -9.79 26.69 2.88
C312 POV KA . -9.42 25.41 2.13
C313 POV KA . -10.33 24.26 2.52
C314 POV KA . -10.28 23.98 4.01
C31 POV KA . -9.98 35.36 8.27
O31 POV KA . -10.08 36.63 8.98
C32 POV KA . -11.22 34.61 7.86
O32 POV KA . -8.87 34.93 8.01
C33 POV KA . -10.84 33.26 7.25
C34 POV KA . -9.95 33.43 6.02
C35 POV KA . -10.33 32.43 4.94
C36 POV KA . -9.12 32.08 4.07
C37 POV KA . -9.55 31.64 2.68
C38 POV KA . -8.84 30.37 2.26
C39 POV KA . -9.44 29.16 2.98
C310 POV LA . -47.71 16.13 -4.87
C311 POV LA . -48.28 17.46 -4.38
C312 POV LA . -47.75 18.62 -5.20
C313 POV LA . -48.56 18.78 -6.48
C314 POV LA . -48.06 19.94 -7.34
C31 POV LA . -46.21 6.13 -5.29
O31 POV LA . -47.66 6.12 -5.31
C32 POV LA . -45.46 7.43 -5.09
O32 POV LA . -45.61 5.09 -5.47
C33 POV LA . -46.34 8.58 -5.56
C34 POV LA . -45.64 9.92 -5.33
C35 POV LA . -46.57 11.09 -5.62
C36 POV LA . -45.76 12.38 -5.71
C37 POV LA . -46.53 13.54 -5.11
C38 POV LA . -45.62 14.76 -4.97
C39 POV LA . -46.33 15.89 -4.26
C310 POV MA . -21.53 17.96 7.68
C311 POV MA . -22.70 17.98 8.67
C312 POV MA . -24.03 18.06 7.92
C313 POV MA . -24.64 19.45 8.07
C314 POV MA . -26.16 19.33 8.15
C31 POV MA . -18.48 8.42 10.90
O31 POV MA . -17.96 8.46 9.60
C32 POV MA . -18.39 9.65 11.80
O32 POV MA . -18.97 7.42 11.30
C33 POV MA . -19.41 10.71 11.36
C34 POV MA . -18.76 11.64 10.33
C35 POV MA . -19.19 13.09 10.59
C36 POV MA . -19.76 13.70 9.30
C37 POV MA . -19.41 15.19 9.24
C38 POV MA . -20.68 16.02 9.02
C39 POV MA . -20.30 17.35 8.36
C21 POV NA . -15.37 36.65 3.96
O21 POV NA . -14.12 37.23 4.22
C22 POV NA . -15.46 35.29 3.26
O22 POV NA . -16.36 37.22 4.27
C23 POV NA . -15.95 34.24 4.24
C24 POV NA . -16.64 33.12 3.46
C25 POV NA . -15.71 31.91 3.31
C26 POV NA . -16.18 30.80 4.25
C27 POV NA . -15.79 29.43 3.67
C28 POV NA . -16.96 28.47 3.79
C29 POV NA . -16.45 27.03 3.84
C310 POV OA . -30.11 12.68 16.11
C311 POV OA . -31.55 12.92 15.67
C312 POV OA . -32.09 14.16 16.38
C313 POV OA . -31.81 15.41 15.55
C314 POV OA . -30.31 15.68 15.48
C31 POV OA . -31.88 3.41 16.75
O31 POV OA . -30.74 2.72 16.30
C32 POV OA . -31.75 4.87 17.20
O32 POV OA . -32.92 2.85 16.81
C33 POV OA . -30.96 5.65 16.16
C34 POV OA . -30.78 7.11 16.61
C35 POV OA . -32.15 7.78 16.71
C36 POV OA . -32.07 9.17 16.11
C37 POV OA . -30.98 9.20 15.04
C38 POV OA . -30.58 10.65 14.75
C39 POV OA . -29.74 11.21 15.90
C310 POV PA . -3.29 29.17 -20.68
C311 POV PA . -2.13 28.21 -20.92
C312 POV PA . -2.13 27.13 -19.82
C313 POV PA . -1.54 25.85 -20.40
C314 POV PA . -2.36 25.45 -21.62
C31 POV PA . -5.38 36.91 -23.71
O31 POV PA . -5.99 38.17 -23.77
C32 POV PA . -3.91 36.78 -23.31
O32 POV PA . -6.01 35.93 -23.96
C33 POV PA . -3.72 35.49 -22.51
C34 POV PA . -2.24 35.11 -22.54
C35 POV PA . -1.87 34.31 -21.30
C36 POV PA . -1.67 32.85 -21.70
C37 POV PA . -0.89 32.10 -20.62
C38 POV PA . -1.79 31.03 -20.00
C39 POV PA . -2.84 30.59 -21.02
N POV QA . -14.03 1.73 -19.87
P POV QA . -13.25 2.86 -16.26
C1 POV QA . -13.73 4.27 -14.20
C2 POV QA . -14.60 5.38 -13.65
C3 POV QA . -15.80 4.77 -12.95
C210 POV QA . -11.47 15.90 -14.58
C310 POV QA . -16.34 14.22 -13.52
C11 POV QA . -13.76 0.73 -17.67
O11 POV QA . -14.24 3.79 -15.43
C211 POV QA . -12.49 17.00 -14.57
C311 POV QA . -17.44 15.25 -13.48
C12 POV QA . -14.25 0.51 -19.09
O12 POV QA . -14.21 2.00 -17.21
C212 POV QA . -11.76 18.30 -14.31
C312 POV QA . -17.20 16.30 -14.56
C13 POV QA . -12.79 2.39 -19.47
O13 POV QA . -12.42 3.72 -17.16
C213 POV QA . -11.70 19.14 -15.57
C313 POV QA . -17.97 17.58 -14.26
C14 POV QA . -13.94 1.38 -21.30
O14 POV QA . -12.59 1.92 -15.30
C214 POV QA . -13.10 19.48 -16.06
C314 POV QA . -17.72 18.62 -15.34
C15 POV QA . -15.16 2.63 -19.66
C215 POV QA . -13.16 20.91 -16.57
C315 POV QA . -17.98 20.03 -14.82
C216 POV QA . -12.85 21.88 -15.44
C316 POV QA . -19.42 20.21 -14.41
C217 POV QA . -13.14 23.32 -15.86
C218 POV QA . -13.42 24.18 -14.65
C21 POV QA . -14.52 7.57 -14.62
O21 POV QA . -15.02 6.20 -14.72
C22 POV QA . -14.75 8.52 -15.75
O22 POV QA . -13.95 7.94 -13.62
C23 POV QA . -13.51 9.40 -15.90
C24 POV QA . -13.54 10.58 -14.96
C25 POV QA . -12.68 10.32 -13.73
C26 POV QA . -12.03 11.63 -13.36
C27 POV QA . -11.42 12.22 -14.61
C28 POV QA . -10.79 13.58 -14.35
C29 POV QA . -11.85 14.64 -14.33
C31 POV QA . -17.68 5.93 -11.81
O31 POV QA . -16.26 5.68 -11.97
C32 POV QA . -18.16 7.09 -11.02
O32 POV QA . -18.47 5.18 -12.34
C33 POV QA . -18.11 8.33 -11.91
C34 POV QA . -16.71 8.92 -11.95
C35 POV QA . -16.78 10.35 -12.43
C36 POV QA . -17.92 10.48 -13.43
C37 POV QA . -18.21 11.94 -13.68
C38 POV QA . -17.94 12.72 -12.42
C39 POV QA . -16.50 13.19 -12.41
N POV RA . -4.58 1.88 -14.82
P POV RA . -1.55 5.91 -14.74
C1 POV RA . 0.02 7.05 -13.08
C2 POV RA . 0.52 8.48 -12.94
C3 POV RA . 2.04 8.48 -12.99
C11 POV RA . -3.16 3.85 -14.91
O11 POV RA . -1.29 7.00 -13.62
C12 POV RA . -4.37 3.22 -14.25
O12 POV RA . -2.79 5.04 -14.21
C13 POV RA . -3.33 1.12 -14.74
O13 POV RA . -0.34 5.03 -14.77
C14 POV RA . -5.64 1.16 -14.09
O14 POV RA . -1.99 6.59 -16.02
C15 POV RA . -4.97 1.99 -16.24
C21 POV RA . -0.98 9.90 -11.72
O21 POV RA . 0.13 8.97 -11.67
C22 POV RA . -1.45 10.58 -10.46
O22 POV RA . -1.53 10.13 -12.77
C23 POV RA . -1.15 12.06 -10.57
C24 POV RA . -1.90 12.67 -11.75
C25 POV RA . -0.98 12.78 -12.96
C26 POV RA . 0.22 13.67 -12.66
C27 POV RA . 0.70 14.34 -13.93
C28 POV RA . 1.90 15.24 -13.66
C31 POV RA . 3.77 10.07 -12.15
O31 POV RA . 2.48 9.81 -12.78
C32 POV RA . 4.28 11.48 -12.01
O32 POV RA . 4.41 9.12 -11.75
C33 POV RA . 3.38 12.29 -11.08
#